data_1SI8
#
_entry.id   1SI8
#
_cell.length_a   236.86
_cell.length_b   236.86
_cell.length_c   198.07
_cell.angle_alpha   90.00
_cell.angle_beta   90.00
_cell.angle_gamma   120.00
#
_symmetry.space_group_name_H-M   'H 3'
#
loop_
_entity.id
_entity.type
_entity.pdbx_description
1 polymer Catalase
2 non-polymer 'SULFATE ION'
3 non-polymer 'CHLORIDE ION'
4 non-polymer 'PROTOPORPHYRIN IX CONTAINING FE'
5 water water
#
_entity_poly.entity_id   1
_entity_poly.type   'polypeptide(L)'
_entity_poly.pdbx_seq_one_letter_code
;MKNQHLTTSQGSPVGDNQNSLTAGEFGPVLIQDVHLLEKLAHFNRERVPERVVHAKGAGAHGIFKVSQSMAQYTKADFLS
EVGKETPLFARFSTVAGELGSSDTLRDPRGFALKFYTDEGNYDLVGNNTPIFFIRDAIKFPDFIHSQKRNPRTHLKSPEA
VWDFWSHSPESLHQVTILMSDRGIPLSFRHMHGFGSHTFKWVNAAGEVFFVKYHFKTNQGIKNLESQLAEEIAGKNPDFH
IEDLHNAIENQEFPSWTLSVQIIPYADALTMKETLFDVTKTVSQKEYPLIEVGTMTLNRNPENYFAEVEQVTFSPGNFVP
GIEASPDKLLQGRLFAYGDAHRHRVGANSHQLPINQAKAPVNNYQKDGNMRFNNGNSEINYEPNSYTETPKEDPTAKISS
FEVEGNVGNYSYNQDHFTQANALYNLLPSEEKENLINNIAASLGQVKNQEIIARQIDLFTRVNPEYGARVAQAIKQQAHH
HHHH
;
_entity_poly.pdbx_strand_id   A,B,C,D
#
# COMPACT_ATOMS: atom_id res chain seq x y z
N GLN A 4 18.00 27.70 -1.25
CA GLN A 4 18.01 28.54 -0.01
C GLN A 4 16.62 29.02 0.37
N HIS A 5 15.69 28.98 -0.57
CA HIS A 5 14.31 29.35 -0.28
C HIS A 5 13.52 28.06 -0.02
N LEU A 6 12.77 28.03 1.06
CA LEU A 6 11.95 26.86 1.40
C LEU A 6 10.79 26.75 0.40
N THR A 7 10.56 25.57 -0.13
CA THR A 7 9.49 25.38 -1.12
C THR A 7 8.57 24.21 -0.78
N THR A 8 7.49 24.08 -1.52
CA THR A 8 6.58 22.96 -1.35
C THR A 8 7.19 21.85 -2.22
N SER A 9 6.52 20.71 -2.29
CA SER A 9 7.03 19.59 -3.09
C SER A 9 6.93 19.89 -4.59
N GLN A 10 6.23 20.96 -4.95
CA GLN A 10 6.10 21.32 -6.36
C GLN A 10 6.96 22.55 -6.69
N GLY A 11 7.85 22.91 -5.77
CA GLY A 11 8.75 24.02 -5.99
C GLY A 11 8.24 25.43 -5.75
N SER A 12 7.05 25.55 -5.18
CA SER A 12 6.50 26.87 -4.91
C SER A 12 7.05 27.32 -3.56
N PRO A 13 7.48 28.58 -3.45
CA PRO A 13 8.02 29.07 -2.18
C PRO A 13 7.04 29.12 -1.00
N VAL A 14 7.59 28.86 0.19
CA VAL A 14 6.80 28.89 1.42
C VAL A 14 7.00 30.24 2.10
N GLY A 15 5.89 30.94 2.34
CA GLY A 15 5.96 32.26 2.95
C GLY A 15 6.16 32.27 4.45
N ASP A 16 5.49 31.37 5.15
CA ASP A 16 5.61 31.29 6.61
C ASP A 16 5.65 29.83 7.03
N ASN A 17 6.76 29.43 7.62
CA ASN A 17 6.96 28.06 8.07
C ASN A 17 6.88 27.96 9.59
N GLN A 18 6.38 29.01 10.22
CA GLN A 18 6.26 29.04 11.68
C GLN A 18 4.82 29.16 12.10
N ASN A 19 4.00 29.84 11.30
CA ASN A 19 2.60 30.05 11.63
C ASN A 19 1.61 29.55 10.58
N SER A 20 0.56 28.86 11.04
CA SER A 20 -0.50 28.35 10.17
C SER A 20 -1.42 29.49 9.76
N LEU A 21 -2.07 29.36 8.61
CA LEU A 21 -3.02 30.37 8.16
C LEU A 21 -4.22 30.29 9.08
N THR A 22 -4.64 31.43 9.59
CA THR A 22 -5.72 31.46 10.55
C THR A 22 -6.73 32.58 10.24
N ALA A 23 -8.00 32.35 10.57
CA ALA A 23 -9.03 33.37 10.32
C ALA A 23 -9.03 34.35 11.49
N GLY A 24 -8.09 35.29 11.47
CA GLY A 24 -7.98 36.26 12.54
C GLY A 24 -6.98 35.72 13.54
N GLU A 25 -6.31 36.61 14.28
CA GLU A 25 -5.30 36.22 15.25
C GLU A 25 -5.63 35.00 16.10
N PHE A 26 -6.82 34.96 16.67
CA PHE A 26 -7.22 33.84 17.51
C PHE A 26 -8.31 33.00 16.84
N GLY A 27 -8.39 33.06 15.52
CA GLY A 27 -9.39 32.31 14.81
C GLY A 27 -8.92 30.91 14.43
N PRO A 28 -9.82 30.08 13.89
CA PRO A 28 -9.51 28.71 13.47
C PRO A 28 -8.55 28.62 12.28
N VAL A 29 -7.86 27.49 12.18
CA VAL A 29 -6.91 27.25 11.10
C VAL A 29 -7.68 26.95 9.81
N LEU A 30 -7.16 27.48 8.70
CA LEU A 30 -7.81 27.33 7.40
C LEU A 30 -7.34 26.15 6.57
N ILE A 31 -8.29 25.51 5.90
CA ILE A 31 -7.97 24.37 5.06
C ILE A 31 -7.13 24.80 3.85
N GLN A 32 -7.22 26.08 3.47
CA GLN A 32 -6.45 26.54 2.32
C GLN A 32 -4.95 26.68 2.57
N ASP A 33 -4.49 26.35 3.77
CA ASP A 33 -3.06 26.41 4.03
C ASP A 33 -2.56 25.08 3.46
N VAL A 34 -2.45 25.03 2.14
CA VAL A 34 -2.02 23.79 1.48
C VAL A 34 -0.65 23.28 1.89
N HIS A 35 0.26 24.18 2.23
CA HIS A 35 1.58 23.72 2.65
C HIS A 35 1.52 23.04 4.03
N LEU A 36 0.70 23.56 4.93
CA LEU A 36 0.56 22.96 6.25
C LEU A 36 0.10 21.52 6.02
N LEU A 37 -0.94 21.38 5.21
CA LEU A 37 -1.49 20.06 4.89
C LEU A 37 -0.42 19.15 4.30
N GLU A 38 0.27 19.64 3.27
CA GLU A 38 1.30 18.83 2.62
C GLU A 38 2.41 18.41 3.55
N LYS A 39 2.93 19.36 4.32
CA LYS A 39 4.03 19.08 5.24
C LYS A 39 3.64 18.03 6.26
N LEU A 40 2.45 18.15 6.81
CA LEU A 40 1.95 17.21 7.80
C LEU A 40 1.68 15.85 7.17
N ALA A 41 1.10 15.85 5.98
CA ALA A 41 0.75 14.61 5.29
C ALA A 41 1.98 13.81 4.87
N HIS A 42 3.04 14.49 4.42
CA HIS A 42 4.23 13.76 4.01
C HIS A 42 4.92 13.23 5.26
N PHE A 43 4.90 14.02 6.33
CA PHE A 43 5.48 13.61 7.59
C PHE A 43 4.75 12.34 8.05
N ASN A 44 3.43 12.33 7.90
CA ASN A 44 2.61 11.18 8.29
C ASN A 44 2.94 9.90 7.52
N ARG A 45 3.59 10.03 6.38
CA ARG A 45 3.90 8.87 5.56
C ARG A 45 5.37 8.48 5.50
N GLU A 46 6.15 9.04 6.41
CA GLU A 46 7.58 8.76 6.47
C GLU A 46 7.95 7.31 6.81
N ARG A 47 7.12 6.65 7.63
CA ARG A 47 7.43 5.28 8.03
C ARG A 47 6.98 4.24 7.01
N VAL A 48 7.84 3.24 6.80
CA VAL A 48 7.55 2.15 5.89
C VAL A 48 7.70 0.88 6.75
N PRO A 49 7.17 -0.26 6.28
CA PRO A 49 7.35 -1.42 7.16
C PRO A 49 8.81 -1.83 7.27
N GLU A 50 9.23 -2.20 8.48
CA GLU A 50 10.61 -2.62 8.72
C GLU A 50 10.77 -4.04 8.18
N ARG A 51 12.01 -4.47 7.98
CA ARG A 51 12.27 -5.82 7.48
C ARG A 51 11.68 -6.80 8.49
N VAL A 52 11.05 -7.86 8.01
CA VAL A 52 10.44 -8.84 8.90
C VAL A 52 11.48 -9.41 9.88
N VAL A 53 12.74 -9.46 9.44
CA VAL A 53 13.86 -9.89 10.28
C VAL A 53 15.04 -9.00 9.88
N HIS A 54 16.04 -8.87 10.74
CA HIS A 54 17.20 -8.03 10.44
C HIS A 54 16.81 -6.56 10.24
N ALA A 55 15.83 -6.11 11.01
CA ALA A 55 15.35 -4.73 10.91
C ALA A 55 16.40 -3.67 11.33
N LYS A 56 17.16 -3.96 12.39
CA LYS A 56 18.17 -3.04 12.92
C LYS A 56 19.53 -3.24 12.24
N GLY A 57 19.91 -2.30 11.38
CA GLY A 57 21.19 -2.44 10.70
C GLY A 57 21.98 -1.18 10.39
N ALA A 58 23.16 -1.38 9.81
CA ALA A 58 24.05 -0.30 9.42
C ALA A 58 24.62 -0.68 8.07
N GLY A 59 24.96 0.31 7.25
CA GLY A 59 25.50 0.01 5.94
C GLY A 59 26.70 0.86 5.56
N ALA A 60 27.39 0.46 4.50
CA ALA A 60 28.55 1.19 4.03
C ALA A 60 28.91 0.74 2.63
N HIS A 61 29.47 1.67 1.86
CA HIS A 61 29.90 1.37 0.50
C HIS A 61 31.33 0.88 0.55
N GLY A 62 31.72 0.10 -0.46
CA GLY A 62 33.08 -0.40 -0.48
C GLY A 62 33.47 -0.98 -1.82
N ILE A 63 34.46 -1.85 -1.81
CA ILE A 63 34.94 -2.48 -3.03
C ILE A 63 35.44 -3.87 -2.74
N PHE A 64 35.47 -4.70 -3.77
CA PHE A 64 36.01 -6.03 -3.64
C PHE A 64 37.13 -6.09 -4.69
N LYS A 65 38.29 -6.59 -4.28
CA LYS A 65 39.42 -6.70 -5.20
C LYS A 65 39.89 -8.15 -5.24
N VAL A 66 39.93 -8.71 -6.44
CA VAL A 66 40.37 -10.08 -6.63
C VAL A 66 41.87 -10.22 -6.41
N SER A 67 42.27 -11.20 -5.60
CA SER A 67 43.69 -11.43 -5.35
C SER A 67 44.11 -12.68 -6.12
N GLN A 68 43.15 -13.59 -6.33
CA GLN A 68 43.39 -14.81 -7.09
C GLN A 68 42.20 -15.06 -8.00
N SER A 69 42.45 -15.15 -9.30
CA SER A 69 41.40 -15.40 -10.28
C SER A 69 40.75 -16.75 -10.00
N MET A 70 39.45 -16.83 -10.19
CA MET A 70 38.72 -18.08 -9.94
C MET A 70 38.16 -18.63 -11.23
N ALA A 71 38.66 -18.14 -12.35
CA ALA A 71 38.20 -18.56 -13.67
C ALA A 71 38.19 -20.08 -13.89
N GLN A 72 39.05 -20.81 -13.20
CA GLN A 72 39.08 -22.26 -13.38
C GLN A 72 37.88 -22.93 -12.72
N TYR A 73 37.21 -22.21 -11.83
CA TYR A 73 36.07 -22.75 -11.11
C TYR A 73 34.73 -22.11 -11.43
N THR A 74 34.74 -20.84 -11.83
CA THR A 74 33.51 -20.13 -12.16
C THR A 74 33.74 -19.08 -13.21
N LYS A 75 32.76 -18.90 -14.10
CA LYS A 75 32.87 -17.90 -15.14
C LYS A 75 32.35 -16.56 -14.62
N ALA A 76 32.12 -16.47 -13.32
CA ALA A 76 31.64 -15.23 -12.71
C ALA A 76 32.57 -14.08 -13.14
N ASP A 77 32.02 -13.11 -13.85
CA ASP A 77 32.82 -12.01 -14.35
C ASP A 77 33.60 -11.20 -13.30
N PHE A 78 32.99 -10.88 -12.17
CA PHE A 78 33.69 -10.08 -11.17
C PHE A 78 34.86 -10.79 -10.51
N LEU A 79 35.01 -12.09 -10.77
CA LEU A 79 36.12 -12.85 -10.18
C LEU A 79 37.05 -13.41 -11.27
N SER A 80 36.98 -12.85 -12.47
CA SER A 80 37.76 -13.35 -13.59
C SER A 80 39.26 -13.03 -13.63
N GLU A 81 39.64 -11.83 -13.21
CA GLU A 81 41.06 -11.43 -13.24
C GLU A 81 41.63 -10.97 -11.90
N VAL A 82 42.93 -11.15 -11.75
CA VAL A 82 43.62 -10.72 -10.54
C VAL A 82 43.59 -9.19 -10.55
N GLY A 83 43.29 -8.61 -9.39
CA GLY A 83 43.23 -7.16 -9.30
C GLY A 83 41.91 -6.55 -9.72
N LYS A 84 41.00 -7.37 -10.27
CA LYS A 84 39.72 -6.83 -10.71
C LYS A 84 38.93 -6.26 -9.54
N GLU A 85 38.47 -5.01 -9.71
CA GLU A 85 37.72 -4.33 -8.68
C GLU A 85 36.23 -4.23 -9.00
N THR A 86 35.41 -4.43 -7.98
CA THR A 86 33.97 -4.37 -8.12
C THR A 86 33.37 -3.57 -6.97
N PRO A 87 32.54 -2.57 -7.31
CA PRO A 87 31.89 -1.74 -6.28
C PRO A 87 30.92 -2.60 -5.49
N LEU A 88 30.74 -2.32 -4.22
CA LEU A 88 29.79 -3.10 -3.44
C LEU A 88 29.17 -2.29 -2.32
N PHE A 89 28.06 -2.82 -1.79
CA PHE A 89 27.39 -2.17 -0.68
C PHE A 89 27.09 -3.26 0.34
N ALA A 90 27.33 -2.96 1.61
CA ALA A 90 27.08 -3.95 2.66
C ALA A 90 26.13 -3.43 3.73
N ARG A 91 25.38 -4.36 4.33
CA ARG A 91 24.48 -4.02 5.42
C ARG A 91 24.64 -5.10 6.50
N PHE A 92 24.94 -4.65 7.71
CA PHE A 92 25.13 -5.55 8.85
C PHE A 92 23.91 -5.35 9.75
N SER A 93 23.53 -6.38 10.49
CA SER A 93 22.36 -6.25 11.33
C SER A 93 22.24 -7.39 12.31
N THR A 94 21.26 -7.27 13.21
CA THR A 94 20.95 -8.30 14.18
C THR A 94 19.80 -9.05 13.53
N VAL A 95 19.12 -9.94 14.25
CA VAL A 95 18.02 -10.69 13.64
C VAL A 95 16.62 -10.38 14.19
N ALA A 96 16.44 -10.57 15.49
CA ALA A 96 15.15 -10.39 16.14
C ALA A 96 14.68 -8.96 16.45
N GLY A 97 15.61 -8.11 16.87
CA GLY A 97 15.26 -6.74 17.23
C GLY A 97 14.58 -5.89 16.16
N GLU A 98 13.68 -5.02 16.61
CA GLU A 98 12.95 -4.09 15.75
C GLU A 98 13.80 -2.85 15.51
N LEU A 99 13.27 -1.91 14.73
CA LEU A 99 13.98 -0.67 14.42
C LEU A 99 14.64 0.04 15.60
N GLY A 100 14.00 0.07 16.76
CA GLY A 100 14.61 0.78 17.86
C GLY A 100 15.43 -0.02 18.86
N SER A 101 15.60 -1.31 18.61
CA SER A 101 16.35 -2.19 19.51
C SER A 101 17.84 -1.86 19.58
N SER A 102 18.50 -2.30 20.64
CA SER A 102 19.93 -2.06 20.84
C SER A 102 20.78 -2.99 19.98
N ASP A 103 21.98 -2.53 19.64
CA ASP A 103 22.88 -3.33 18.82
C ASP A 103 23.53 -4.48 19.58
N THR A 104 23.99 -4.21 20.80
CA THR A 104 24.69 -5.21 21.59
C THR A 104 23.89 -6.31 22.28
N LEU A 105 23.04 -6.98 21.51
CA LEU A 105 22.24 -8.09 22.04
C LEU A 105 22.80 -9.40 21.49
N ARG A 106 22.49 -10.51 22.16
CA ARG A 106 22.95 -11.82 21.72
C ARG A 106 22.05 -12.21 20.54
N ASP A 107 22.66 -12.47 19.39
CA ASP A 107 21.87 -12.78 18.21
C ASP A 107 22.86 -12.99 17.07
N PRO A 108 22.44 -13.69 16.01
CA PRO A 108 23.37 -13.89 14.89
C PRO A 108 23.43 -12.50 14.24
N ARG A 109 24.46 -12.23 13.45
CA ARG A 109 24.55 -10.93 12.78
C ARG A 109 24.45 -11.13 11.27
N GLY A 110 23.66 -10.27 10.62
CA GLY A 110 23.51 -10.35 9.18
C GLY A 110 24.75 -9.77 8.52
N PHE A 111 25.13 -10.34 7.38
CA PHE A 111 26.33 -9.93 6.64
C PHE A 111 25.92 -9.91 5.17
N ALA A 112 25.13 -8.91 4.80
CA ALA A 112 24.62 -8.80 3.43
C ALA A 112 25.50 -7.96 2.52
N LEU A 113 25.81 -8.52 1.36
CA LEU A 113 26.67 -7.88 0.37
C LEU A 113 26.05 -7.82 -1.02
N LYS A 114 26.13 -6.66 -1.65
CA LYS A 114 25.61 -6.50 -3.00
C LYS A 114 26.77 -6.04 -3.91
N PHE A 115 27.17 -6.91 -4.83
CA PHE A 115 28.26 -6.61 -5.76
C PHE A 115 27.69 -6.08 -7.07
N TYR A 116 28.03 -4.87 -7.44
CA TYR A 116 27.54 -4.30 -8.70
C TYR A 116 28.50 -4.75 -9.81
N THR A 117 28.33 -5.98 -10.30
CA THR A 117 29.20 -6.51 -11.34
C THR A 117 28.75 -6.14 -12.74
N ASP A 118 29.61 -6.40 -13.73
CA ASP A 118 29.28 -6.07 -15.12
C ASP A 118 28.25 -7.01 -15.74
N GLU A 119 27.89 -8.06 -15.01
CA GLU A 119 26.88 -8.98 -15.51
C GLU A 119 25.70 -9.08 -14.54
N GLY A 120 25.46 -7.99 -13.80
CA GLY A 120 24.36 -7.95 -12.86
C GLY A 120 24.76 -7.79 -11.41
N ASN A 121 23.82 -7.40 -10.57
CA ASN A 121 24.10 -7.25 -9.14
C ASN A 121 24.07 -8.64 -8.54
N TYR A 122 25.17 -9.02 -7.91
CA TYR A 122 25.27 -10.33 -7.27
C TYR A 122 25.15 -10.09 -5.77
N ASP A 123 24.20 -10.76 -5.12
CA ASP A 123 24.05 -10.58 -3.68
C ASP A 123 24.51 -11.81 -2.93
N LEU A 124 25.31 -11.59 -1.90
CA LEU A 124 25.78 -12.67 -1.04
C LEU A 124 25.16 -12.25 0.29
N VAL A 125 24.05 -12.89 0.63
CA VAL A 125 23.33 -12.57 1.86
C VAL A 125 23.69 -13.58 2.93
N GLY A 126 24.77 -13.31 3.66
CA GLY A 126 25.19 -14.25 4.69
C GLY A 126 25.02 -13.79 6.12
N ASN A 127 25.59 -14.57 7.03
CA ASN A 127 25.55 -14.27 8.46
C ASN A 127 26.97 -14.36 9.00
N ASN A 128 27.14 -13.99 10.27
CA ASN A 128 28.46 -14.04 10.90
C ASN A 128 28.69 -15.45 11.46
N THR A 129 27.91 -16.40 10.95
CA THR A 129 28.01 -17.80 11.35
C THR A 129 27.92 -18.65 10.08
N PRO A 130 28.68 -19.76 10.03
CA PRO A 130 28.66 -20.64 8.84
C PRO A 130 27.43 -21.53 8.75
N ILE A 131 26.65 -21.58 9.82
CA ILE A 131 25.46 -22.43 9.84
C ILE A 131 24.21 -21.68 10.29
N PHE A 132 23.10 -22.41 10.42
CA PHE A 132 21.85 -21.81 10.84
C PHE A 132 21.12 -22.75 11.80
N PHE A 133 20.03 -22.27 12.39
CA PHE A 133 19.25 -23.05 13.35
C PHE A 133 18.35 -24.12 12.75
N ILE A 134 17.89 -23.91 11.52
CA ILE A 134 16.99 -24.84 10.86
C ILE A 134 17.51 -25.19 9.48
N ARG A 135 16.95 -26.22 8.86
CA ARG A 135 17.40 -26.67 7.54
C ARG A 135 16.31 -26.63 6.48
N ASP A 136 15.08 -26.31 6.86
CA ASP A 136 14.01 -26.24 5.88
C ASP A 136 13.27 -24.91 6.00
N ALA A 137 13.17 -24.20 4.89
CA ALA A 137 12.51 -22.90 4.88
C ALA A 137 11.09 -22.90 5.44
N ILE A 138 10.39 -24.02 5.34
CA ILE A 138 9.02 -24.07 5.83
C ILE A 138 8.94 -23.80 7.34
N LYS A 139 10.07 -23.90 8.02
CA LYS A 139 10.11 -23.67 9.48
C LYS A 139 10.55 -22.27 9.88
N PHE A 140 10.93 -21.44 8.91
CA PHE A 140 11.40 -20.09 9.25
C PHE A 140 10.38 -19.28 10.04
N PRO A 141 9.14 -19.17 9.55
CA PRO A 141 8.16 -18.37 10.32
C PRO A 141 7.98 -18.86 11.75
N ASP A 142 8.08 -20.18 11.94
CA ASP A 142 7.94 -20.77 13.27
C ASP A 142 9.14 -20.37 14.13
N PHE A 143 10.34 -20.50 13.57
CA PHE A 143 11.56 -20.15 14.31
C PHE A 143 11.51 -18.67 14.70
N ILE A 144 11.28 -17.80 13.71
CA ILE A 144 11.23 -16.37 13.97
C ILE A 144 10.14 -15.98 14.96
N HIS A 145 8.97 -16.60 14.85
CA HIS A 145 7.89 -16.29 15.79
C HIS A 145 8.32 -16.61 17.22
N SER A 146 8.99 -17.75 17.41
CA SER A 146 9.43 -18.15 18.75
C SER A 146 10.50 -17.20 19.27
N GLN A 147 11.28 -16.64 18.35
CA GLN A 147 12.36 -15.72 18.68
C GLN A 147 11.86 -14.30 18.97
N LYS A 148 10.67 -13.95 18.49
CA LYS A 148 10.18 -12.60 18.70
C LYS A 148 9.23 -12.45 19.89
N ARG A 149 8.32 -11.48 19.83
CA ARG A 149 7.43 -11.23 20.96
C ARG A 149 6.19 -12.10 21.14
N ASN A 150 5.81 -12.26 22.39
CA ASN A 150 4.63 -13.03 22.76
C ASN A 150 3.46 -12.29 22.09
N PRO A 151 2.66 -12.99 21.28
CA PRO A 151 1.54 -12.34 20.60
C PRO A 151 0.50 -11.72 21.54
N ARG A 152 0.48 -12.17 22.77
CA ARG A 152 -0.48 -11.65 23.73
C ARG A 152 0.05 -10.49 24.59
N THR A 153 1.24 -10.67 25.14
CA THR A 153 1.84 -9.67 26.04
C THR A 153 2.84 -8.73 25.38
N HIS A 154 3.36 -9.14 24.24
CA HIS A 154 4.34 -8.34 23.51
C HIS A 154 5.72 -8.37 24.18
N LEU A 155 5.89 -9.29 25.13
CA LEU A 155 7.16 -9.44 25.84
C LEU A 155 7.93 -10.59 25.19
N LYS A 156 9.25 -10.58 25.32
CA LYS A 156 10.02 -11.66 24.74
C LYS A 156 9.69 -12.92 25.54
N SER A 157 9.77 -14.07 24.91
CA SER A 157 9.44 -15.32 25.59
C SER A 157 10.50 -16.40 25.53
N PRO A 158 11.32 -16.53 26.58
CA PRO A 158 12.33 -17.60 26.52
C PRO A 158 11.62 -18.95 26.46
N GLU A 159 10.42 -19.03 27.03
CA GLU A 159 9.65 -20.27 26.99
C GLU A 159 9.47 -20.71 25.54
N ALA A 160 9.07 -19.75 24.69
CA ALA A 160 8.86 -20.04 23.28
C ALA A 160 10.18 -20.34 22.57
N VAL A 161 11.21 -19.58 22.88
CA VAL A 161 12.52 -19.78 22.27
C VAL A 161 12.99 -21.22 22.49
N TRP A 162 12.97 -21.66 23.73
CA TRP A 162 13.43 -23.00 24.06
C TRP A 162 12.43 -24.11 23.75
N ASP A 163 11.14 -23.80 23.79
CA ASP A 163 10.18 -24.83 23.47
C ASP A 163 10.48 -25.24 22.04
N PHE A 164 10.64 -24.25 21.16
CA PHE A 164 10.93 -24.52 19.76
C PHE A 164 12.25 -25.23 19.54
N TRP A 165 13.31 -24.79 20.22
CA TRP A 165 14.61 -25.44 20.05
C TRP A 165 14.63 -26.85 20.63
N SER A 166 13.91 -27.06 21.73
CA SER A 166 13.87 -28.38 22.36
C SER A 166 13.20 -29.41 21.45
N HIS A 167 12.41 -28.94 20.49
CA HIS A 167 11.73 -29.83 19.55
C HIS A 167 12.43 -29.80 18.20
N SER A 168 13.53 -29.07 18.12
CA SER A 168 14.28 -28.94 16.88
C SER A 168 15.76 -29.16 17.16
N PRO A 169 16.16 -30.41 17.47
CA PRO A 169 17.56 -30.75 17.76
C PRO A 169 18.58 -30.32 16.70
N GLU A 170 18.13 -30.08 15.48
CA GLU A 170 19.08 -29.66 14.44
C GLU A 170 19.65 -28.28 14.74
N SER A 171 19.06 -27.59 15.70
CA SER A 171 19.51 -26.25 16.06
C SER A 171 20.68 -26.23 17.05
N LEU A 172 20.98 -27.38 17.65
CA LEU A 172 22.05 -27.47 18.65
C LEU A 172 23.38 -26.86 18.24
N HIS A 173 23.82 -27.15 17.02
CA HIS A 173 25.09 -26.61 16.55
C HIS A 173 25.10 -25.08 16.57
N GLN A 174 24.10 -24.46 15.97
CA GLN A 174 24.04 -23.00 15.93
C GLN A 174 23.73 -22.40 17.30
N VAL A 175 22.95 -23.10 18.11
CA VAL A 175 22.67 -22.59 19.45
C VAL A 175 23.98 -22.48 20.21
N THR A 176 24.87 -23.46 20.00
CA THR A 176 26.16 -23.46 20.68
C THR A 176 26.98 -22.27 20.23
N ILE A 177 26.90 -21.94 18.94
CA ILE A 177 27.64 -20.80 18.42
C ILE A 177 27.03 -19.49 18.97
N LEU A 178 25.70 -19.45 19.00
CA LEU A 178 24.97 -18.28 19.48
C LEU A 178 25.33 -17.97 20.93
N MET A 179 25.43 -19.01 21.74
CA MET A 179 25.73 -18.87 23.16
C MET A 179 27.21 -18.73 23.50
N SER A 180 28.09 -18.89 22.51
CA SER A 180 29.52 -18.75 22.75
C SER A 180 29.81 -17.24 22.82
N ASP A 181 31.08 -16.87 22.95
CA ASP A 181 31.41 -15.45 23.02
C ASP A 181 31.04 -14.71 21.74
N ARG A 182 31.19 -15.37 20.61
CA ARG A 182 30.88 -14.76 19.33
C ARG A 182 29.41 -14.37 19.16
N GLY A 183 28.59 -14.72 20.14
CA GLY A 183 27.17 -14.38 20.08
C GLY A 183 26.94 -12.88 20.14
N ILE A 184 27.94 -12.15 20.63
CA ILE A 184 27.87 -10.69 20.72
C ILE A 184 29.22 -10.10 20.32
N PRO A 185 29.37 -9.70 19.05
CA PRO A 185 30.61 -9.13 18.54
C PRO A 185 30.91 -7.76 19.18
N LEU A 186 32.18 -7.37 19.18
CA LEU A 186 32.57 -6.08 19.71
C LEU A 186 32.03 -5.02 18.75
N SER A 187 32.07 -5.36 17.46
CA SER A 187 31.59 -4.47 16.43
C SER A 187 31.46 -5.28 15.14
N PHE A 188 30.80 -4.71 14.13
CA PHE A 188 30.61 -5.39 12.86
C PHE A 188 31.95 -5.66 12.19
N ARG A 189 32.94 -4.84 12.56
CA ARG A 189 34.28 -4.97 11.99
C ARG A 189 35.05 -6.13 12.61
N HIS A 190 34.55 -6.66 13.72
CA HIS A 190 35.23 -7.75 14.42
C HIS A 190 34.51 -9.09 14.40
N MET A 191 33.86 -9.41 13.28
CA MET A 191 33.15 -10.67 13.13
C MET A 191 33.41 -11.18 11.72
N HIS A 192 33.19 -12.47 11.50
CA HIS A 192 33.38 -13.02 10.17
C HIS A 192 32.07 -12.97 9.41
N GLY A 193 32.14 -13.33 8.13
CA GLY A 193 30.96 -13.38 7.29
C GLY A 193 31.00 -14.72 6.57
N PHE A 194 29.85 -15.34 6.37
CA PHE A 194 29.80 -16.62 5.68
C PHE A 194 28.58 -16.66 4.77
N GLY A 195 28.64 -17.47 3.72
CA GLY A 195 27.50 -17.60 2.83
C GLY A 195 26.61 -18.64 3.50
N SER A 196 27.20 -19.41 4.42
CA SER A 196 26.53 -20.48 5.15
C SER A 196 26.16 -21.65 4.24
N HIS A 197 25.29 -21.41 3.26
CA HIS A 197 24.87 -22.45 2.32
C HIS A 197 25.99 -22.83 1.38
N THR A 198 25.86 -24.02 0.82
CA THR A 198 26.81 -24.48 -0.18
C THR A 198 26.22 -23.90 -1.46
N PHE A 199 27.02 -23.22 -2.25
CA PHE A 199 26.51 -22.69 -3.51
C PHE A 199 27.20 -23.42 -4.64
N LYS A 200 26.82 -23.10 -5.87
CA LYS A 200 27.38 -23.75 -7.04
C LYS A 200 28.17 -22.81 -7.92
N TRP A 201 29.32 -23.28 -8.37
CA TRP A 201 30.15 -22.52 -9.28
C TRP A 201 30.27 -23.36 -10.56
N VAL A 202 30.20 -22.70 -11.70
CA VAL A 202 30.29 -23.37 -12.99
C VAL A 202 31.24 -22.56 -13.86
N ASN A 203 32.25 -23.20 -14.43
CA ASN A 203 33.20 -22.47 -15.28
C ASN A 203 32.73 -22.46 -16.73
N ALA A 204 33.53 -21.83 -17.59
CA ALA A 204 33.19 -21.72 -19.00
C ALA A 204 33.04 -23.05 -19.72
N ALA A 205 33.73 -24.07 -19.24
CA ALA A 205 33.66 -25.39 -19.86
C ALA A 205 32.44 -26.18 -19.36
N GLY A 206 31.75 -25.61 -18.38
CA GLY A 206 30.57 -26.28 -17.85
C GLY A 206 30.88 -27.19 -16.69
N GLU A 207 32.11 -27.12 -16.19
CA GLU A 207 32.49 -27.94 -15.05
C GLU A 207 31.86 -27.36 -13.79
N VAL A 208 31.37 -28.24 -12.93
CA VAL A 208 30.68 -27.82 -11.72
C VAL A 208 31.43 -28.03 -10.41
N PHE A 209 31.31 -27.05 -9.51
CA PHE A 209 31.94 -27.12 -8.21
C PHE A 209 31.00 -26.60 -7.13
N PHE A 210 30.98 -27.24 -5.97
CA PHE A 210 30.15 -26.79 -4.88
C PHE A 210 31.08 -26.00 -3.95
N VAL A 211 30.67 -24.79 -3.59
CA VAL A 211 31.53 -23.95 -2.77
C VAL A 211 30.91 -23.37 -1.50
N LYS A 212 31.78 -22.94 -0.59
CA LYS A 212 31.37 -22.31 0.66
C LYS A 212 32.16 -21.03 0.78
N TYR A 213 31.46 -19.92 1.03
CA TYR A 213 32.12 -18.62 1.16
C TYR A 213 32.53 -18.32 2.60
N HIS A 214 33.73 -17.78 2.78
CA HIS A 214 34.25 -17.42 4.08
C HIS A 214 34.87 -16.03 4.04
N PHE A 215 34.25 -15.07 4.73
CA PHE A 215 34.80 -13.71 4.79
C PHE A 215 35.43 -13.56 6.16
N LYS A 216 36.76 -13.60 6.20
CA LYS A 216 37.47 -13.49 7.46
C LYS A 216 37.91 -12.06 7.76
N THR A 217 37.45 -11.56 8.90
CA THR A 217 37.78 -10.19 9.31
C THR A 217 39.27 -9.94 9.48
N ASN A 218 39.77 -8.91 8.80
CA ASN A 218 41.17 -8.55 8.89
C ASN A 218 41.44 -7.74 10.17
N GLN A 219 40.38 -7.44 10.93
CA GLN A 219 40.53 -6.69 12.17
C GLN A 219 40.60 -7.67 13.33
N GLY A 220 40.28 -8.93 13.06
CA GLY A 220 40.30 -9.93 14.11
C GLY A 220 38.98 -10.09 14.85
N ILE A 221 38.77 -11.27 15.41
CA ILE A 221 37.54 -11.55 16.16
C ILE A 221 37.61 -10.97 17.56
N LYS A 222 36.62 -10.18 17.94
CA LYS A 222 36.57 -9.60 19.28
C LYS A 222 35.11 -9.60 19.71
N ASN A 223 34.85 -9.93 20.97
CA ASN A 223 33.48 -10.00 21.46
C ASN A 223 33.27 -9.20 22.74
N LEU A 224 32.01 -9.12 23.14
CA LEU A 224 31.63 -8.40 24.35
C LEU A 224 31.15 -9.40 25.39
N GLU A 225 31.62 -9.28 26.63
CA GLU A 225 31.15 -10.20 27.66
C GLU A 225 29.67 -9.86 27.85
N SER A 226 28.86 -10.83 28.22
CA SER A 226 27.43 -10.61 28.38
C SER A 226 27.06 -9.40 29.24
N GLN A 227 27.71 -9.26 30.39
CA GLN A 227 27.41 -8.15 31.29
C GLN A 227 27.61 -6.79 30.64
N LEU A 228 28.78 -6.60 30.04
CA LEU A 228 29.10 -5.33 29.38
C LEU A 228 28.10 -5.03 28.27
N ALA A 229 27.77 -6.06 27.48
CA ALA A 229 26.83 -5.91 26.36
C ALA A 229 25.50 -5.37 26.84
N GLU A 230 25.02 -5.87 27.97
CA GLU A 230 23.76 -5.42 28.54
C GLU A 230 23.89 -3.97 28.96
N GLU A 231 25.04 -3.63 29.54
CA GLU A 231 25.31 -2.26 29.99
C GLU A 231 25.29 -1.32 28.78
N ILE A 232 25.98 -1.71 27.72
CA ILE A 232 26.03 -0.89 26.52
C ILE A 232 24.65 -0.79 25.85
N ALA A 233 23.84 -1.84 25.99
CA ALA A 233 22.50 -1.83 25.41
C ALA A 233 21.68 -0.67 25.99
N GLY A 234 22.02 -0.26 27.20
CA GLY A 234 21.33 0.84 27.83
C GLY A 234 22.07 2.15 27.59
N LYS A 235 23.38 2.16 27.80
CA LYS A 235 24.15 3.40 27.61
C LYS A 235 24.21 3.85 26.16
N ASN A 236 24.25 2.91 25.22
CA ASN A 236 24.32 3.28 23.81
C ASN A 236 23.73 2.22 22.88
N PRO A 237 22.42 2.29 22.62
CA PRO A 237 21.77 1.31 21.77
C PRO A 237 22.23 1.26 20.31
N ASP A 238 22.99 2.25 19.86
CA ASP A 238 23.47 2.27 18.48
C ASP A 238 24.99 2.09 18.44
N PHE A 239 25.52 1.42 19.46
CA PHE A 239 26.95 1.17 19.60
C PHE A 239 27.64 0.64 18.33
N HIS A 240 27.05 -0.38 17.70
CA HIS A 240 27.65 -0.95 16.50
C HIS A 240 27.53 -0.07 15.27
N ILE A 241 26.40 0.62 15.15
CA ILE A 241 26.19 1.50 14.01
C ILE A 241 27.18 2.65 14.09
N GLU A 242 27.29 3.23 15.28
CA GLU A 242 28.21 4.34 15.50
C GLU A 242 29.65 3.92 15.21
N ASP A 243 30.03 2.75 15.71
CA ASP A 243 31.38 2.24 15.51
C ASP A 243 31.76 2.14 14.03
N LEU A 244 30.88 1.57 13.22
CA LEU A 244 31.16 1.40 11.80
C LEU A 244 31.31 2.76 11.13
N HIS A 245 30.42 3.69 11.48
CA HIS A 245 30.48 5.01 10.90
C HIS A 245 31.75 5.77 11.30
N ASN A 246 32.09 5.78 12.59
CA ASN A 246 33.27 6.47 13.05
C ASN A 246 34.55 5.90 12.42
N ALA A 247 34.61 4.57 12.35
CA ALA A 247 35.79 3.92 11.77
C ALA A 247 36.05 4.39 10.35
N ILE A 248 34.99 4.41 9.54
CA ILE A 248 35.12 4.85 8.16
C ILE A 248 35.40 6.34 8.03
N GLU A 249 34.81 7.14 8.92
CA GLU A 249 35.04 8.58 8.87
C GLU A 249 36.50 8.87 9.28
N ASN A 250 37.04 8.02 10.16
CA ASN A 250 38.43 8.16 10.61
C ASN A 250 39.41 7.48 9.67
N GLN A 251 38.90 6.98 8.56
CA GLN A 251 39.71 6.29 7.57
C GLN A 251 40.35 5.00 8.02
N GLU A 252 39.71 4.33 8.97
CA GLU A 252 40.16 3.04 9.47
C GLU A 252 39.25 2.02 8.78
N PHE A 253 39.34 1.98 7.45
CA PHE A 253 38.54 1.10 6.62
C PHE A 253 38.61 -0.37 6.99
N PRO A 254 37.50 -0.96 7.44
CA PRO A 254 37.53 -2.38 7.80
C PRO A 254 37.56 -3.23 6.54
N SER A 255 38.23 -4.38 6.61
CA SER A 255 38.31 -5.25 5.44
C SER A 255 38.17 -6.71 5.83
N TRP A 256 37.83 -7.53 4.85
CA TRP A 256 37.65 -8.96 5.06
C TRP A 256 38.33 -9.67 3.91
N THR A 257 38.97 -10.80 4.22
CA THR A 257 39.62 -11.59 3.20
C THR A 257 38.66 -12.72 2.85
N LEU A 258 38.25 -12.78 1.59
CA LEU A 258 37.33 -13.83 1.17
C LEU A 258 38.09 -15.01 0.59
N SER A 259 37.77 -16.19 1.09
CA SER A 259 38.35 -17.41 0.55
C SER A 259 37.22 -18.43 0.51
N VAL A 260 37.33 -19.40 -0.39
CA VAL A 260 36.29 -20.39 -0.53
C VAL A 260 36.80 -21.81 -0.35
N GLN A 261 35.85 -22.70 -0.06
CA GLN A 261 36.13 -24.12 0.05
C GLN A 261 35.55 -24.60 -1.27
N ILE A 262 36.35 -25.36 -2.03
CA ILE A 262 35.89 -25.84 -3.33
C ILE A 262 35.78 -27.36 -3.38
N ILE A 263 34.56 -27.84 -3.63
CA ILE A 263 34.30 -29.27 -3.72
C ILE A 263 33.80 -29.64 -5.12
N PRO A 264 34.61 -30.39 -5.88
CA PRO A 264 34.23 -30.82 -7.23
C PRO A 264 32.96 -31.67 -7.22
N TYR A 265 32.14 -31.54 -8.26
CA TYR A 265 30.88 -32.29 -8.39
C TYR A 265 31.07 -33.75 -7.97
N ALA A 266 32.01 -34.42 -8.63
CA ALA A 266 32.30 -35.82 -8.35
C ALA A 266 32.42 -36.10 -6.85
N ASP A 267 33.14 -35.23 -6.14
CA ASP A 267 33.33 -35.37 -4.70
C ASP A 267 31.99 -35.22 -4.00
N ALA A 268 31.25 -34.18 -4.37
CA ALA A 268 29.95 -33.87 -3.77
C ALA A 268 28.97 -35.05 -3.78
N LEU A 269 29.01 -35.85 -4.83
CA LEU A 269 28.11 -36.99 -4.95
C LEU A 269 28.11 -37.92 -3.74
N THR A 270 29.18 -37.86 -2.95
CA THR A 270 29.29 -38.72 -1.78
C THR A 270 28.86 -38.03 -0.47
N MET A 271 28.82 -36.70 -0.46
CA MET A 271 28.47 -35.94 0.74
C MET A 271 27.21 -35.07 0.62
N LYS A 272 26.17 -35.57 -0.03
CA LYS A 272 24.95 -34.78 -0.18
C LYS A 272 24.30 -34.43 1.16
N GLU A 273 24.24 -35.40 2.06
CA GLU A 273 23.63 -35.21 3.36
C GLU A 273 24.33 -34.19 4.25
N THR A 274 25.54 -33.80 3.87
CA THR A 274 26.30 -32.84 4.65
C THR A 274 26.34 -31.52 3.89
N LEU A 275 26.72 -31.62 2.63
CA LEU A 275 26.83 -30.46 1.76
C LEU A 275 25.58 -29.60 1.66
N PHE A 276 24.41 -30.24 1.67
CA PHE A 276 23.15 -29.51 1.55
C PHE A 276 22.40 -29.30 2.86
N ASP A 277 23.06 -29.57 3.98
CA ASP A 277 22.46 -29.38 5.30
C ASP A 277 23.16 -28.17 5.90
N VAL A 278 22.44 -27.05 5.98
CA VAL A 278 23.04 -25.82 6.49
C VAL A 278 23.34 -25.83 8.00
N THR A 279 23.06 -26.95 8.68
CA THR A 279 23.37 -27.04 10.10
C THR A 279 24.70 -27.75 10.26
N LYS A 280 25.44 -27.87 9.16
CA LYS A 280 26.73 -28.53 9.20
C LYS A 280 27.81 -27.82 8.40
N THR A 281 29.04 -28.00 8.82
CA THR A 281 30.19 -27.40 8.16
C THR A 281 30.97 -28.47 7.41
N VAL A 282 31.76 -28.04 6.43
CA VAL A 282 32.59 -28.94 5.64
C VAL A 282 34.02 -28.82 6.15
N SER A 283 34.57 -29.94 6.65
CA SER A 283 35.92 -29.95 7.20
C SER A 283 36.92 -29.16 6.36
N GLN A 284 37.64 -28.25 7.02
CA GLN A 284 38.62 -27.42 6.34
C GLN A 284 39.93 -28.17 6.12
N LYS A 285 40.08 -29.31 6.77
CA LYS A 285 41.27 -30.13 6.57
C LYS A 285 41.08 -30.84 5.23
N GLU A 286 39.88 -31.37 5.02
CA GLU A 286 39.57 -32.05 3.77
C GLU A 286 39.53 -31.05 2.63
N TYR A 287 38.91 -29.90 2.88
CA TYR A 287 38.78 -28.86 1.87
C TYR A 287 39.20 -27.51 2.48
N PRO A 288 40.50 -27.19 2.39
CA PRO A 288 41.05 -25.94 2.93
C PRO A 288 40.58 -24.68 2.20
N LEU A 289 40.70 -23.55 2.89
CA LEU A 289 40.29 -22.28 2.31
C LEU A 289 41.23 -21.88 1.20
N ILE A 290 40.64 -21.34 0.14
CA ILE A 290 41.39 -20.86 -1.02
C ILE A 290 41.04 -19.39 -1.14
N GLU A 291 42.04 -18.54 -1.01
CA GLU A 291 41.82 -17.10 -1.07
C GLU A 291 41.31 -16.61 -2.42
N VAL A 292 40.34 -15.70 -2.38
CA VAL A 292 39.76 -15.15 -3.59
C VAL A 292 40.10 -13.67 -3.72
N GLY A 293 39.86 -12.92 -2.65
CA GLY A 293 40.13 -11.49 -2.70
C GLY A 293 39.83 -10.77 -1.42
N THR A 294 39.78 -9.45 -1.48
CA THR A 294 39.54 -8.65 -0.30
C THR A 294 38.38 -7.67 -0.44
N MET A 295 37.57 -7.61 0.61
CA MET A 295 36.43 -6.71 0.65
C MET A 295 36.81 -5.56 1.60
N THR A 296 36.61 -4.32 1.15
CA THR A 296 36.93 -3.17 1.97
C THR A 296 35.78 -2.18 1.98
N LEU A 297 35.40 -1.74 3.18
CA LEU A 297 34.33 -0.76 3.33
C LEU A 297 35.02 0.59 3.54
N ASN A 298 34.82 1.52 2.63
CA ASN A 298 35.50 2.81 2.71
C ASN A 298 34.65 4.05 2.54
N ARG A 299 33.32 3.93 2.60
CA ARG A 299 32.49 5.11 2.43
C ARG A 299 31.13 4.96 3.11
N ASN A 300 30.81 5.92 3.96
CA ASN A 300 29.53 5.93 4.66
C ASN A 300 28.42 6.38 3.73
N PRO A 301 27.16 6.02 4.04
CA PRO A 301 25.99 6.39 3.24
C PRO A 301 25.79 7.89 3.19
N GLU A 302 25.14 8.37 2.13
CA GLU A 302 24.82 9.78 1.98
C GLU A 302 23.60 10.06 2.86
N ASN A 303 22.66 9.11 2.85
CA ASN A 303 21.44 9.19 3.63
C ASN A 303 21.06 7.77 4.05
N TYR A 304 20.91 7.56 5.36
CA TYR A 304 20.59 6.23 5.87
C TYR A 304 19.30 5.61 5.32
N PHE A 305 18.21 6.35 5.34
CA PHE A 305 16.93 5.82 4.85
C PHE A 305 16.99 5.41 3.38
N ALA A 306 17.47 6.31 2.54
CA ALA A 306 17.55 6.07 1.10
C ALA A 306 18.44 4.90 0.72
N GLU A 307 19.51 4.69 1.46
CA GLU A 307 20.45 3.62 1.14
C GLU A 307 20.37 2.37 2.01
N VAL A 308 20.52 2.55 3.32
CA VAL A 308 20.51 1.41 4.23
C VAL A 308 19.13 0.78 4.45
N GLU A 309 18.12 1.62 4.61
CA GLU A 309 16.77 1.11 4.85
C GLU A 309 16.12 0.54 3.59
N GLN A 310 16.32 1.21 2.45
CA GLN A 310 15.72 0.79 1.20
C GLN A 310 16.46 -0.23 0.35
N VAL A 311 17.70 -0.56 0.71
CA VAL A 311 18.45 -1.54 -0.09
C VAL A 311 17.75 -2.90 -0.02
N THR A 312 17.77 -3.63 -1.14
CA THR A 312 17.14 -4.95 -1.23
C THR A 312 18.14 -6.04 -1.67
N PHE A 313 18.35 -7.02 -0.80
CA PHE A 313 19.26 -8.13 -1.09
C PHE A 313 18.46 -9.42 -1.30
N SER A 314 19.01 -10.32 -2.10
CA SER A 314 18.38 -11.62 -2.34
C SER A 314 19.40 -12.67 -2.74
N PRO A 315 19.40 -13.80 -2.04
CA PRO A 315 20.34 -14.89 -2.34
C PRO A 315 20.08 -15.38 -3.77
N GLY A 316 18.90 -15.06 -4.29
CA GLY A 316 18.53 -15.47 -5.63
C GLY A 316 19.04 -14.53 -6.70
N ASN A 317 19.75 -13.48 -6.28
CA ASN A 317 20.31 -12.54 -7.24
C ASN A 317 21.68 -13.06 -7.67
N PHE A 318 21.65 -14.06 -8.55
CA PHE A 318 22.88 -14.67 -9.06
C PHE A 318 23.38 -13.97 -10.31
N VAL A 319 24.60 -14.30 -10.70
CA VAL A 319 25.20 -13.78 -11.91
C VAL A 319 25.75 -15.02 -12.60
N PRO A 320 25.93 -14.97 -13.92
CA PRO A 320 26.45 -16.16 -14.62
C PRO A 320 27.69 -16.73 -13.95
N GLY A 321 27.68 -18.04 -13.69
CA GLY A 321 28.81 -18.68 -13.06
C GLY A 321 28.55 -19.12 -11.63
N ILE A 322 27.54 -18.51 -11.00
CA ILE A 322 27.18 -18.83 -9.63
C ILE A 322 25.72 -19.25 -9.61
N GLU A 323 25.43 -20.41 -9.03
CA GLU A 323 24.07 -20.92 -9.03
C GLU A 323 23.67 -21.53 -7.69
N ALA A 324 22.40 -21.88 -7.55
CA ALA A 324 21.88 -22.46 -6.32
C ALA A 324 22.17 -23.95 -6.18
N SER A 325 22.19 -24.42 -4.94
CA SER A 325 22.40 -25.82 -4.64
C SER A 325 21.07 -26.31 -4.11
N PRO A 326 20.90 -27.63 -3.95
CA PRO A 326 19.65 -28.20 -3.43
C PRO A 326 19.39 -28.01 -1.94
N ASP A 327 20.17 -27.15 -1.28
CA ASP A 327 19.98 -26.87 0.15
C ASP A 327 18.54 -26.38 0.30
N LYS A 328 17.73 -27.12 1.06
CA LYS A 328 16.32 -26.75 1.22
C LYS A 328 16.06 -25.38 1.82
N LEU A 329 16.90 -24.96 2.76
CA LEU A 329 16.70 -23.65 3.37
C LEU A 329 16.97 -22.57 2.32
N LEU A 330 18.05 -22.74 1.57
CA LEU A 330 18.43 -21.80 0.52
C LEU A 330 17.28 -21.73 -0.50
N GLN A 331 16.80 -22.90 -0.91
CA GLN A 331 15.71 -22.98 -1.89
C GLN A 331 14.53 -22.09 -1.52
N GLY A 332 14.11 -22.14 -0.26
CA GLY A 332 13.02 -21.31 0.19
C GLY A 332 13.37 -19.83 0.10
N ARG A 333 14.62 -19.50 0.47
CA ARG A 333 15.05 -18.11 0.43
C ARG A 333 15.00 -17.54 -0.99
N LEU A 334 15.18 -18.39 -1.99
CA LEU A 334 15.15 -17.94 -3.38
C LEU A 334 13.81 -17.26 -3.71
N PHE A 335 12.76 -17.68 -3.02
CA PHE A 335 11.45 -17.09 -3.23
C PHE A 335 11.23 -15.91 -2.27
N ALA A 336 11.43 -16.19 -0.99
CA ALA A 336 11.21 -15.24 0.11
C ALA A 336 11.68 -13.79 -0.03
N TYR A 337 12.93 -13.58 -0.44
CA TYR A 337 13.46 -12.22 -0.52
C TYR A 337 12.81 -11.34 -1.57
N GLY A 338 12.74 -11.81 -2.80
CA GLY A 338 12.12 -11.01 -3.85
C GLY A 338 10.70 -10.66 -3.42
N ASP A 339 10.03 -11.62 -2.78
CA ASP A 339 8.67 -11.41 -2.34
C ASP A 339 8.62 -10.36 -1.24
N ALA A 340 9.55 -10.44 -0.30
CA ALA A 340 9.61 -9.49 0.80
C ALA A 340 9.85 -8.07 0.28
N HIS A 341 10.72 -7.93 -0.71
CA HIS A 341 11.04 -6.64 -1.30
C HIS A 341 9.81 -5.95 -1.87
N ARG A 342 8.99 -6.72 -2.58
CA ARG A 342 7.81 -6.17 -3.22
C ARG A 342 6.79 -5.62 -2.23
N HIS A 343 6.75 -6.20 -1.04
CA HIS A 343 5.86 -5.72 -0.01
C HIS A 343 6.46 -4.55 0.77
N ARG A 344 7.70 -4.71 1.18
CA ARG A 344 8.40 -3.71 1.98
C ARG A 344 8.78 -2.42 1.25
N VAL A 345 9.24 -2.55 0.01
CA VAL A 345 9.66 -1.37 -0.76
C VAL A 345 8.71 -1.13 -1.92
N GLY A 346 8.48 -2.16 -2.73
CA GLY A 346 7.58 -1.99 -3.86
C GLY A 346 8.01 -2.79 -5.07
N ALA A 347 7.10 -2.92 -6.03
CA ALA A 347 7.38 -3.64 -7.25
C ALA A 347 8.58 -3.06 -7.99
N ASN A 348 8.79 -1.75 -7.86
CA ASN A 348 9.89 -1.10 -8.56
C ASN A 348 11.08 -0.69 -7.72
N SER A 349 11.32 -1.44 -6.64
CA SER A 349 12.44 -1.15 -5.75
C SER A 349 13.80 -1.18 -6.46
N HIS A 350 13.89 -1.96 -7.54
CA HIS A 350 15.13 -2.07 -8.30
C HIS A 350 15.50 -0.76 -8.97
N GLN A 351 14.56 0.17 -9.03
CA GLN A 351 14.84 1.45 -9.66
C GLN A 351 15.42 2.49 -8.71
N LEU A 352 15.42 2.19 -7.42
CA LEU A 352 16.00 3.10 -6.44
C LEU A 352 17.51 3.05 -6.61
N PRO A 353 18.19 4.19 -6.53
CA PRO A 353 19.65 4.27 -6.69
C PRO A 353 20.45 3.15 -6.04
N ILE A 354 20.24 2.91 -4.74
CA ILE A 354 20.99 1.88 -4.06
C ILE A 354 20.78 0.48 -4.64
N ASN A 355 19.64 0.26 -5.28
CA ASN A 355 19.35 -1.06 -5.85
C ASN A 355 19.58 -1.19 -7.35
N GLN A 356 19.87 -0.08 -8.02
CA GLN A 356 20.09 -0.11 -9.46
C GLN A 356 21.30 -0.96 -9.82
N ALA A 357 21.20 -1.62 -10.96
CA ALA A 357 22.30 -2.46 -11.42
C ALA A 357 23.30 -1.58 -12.16
N LYS A 358 24.57 -1.95 -12.10
CA LYS A 358 25.60 -1.21 -12.83
C LYS A 358 25.41 -1.65 -14.28
N ALA A 359 25.23 -2.95 -14.45
CA ALA A 359 25.02 -3.53 -15.76
C ALA A 359 23.66 -3.09 -16.31
N PRO A 360 23.55 -2.97 -17.64
CA PRO A 360 22.28 -2.55 -18.24
C PRO A 360 21.10 -3.50 -17.92
N VAL A 361 19.93 -2.90 -17.73
CA VAL A 361 18.71 -3.66 -17.44
C VAL A 361 17.78 -3.54 -18.65
N ASN A 362 17.54 -4.66 -19.31
CA ASN A 362 16.67 -4.67 -20.50
C ASN A 362 15.60 -5.75 -20.34
N ASN A 363 14.38 -5.28 -20.11
CA ASN A 363 13.20 -6.11 -19.84
C ASN A 363 11.98 -5.76 -20.63
N TYR A 364 10.93 -6.52 -20.33
CA TYR A 364 9.61 -6.33 -20.91
C TYR A 364 8.71 -6.08 -19.70
N GLN A 365 9.33 -5.98 -18.52
CA GLN A 365 8.61 -5.70 -17.29
C GLN A 365 8.18 -4.24 -17.38
N LYS A 366 6.94 -3.94 -16.98
CA LYS A 366 6.42 -2.59 -17.08
C LYS A 366 5.54 -2.13 -15.95
N ASP A 367 5.37 -0.81 -15.87
CA ASP A 367 4.51 -0.16 -14.89
C ASP A 367 4.74 -0.48 -13.43
N GLY A 368 3.65 -0.53 -12.67
CA GLY A 368 3.75 -0.79 -11.25
C GLY A 368 3.83 0.54 -10.52
N ASN A 369 3.64 0.51 -9.20
CA ASN A 369 3.66 1.73 -8.42
C ASN A 369 4.98 2.49 -8.45
N MET A 370 4.89 3.81 -8.52
CA MET A 370 6.08 4.67 -8.53
C MET A 370 7.14 4.23 -9.54
N ARG A 371 6.71 4.01 -10.77
CA ARG A 371 7.60 3.59 -11.84
C ARG A 371 8.35 4.83 -12.34
N PHE A 372 9.63 4.90 -12.01
CA PHE A 372 10.45 6.04 -12.39
C PHE A 372 10.87 6.03 -13.86
N ASN A 373 10.95 4.84 -14.45
CA ASN A 373 11.36 4.73 -15.84
C ASN A 373 10.71 3.55 -16.54
N ASN A 374 9.90 3.85 -17.55
CA ASN A 374 9.21 2.82 -18.32
C ASN A 374 9.82 2.70 -19.72
N GLY A 375 10.68 3.64 -20.06
CA GLY A 375 11.33 3.58 -21.36
C GLY A 375 10.64 4.26 -22.53
N ASN A 376 11.10 3.92 -23.73
CA ASN A 376 10.64 4.45 -25.02
C ASN A 376 9.80 3.50 -25.85
N SER A 377 10.24 2.24 -25.86
CA SER A 377 9.65 1.19 -26.65
C SER A 377 8.14 0.97 -26.64
N GLU A 378 7.60 0.62 -27.80
CA GLU A 378 6.19 0.31 -27.96
C GLU A 378 6.09 -1.20 -27.80
N ILE A 379 7.25 -1.87 -27.81
CA ILE A 379 7.29 -3.32 -27.73
C ILE A 379 7.59 -3.86 -26.35
N ASN A 380 6.55 -4.35 -25.68
CA ASN A 380 6.67 -4.88 -24.33
C ASN A 380 6.34 -6.37 -24.23
N TYR A 381 6.54 -7.11 -25.33
CA TYR A 381 6.28 -8.55 -25.33
C TYR A 381 7.37 -9.26 -26.13
N GLU A 382 7.61 -10.53 -25.81
CA GLU A 382 8.63 -11.33 -26.48
C GLU A 382 8.07 -12.76 -26.50
N PRO A 383 8.20 -13.48 -27.63
CA PRO A 383 8.86 -13.14 -28.89
C PRO A 383 8.17 -12.04 -29.67
N ASN A 384 8.95 -11.34 -30.47
CA ASN A 384 8.44 -10.24 -31.30
C ASN A 384 9.29 -10.21 -32.57
N SER A 385 8.88 -9.41 -33.55
CA SER A 385 9.60 -9.34 -34.82
C SER A 385 10.58 -8.17 -34.91
N TYR A 386 11.05 -7.70 -33.76
CA TYR A 386 11.97 -6.59 -33.74
C TYR A 386 13.32 -7.01 -33.18
N THR A 387 14.23 -7.31 -34.10
CA THR A 387 15.60 -7.75 -33.82
C THR A 387 16.33 -6.95 -32.74
N GLU A 388 16.05 -5.66 -32.71
CA GLU A 388 16.65 -4.72 -31.77
C GLU A 388 16.31 -4.94 -30.30
N THR A 389 15.12 -5.48 -30.01
CA THR A 389 14.69 -5.71 -28.63
C THR A 389 15.43 -6.83 -27.90
N PRO A 390 15.50 -6.75 -26.55
CA PRO A 390 16.17 -7.75 -25.72
C PRO A 390 15.75 -9.19 -25.96
N LYS A 391 16.73 -10.07 -26.07
CA LYS A 391 16.49 -11.49 -26.33
C LYS A 391 17.25 -12.34 -25.32
N GLU A 392 16.76 -13.54 -25.07
CA GLU A 392 17.41 -14.46 -24.13
C GLU A 392 18.83 -14.77 -24.59
N ASP A 393 19.68 -15.13 -23.62
CA ASP A 393 21.07 -15.48 -23.87
C ASP A 393 21.24 -16.93 -23.39
N PRO A 394 21.04 -17.90 -24.30
CA PRO A 394 21.15 -19.35 -24.02
C PRO A 394 22.40 -19.69 -23.24
N THR A 395 23.42 -18.88 -23.44
CA THR A 395 24.71 -19.02 -22.77
C THR A 395 24.58 -18.96 -21.26
N ALA A 396 23.57 -18.23 -20.78
CA ALA A 396 23.36 -18.07 -19.35
C ALA A 396 22.52 -19.15 -18.67
N LYS A 397 22.05 -20.14 -19.43
CA LYS A 397 21.24 -21.21 -18.81
C LYS A 397 22.05 -21.84 -17.66
N ILE A 398 21.38 -22.25 -16.59
CA ILE A 398 22.10 -22.86 -15.49
C ILE A 398 22.54 -24.26 -15.88
N SER A 399 23.50 -24.82 -15.15
CA SER A 399 23.98 -26.15 -15.46
C SER A 399 22.92 -27.16 -15.03
N SER A 400 22.63 -28.11 -15.90
CA SER A 400 21.63 -29.12 -15.58
C SER A 400 22.22 -30.17 -14.66
N PHE A 401 21.40 -30.70 -13.77
CA PHE A 401 21.85 -31.74 -12.86
C PHE A 401 20.75 -32.78 -12.76
N GLU A 402 21.11 -34.00 -12.40
CA GLU A 402 20.15 -35.08 -12.33
C GLU A 402 19.21 -35.08 -11.14
N VAL A 403 17.97 -35.47 -11.40
CA VAL A 403 16.96 -35.55 -10.36
C VAL A 403 16.58 -37.04 -10.24
N GLU A 404 16.33 -37.50 -9.02
CA GLU A 404 16.03 -38.91 -8.78
C GLU A 404 14.89 -39.15 -7.80
N GLY A 405 14.32 -40.36 -7.88
CA GLY A 405 13.25 -40.75 -6.97
C GLY A 405 11.87 -40.14 -7.18
N ASN A 406 11.14 -39.96 -6.07
CA ASN A 406 9.79 -39.41 -6.12
C ASN A 406 9.65 -38.00 -5.57
N VAL A 407 8.64 -37.30 -6.07
CA VAL A 407 8.31 -35.99 -5.58
C VAL A 407 7.71 -36.32 -4.21
N GLY A 408 8.12 -35.60 -3.18
CA GLY A 408 7.58 -35.87 -1.86
C GLY A 408 8.14 -35.01 -0.75
N ASN A 409 7.72 -35.31 0.47
CA ASN A 409 8.17 -34.58 1.66
C ASN A 409 9.22 -35.42 2.38
N TYR A 410 10.49 -35.16 2.08
CA TYR A 410 11.58 -35.90 2.69
C TYR A 410 12.20 -35.23 3.90
N SER A 411 12.61 -36.05 4.87
CA SER A 411 13.24 -35.54 6.08
C SER A 411 14.74 -35.64 5.94
N TYR A 412 15.45 -34.90 6.79
CA TYR A 412 16.90 -34.92 6.76
C TYR A 412 17.50 -35.86 7.78
N ASN A 413 18.83 -35.85 7.74
CA ASN A 413 19.75 -36.58 8.60
C ASN A 413 19.37 -36.34 10.09
N GLN A 414 19.88 -37.15 11.00
CA GLN A 414 19.59 -36.97 12.43
C GLN A 414 20.87 -36.76 13.23
N ASP A 415 21.97 -36.55 12.50
CA ASP A 415 23.27 -36.31 13.09
C ASP A 415 23.31 -34.86 13.58
N HIS A 416 22.53 -34.58 14.62
CA HIS A 416 22.43 -33.25 15.19
C HIS A 416 23.47 -32.96 16.26
N PHE A 417 24.24 -33.97 16.65
CA PHE A 417 25.17 -33.79 17.77
C PHE A 417 26.68 -33.74 17.54
N THR A 418 27.16 -34.51 16.56
CA THR A 418 28.59 -34.57 16.30
C THR A 418 29.31 -33.24 16.14
N GLN A 419 28.89 -32.40 15.21
CA GLN A 419 29.58 -31.13 14.99
C GLN A 419 29.47 -30.17 16.17
N ALA A 420 28.35 -30.21 16.89
CA ALA A 420 28.18 -29.34 18.04
C ALA A 420 29.17 -29.77 19.11
N ASN A 421 29.37 -31.08 19.24
CA ASN A 421 30.31 -31.62 20.21
C ASN A 421 31.75 -31.22 19.85
N ALA A 422 32.07 -31.30 18.57
CA ALA A 422 33.41 -30.92 18.11
C ALA A 422 33.70 -29.49 18.53
N LEU A 423 32.72 -28.60 18.32
CA LEU A 423 32.86 -27.20 18.67
C LEU A 423 33.00 -27.05 20.19
N TYR A 424 32.14 -27.74 20.92
CA TYR A 424 32.17 -27.68 22.37
C TYR A 424 33.55 -28.10 22.90
N ASN A 425 34.18 -29.08 22.24
CA ASN A 425 35.50 -29.54 22.69
C ASN A 425 36.62 -28.56 22.34
N LEU A 426 36.39 -27.72 21.33
CA LEU A 426 37.41 -26.76 20.90
C LEU A 426 37.43 -25.46 21.71
N LEU A 427 36.35 -25.19 22.44
CA LEU A 427 36.26 -23.97 23.22
C LEU A 427 37.15 -23.97 24.46
N PRO A 428 37.94 -22.90 24.65
CA PRO A 428 38.82 -22.82 25.82
C PRO A 428 37.97 -22.75 27.08
N SER A 429 38.50 -23.27 28.19
CA SER A 429 37.79 -23.31 29.45
C SER A 429 36.97 -22.06 29.81
N GLU A 430 37.58 -20.89 29.65
CA GLU A 430 36.91 -19.63 29.99
C GLU A 430 35.70 -19.37 29.11
N GLU A 431 35.78 -19.73 27.82
CA GLU A 431 34.64 -19.52 26.95
C GLU A 431 33.55 -20.55 27.22
N LYS A 432 33.94 -21.74 27.67
CA LYS A 432 32.96 -22.78 27.99
C LYS A 432 32.10 -22.36 29.16
N GLU A 433 32.73 -21.74 30.16
CA GLU A 433 31.97 -21.30 31.33
C GLU A 433 30.96 -20.25 30.86
N ASN A 434 31.37 -19.38 29.93
CA ASN A 434 30.46 -18.35 29.40
C ASN A 434 29.32 -19.00 28.62
N LEU A 435 29.66 -20.00 27.82
CA LEU A 435 28.69 -20.74 27.02
C LEU A 435 27.61 -21.29 27.95
N ILE A 436 28.04 -21.97 29.01
CA ILE A 436 27.12 -22.54 29.99
C ILE A 436 26.28 -21.48 30.69
N ASN A 437 26.94 -20.42 31.16
CA ASN A 437 26.22 -19.37 31.86
C ASN A 437 25.24 -18.65 30.95
N ASN A 438 25.60 -18.47 29.69
CA ASN A 438 24.70 -17.81 28.75
C ASN A 438 23.45 -18.67 28.58
N ILE A 439 23.65 -19.98 28.43
CA ILE A 439 22.51 -20.88 28.26
C ILE A 439 21.67 -20.91 29.54
N ALA A 440 22.33 -21.04 30.68
CA ALA A 440 21.63 -21.09 31.96
C ALA A 440 20.75 -19.86 32.18
N ALA A 441 21.31 -18.68 31.90
CA ALA A 441 20.59 -17.43 32.07
C ALA A 441 19.33 -17.37 31.23
N SER A 442 19.38 -18.00 30.06
CA SER A 442 18.24 -18.02 29.15
C SER A 442 17.29 -19.17 29.43
N LEU A 443 17.81 -20.40 29.31
CA LEU A 443 16.99 -21.59 29.54
C LEU A 443 16.46 -21.59 30.96
N GLY A 444 17.21 -21.00 31.88
CA GLY A 444 16.79 -20.94 33.26
C GLY A 444 15.51 -20.15 33.51
N GLN A 445 15.11 -19.33 32.54
CA GLN A 445 13.90 -18.52 32.68
C GLN A 445 12.65 -19.29 32.30
N VAL A 446 12.82 -20.45 31.68
CA VAL A 446 11.69 -21.28 31.26
C VAL A 446 10.98 -21.85 32.48
N LYS A 447 9.65 -21.90 32.40
CA LYS A 447 8.81 -22.42 33.49
C LYS A 447 8.49 -23.89 33.32
N ASN A 448 8.15 -24.29 32.11
CA ASN A 448 7.80 -25.67 31.80
C ASN A 448 9.03 -26.56 32.01
N GLN A 449 9.03 -27.29 33.12
CA GLN A 449 10.13 -28.19 33.45
C GLN A 449 10.35 -29.24 32.36
N GLU A 450 9.28 -29.59 31.65
CA GLU A 450 9.39 -30.58 30.58
C GLU A 450 10.21 -30.04 29.40
N ILE A 451 10.16 -28.74 29.19
CA ILE A 451 10.91 -28.13 28.11
C ILE A 451 12.40 -28.11 28.48
N ILE A 452 12.69 -27.72 29.72
CA ILE A 452 14.06 -27.67 30.20
C ILE A 452 14.72 -29.05 30.16
N ALA A 453 13.98 -30.06 30.61
CA ALA A 453 14.48 -31.44 30.63
C ALA A 453 14.78 -31.93 29.23
N ARG A 454 13.84 -31.70 28.31
CA ARG A 454 14.01 -32.12 26.93
C ARG A 454 15.26 -31.47 26.37
N GLN A 455 15.43 -30.18 26.63
CA GLN A 455 16.59 -29.45 26.11
C GLN A 455 17.89 -29.96 26.73
N ILE A 456 17.87 -30.17 28.04
CA ILE A 456 19.05 -30.68 28.72
C ILE A 456 19.45 -32.06 28.20
N ASP A 457 18.47 -32.91 27.90
CA ASP A 457 18.77 -34.24 27.38
C ASP A 457 19.46 -34.06 26.03
N LEU A 458 19.07 -33.01 25.31
CA LEU A 458 19.64 -32.72 24.01
C LEU A 458 21.11 -32.34 24.15
N PHE A 459 21.41 -31.45 25.10
CA PHE A 459 22.80 -31.03 25.33
C PHE A 459 23.63 -32.21 25.81
N THR A 460 23.03 -33.03 26.66
CA THR A 460 23.71 -34.22 27.17
C THR A 460 24.10 -35.13 26.01
N ARG A 461 23.24 -35.19 24.99
CA ARG A 461 23.53 -36.03 23.84
C ARG A 461 24.66 -35.46 23.01
N VAL A 462 24.90 -34.16 23.13
CA VAL A 462 26.00 -33.54 22.38
C VAL A 462 27.27 -33.97 23.10
N ASN A 463 27.25 -33.81 24.43
CA ASN A 463 28.38 -34.15 25.28
C ASN A 463 27.82 -34.22 26.70
N PRO A 464 28.06 -35.35 27.41
CA PRO A 464 27.56 -35.54 28.77
C PRO A 464 27.88 -34.36 29.69
N GLU A 465 29.10 -33.85 29.57
CA GLU A 465 29.55 -32.72 30.38
C GLU A 465 28.75 -31.44 30.06
N TYR A 466 28.49 -31.23 28.77
CA TYR A 466 27.74 -30.09 28.27
C TYR A 466 26.41 -30.03 29.03
N GLY A 467 25.61 -31.09 28.89
CA GLY A 467 24.32 -31.15 29.56
C GLY A 467 24.43 -31.07 31.07
N ALA A 468 25.41 -31.75 31.65
CA ALA A 468 25.59 -31.75 33.10
C ALA A 468 25.86 -30.32 33.59
N ARG A 469 26.79 -29.64 32.95
CA ARG A 469 27.14 -28.28 33.33
C ARG A 469 25.95 -27.33 33.21
N VAL A 470 25.16 -27.47 32.16
CA VAL A 470 23.99 -26.61 31.97
C VAL A 470 22.98 -26.84 33.09
N ALA A 471 22.68 -28.10 33.36
CA ALA A 471 21.72 -28.44 34.41
C ALA A 471 22.20 -27.91 35.76
N GLN A 472 23.52 -27.97 35.96
CA GLN A 472 24.14 -27.51 37.19
C GLN A 472 24.04 -25.99 37.38
N ALA A 473 24.26 -25.24 36.31
CA ALA A 473 24.19 -23.80 36.36
C ALA A 473 22.78 -23.29 36.68
N ILE A 474 21.78 -23.99 36.18
CA ILE A 474 20.39 -23.59 36.42
C ILE A 474 20.01 -23.80 37.88
N LYS A 475 20.41 -24.94 38.43
CA LYS A 475 20.12 -25.27 39.82
C LYS A 475 20.60 -24.12 40.73
N GLN A 476 21.73 -23.52 40.35
CA GLN A 476 22.31 -22.41 41.11
C GLN A 476 21.53 -21.09 41.03
N GLN A 477 20.24 -21.15 40.67
CA GLN A 477 19.42 -19.95 40.57
C GLN A 477 18.10 -20.13 41.32
N GLN B 4 -30.53 5.83 11.24
CA GLN B 4 -31.28 6.93 10.54
C GLN B 4 -30.59 8.28 10.69
N HIS B 5 -29.67 8.37 11.65
CA HIS B 5 -28.90 9.59 11.82
C HIS B 5 -27.55 9.38 11.12
N LEU B 6 -27.15 10.33 10.30
CA LEU B 6 -25.87 10.24 9.60
C LEU B 6 -24.75 10.38 10.64
N THR B 7 -23.72 9.55 10.55
CA THR B 7 -22.61 9.61 11.51
C THR B 7 -21.25 9.60 10.80
N THR B 8 -20.20 9.80 11.57
CA THR B 8 -18.84 9.74 11.04
C THR B 8 -18.49 8.26 11.13
N SER B 9 -17.25 7.91 10.77
CA SER B 9 -16.81 6.52 10.84
C SER B 9 -16.67 6.04 12.29
N GLN B 10 -16.71 6.97 13.25
CA GLN B 10 -16.57 6.58 14.66
C GLN B 10 -17.93 6.67 15.38
N GLY B 11 -18.99 6.79 14.59
CA GLY B 11 -20.33 6.84 15.17
C GLY B 11 -20.85 8.15 15.71
N SER B 12 -20.10 9.23 15.51
CA SER B 12 -20.54 10.52 16.01
C SER B 12 -21.48 11.13 14.96
N PRO B 13 -22.60 11.70 15.40
CA PRO B 13 -23.54 12.30 14.45
C PRO B 13 -23.04 13.49 13.66
N VAL B 14 -23.52 13.59 12.42
CA VAL B 14 -23.14 14.69 11.53
C VAL B 14 -24.25 15.75 11.57
N GLY B 15 -23.88 16.98 11.89
CA GLY B 15 -24.85 18.05 11.98
C GLY B 15 -25.28 18.64 10.65
N ASP B 16 -24.33 18.86 9.75
CA ASP B 16 -24.64 19.43 8.45
C ASP B 16 -23.86 18.70 7.37
N ASN B 17 -24.58 18.02 6.48
CA ASN B 17 -23.98 17.27 5.40
C ASN B 17 -24.12 17.99 4.06
N GLN B 18 -24.50 19.26 4.11
CA GLN B 18 -24.69 20.06 2.89
C GLN B 18 -23.72 21.23 2.84
N ASN B 19 -23.34 21.74 4.01
CA ASN B 19 -22.44 22.89 4.07
C ASN B 19 -21.19 22.69 4.92
N SER B 20 -20.05 23.11 4.39
CA SER B 20 -18.77 23.03 5.08
C SER B 20 -18.68 24.13 6.15
N LEU B 21 -17.91 23.87 7.21
CA LEU B 21 -17.70 24.88 8.25
C LEU B 21 -16.89 26.00 7.63
N THR B 22 -17.36 27.21 7.82
CA THR B 22 -16.71 28.36 7.22
C THR B 22 -16.57 29.52 8.21
N ALA B 23 -15.52 30.32 8.08
CA ALA B 23 -15.30 31.45 8.97
C ALA B 23 -16.12 32.64 8.43
N GLY B 24 -17.41 32.63 8.75
CA GLY B 24 -18.30 33.68 8.26
C GLY B 24 -18.93 33.24 6.96
N GLU B 25 -20.10 33.77 6.64
CA GLU B 25 -20.80 33.39 5.40
C GLU B 25 -19.94 33.22 4.15
N PHE B 26 -19.09 34.19 3.86
CA PHE B 26 -18.24 34.12 2.68
C PHE B 26 -16.77 33.92 3.05
N GLY B 27 -16.55 33.38 4.24
CA GLY B 27 -15.18 33.16 4.70
C GLY B 27 -14.62 31.82 4.25
N PRO B 28 -13.32 31.61 4.46
CA PRO B 28 -12.63 30.37 4.09
C PRO B 28 -13.11 29.16 4.89
N VAL B 29 -12.93 27.97 4.31
CA VAL B 29 -13.34 26.72 4.95
C VAL B 29 -12.34 26.37 6.06
N LEU B 30 -12.87 25.84 7.15
CA LEU B 30 -12.05 25.51 8.32
C LEU B 30 -11.53 24.08 8.39
N ILE B 31 -10.29 23.94 8.81
CA ILE B 31 -9.66 22.63 8.93
C ILE B 31 -10.34 21.83 10.03
N GLN B 32 -11.03 22.49 10.96
CA GLN B 32 -11.69 21.75 12.03
C GLN B 32 -12.97 21.04 11.63
N ASP B 33 -13.32 21.12 10.34
CA ASP B 33 -14.51 20.40 9.87
C ASP B 33 -13.99 18.98 9.63
N VAL B 34 -13.78 18.24 10.71
CA VAL B 34 -13.24 16.90 10.61
C VAL B 34 -14.05 15.94 9.76
N HIS B 35 -15.36 16.10 9.75
CA HIS B 35 -16.19 15.24 8.94
C HIS B 35 -15.98 15.51 7.44
N LEU B 36 -15.82 16.78 7.06
CA LEU B 36 -15.58 17.11 5.66
C LEU B 36 -14.31 16.37 5.26
N LEU B 37 -13.27 16.52 6.07
CA LEU B 37 -11.99 15.89 5.81
C LEU B 37 -12.14 14.36 5.68
N GLU B 38 -12.79 13.74 6.65
CA GLU B 38 -12.97 12.31 6.64
C GLU B 38 -13.76 11.80 5.44
N LYS B 39 -14.86 12.47 5.14
CA LYS B 39 -15.71 12.09 4.03
C LYS B 39 -14.95 12.15 2.70
N LEU B 40 -14.20 13.22 2.51
CA LEU B 40 -13.42 13.42 1.31
C LEU B 40 -12.27 12.42 1.24
N ALA B 41 -11.61 12.21 2.39
CA ALA B 41 -10.47 11.30 2.45
C ALA B 41 -10.83 9.85 2.18
N HIS B 42 -11.97 9.41 2.68
CA HIS B 42 -12.38 8.04 2.46
C HIS B 42 -12.83 7.88 1.01
N PHE B 43 -13.48 8.91 0.48
CA PHE B 43 -13.89 8.90 -0.92
C PHE B 43 -12.63 8.78 -1.79
N ASN B 44 -11.57 9.49 -1.40
CA ASN B 44 -10.32 9.46 -2.14
C ASN B 44 -9.65 8.09 -2.17
N ARG B 45 -10.03 7.22 -1.25
CA ARG B 45 -9.41 5.91 -1.17
C ARG B 45 -10.30 4.74 -1.58
N GLU B 46 -11.40 5.04 -2.25
CA GLU B 46 -12.33 4.01 -2.69
C GLU B 46 -11.78 3.05 -3.74
N ARG B 47 -10.90 3.55 -4.61
CA ARG B 47 -10.37 2.71 -5.67
C ARG B 47 -9.21 1.83 -5.22
N VAL B 48 -9.21 0.59 -5.68
CA VAL B 48 -8.16 -0.37 -5.38
C VAL B 48 -7.65 -0.83 -6.74
N PRO B 49 -6.45 -1.44 -6.80
CA PRO B 49 -6.03 -1.85 -8.14
C PRO B 49 -6.93 -2.95 -8.70
N GLU B 50 -7.26 -2.85 -10.00
CA GLU B 50 -8.11 -3.83 -10.65
C GLU B 50 -7.26 -5.09 -10.90
N ARG B 51 -7.91 -6.21 -11.18
CA ARG B 51 -7.19 -7.45 -11.44
C ARG B 51 -6.31 -7.22 -12.67
N VAL B 52 -5.10 -7.77 -12.65
CA VAL B 52 -4.19 -7.58 -13.78
C VAL B 52 -4.82 -8.09 -15.08
N VAL B 53 -5.68 -9.11 -14.96
CA VAL B 53 -6.44 -9.66 -16.08
C VAL B 53 -7.82 -10.02 -15.52
N HIS B 54 -8.84 -10.09 -16.39
CA HIS B 54 -10.19 -10.43 -15.93
C HIS B 54 -10.75 -9.37 -14.99
N ALA B 55 -10.41 -8.11 -15.25
CA ALA B 55 -10.88 -7.00 -14.42
C ALA B 55 -12.39 -6.77 -14.47
N LYS B 56 -12.99 -6.92 -15.65
CA LYS B 56 -14.43 -6.71 -15.84
C LYS B 56 -15.24 -7.98 -15.61
N GLY B 57 -15.95 -8.05 -14.48
CA GLY B 57 -16.72 -9.25 -14.20
C GLY B 57 -18.03 -9.09 -13.47
N ALA B 58 -18.72 -10.22 -13.28
CA ALA B 58 -20.00 -10.27 -12.58
C ALA B 58 -19.97 -11.52 -11.70
N GLY B 59 -20.70 -11.49 -10.59
CA GLY B 59 -20.69 -12.64 -9.71
C GLY B 59 -22.06 -13.02 -9.19
N ALA B 60 -22.14 -14.20 -8.59
CA ALA B 60 -23.40 -14.68 -8.06
C ALA B 60 -23.13 -15.85 -7.12
N HIS B 61 -24.00 -16.02 -6.14
CA HIS B 61 -23.90 -17.11 -5.18
C HIS B 61 -24.73 -18.27 -5.71
N GLY B 62 -24.39 -19.48 -5.30
CA GLY B 62 -25.13 -20.63 -5.76
C GLY B 62 -24.80 -21.88 -4.97
N ILE B 63 -25.07 -23.02 -5.59
CA ILE B 63 -24.81 -24.30 -4.94
C ILE B 63 -24.40 -25.35 -5.96
N PHE B 64 -23.72 -26.38 -5.47
CA PHE B 64 -23.34 -27.48 -6.32
C PHE B 64 -23.97 -28.70 -5.66
N LYS B 65 -24.64 -29.53 -6.46
CA LYS B 65 -25.29 -30.72 -5.93
C LYS B 65 -24.77 -31.93 -6.69
N VAL B 66 -24.23 -32.89 -5.94
CA VAL B 66 -23.69 -34.10 -6.53
C VAL B 66 -24.81 -35.00 -7.06
N SER B 67 -24.67 -35.46 -8.30
CA SER B 67 -25.65 -36.36 -8.89
C SER B 67 -25.07 -37.77 -8.91
N GLN B 68 -23.74 -37.84 -8.97
CA GLN B 68 -23.03 -39.10 -8.97
C GLN B 68 -21.80 -38.99 -8.08
N SER B 69 -21.71 -39.86 -7.07
CA SER B 69 -20.57 -39.85 -6.16
C SER B 69 -19.30 -40.16 -6.94
N MET B 70 -18.20 -39.50 -6.58
CA MET B 70 -16.93 -39.72 -7.25
C MET B 70 -15.92 -40.35 -6.30
N ALA B 71 -16.42 -40.90 -5.20
CA ALA B 71 -15.56 -41.54 -4.20
C ALA B 71 -14.58 -42.58 -4.75
N GLN B 72 -14.94 -43.21 -5.86
CA GLN B 72 -14.09 -44.24 -6.48
C GLN B 72 -12.83 -43.61 -7.09
N TYR B 73 -12.90 -42.32 -7.40
CA TYR B 73 -11.80 -41.60 -8.03
C TYR B 73 -11.11 -40.52 -7.21
N THR B 74 -11.83 -39.94 -6.26
CA THR B 74 -11.26 -38.89 -5.42
C THR B 74 -11.89 -38.90 -4.04
N LYS B 75 -11.08 -38.62 -3.03
CA LYS B 75 -11.58 -38.56 -1.67
C LYS B 75 -12.12 -37.16 -1.36
N ALA B 76 -12.22 -36.32 -2.39
CA ALA B 76 -12.73 -34.96 -2.21
C ALA B 76 -14.07 -35.02 -1.47
N ASP B 77 -14.11 -34.41 -0.28
CA ASP B 77 -15.31 -34.45 0.54
C ASP B 77 -16.58 -33.93 -0.13
N PHE B 78 -16.51 -32.79 -0.81
CA PHE B 78 -17.73 -32.25 -1.41
C PHE B 78 -18.32 -33.09 -2.54
N LEU B 79 -17.59 -34.10 -3.00
CA LEU B 79 -18.09 -34.98 -4.06
C LEU B 79 -18.27 -36.42 -3.57
N SER B 80 -18.31 -36.61 -2.26
CA SER B 80 -18.43 -37.95 -1.68
C SER B 80 -19.77 -38.68 -1.78
N GLU B 81 -20.88 -37.95 -1.62
CA GLU B 81 -22.20 -38.59 -1.66
C GLU B 81 -23.16 -38.00 -2.68
N VAL B 82 -24.09 -38.83 -3.15
CA VAL B 82 -25.09 -38.39 -4.09
C VAL B 82 -26.00 -37.42 -3.34
N GLY B 83 -26.33 -36.31 -3.99
CA GLY B 83 -27.20 -35.32 -3.36
C GLY B 83 -26.47 -34.33 -2.45
N LYS B 84 -25.18 -34.57 -2.19
CA LYS B 84 -24.44 -33.65 -1.33
C LYS B 84 -24.38 -32.25 -1.91
N GLU B 85 -24.78 -31.27 -1.10
CA GLU B 85 -24.78 -29.88 -1.52
C GLU B 85 -23.64 -29.07 -0.92
N THR B 86 -23.08 -28.20 -1.74
CA THR B 86 -21.99 -27.35 -1.32
C THR B 86 -22.23 -25.93 -1.82
N PRO B 87 -22.11 -24.95 -0.91
CA PRO B 87 -22.33 -23.54 -1.25
C PRO B 87 -21.19 -23.11 -2.16
N LEU B 88 -21.45 -22.19 -3.07
CA LEU B 88 -20.38 -21.73 -3.95
C LEU B 88 -20.59 -20.30 -4.41
N PHE B 89 -19.53 -19.71 -4.94
CA PHE B 89 -19.59 -18.35 -5.45
C PHE B 89 -18.88 -18.36 -6.78
N ALA B 90 -19.45 -17.69 -7.78
CA ALA B 90 -18.86 -17.66 -9.09
C ALA B 90 -18.65 -16.24 -9.59
N ARG B 91 -17.63 -16.07 -10.42
CA ARG B 91 -17.34 -14.78 -11.02
C ARG B 91 -17.00 -15.04 -12.49
N PHE B 92 -17.71 -14.35 -13.37
CA PHE B 92 -17.50 -14.49 -14.80
C PHE B 92 -16.85 -13.19 -15.27
N SER B 93 -16.08 -13.25 -16.34
CA SER B 93 -15.40 -12.04 -16.78
C SER B 93 -14.79 -12.18 -18.16
N THR B 94 -14.26 -11.07 -18.67
CA THR B 94 -13.57 -11.08 -19.95
C THR B 94 -12.10 -11.14 -19.52
N VAL B 95 -11.17 -10.96 -20.46
CA VAL B 95 -9.76 -11.04 -20.10
C VAL B 95 -8.99 -9.73 -20.19
N ALA B 96 -8.96 -9.12 -21.37
CA ALA B 96 -8.19 -7.90 -21.60
C ALA B 96 -8.76 -6.58 -21.09
N GLY B 97 -10.08 -6.41 -21.20
CA GLY B 97 -10.70 -5.16 -20.76
C GLY B 97 -10.50 -4.72 -19.33
N GLU B 98 -10.44 -3.40 -19.13
CA GLU B 98 -10.28 -2.80 -17.82
C GLU B 98 -11.64 -2.66 -17.16
N LEU B 99 -11.68 -2.09 -15.96
CA LEU B 99 -12.93 -1.91 -15.22
C LEU B 99 -14.09 -1.29 -16.00
N GLY B 100 -13.81 -0.34 -16.88
CA GLY B 100 -14.91 0.27 -17.59
C GLY B 100 -15.24 -0.26 -18.98
N SER B 101 -14.52 -1.30 -19.41
CA SER B 101 -14.74 -1.86 -20.74
C SER B 101 -16.09 -2.52 -20.89
N SER B 102 -16.52 -2.72 -22.13
CA SER B 102 -17.81 -3.33 -22.43
C SER B 102 -17.76 -4.85 -22.33
N ASP B 103 -18.90 -5.45 -22.02
CA ASP B 103 -18.97 -6.90 -21.89
C ASP B 103 -18.90 -7.66 -23.21
N THR B 104 -19.62 -7.18 -24.21
CA THR B 104 -19.70 -7.86 -25.50
C THR B 104 -18.53 -7.73 -26.48
N LEU B 105 -17.33 -8.01 -25.98
CA LEU B 105 -16.14 -7.95 -26.81
C LEU B 105 -15.66 -9.38 -27.07
N ARG B 106 -14.86 -9.56 -28.13
CA ARG B 106 -14.33 -10.87 -28.48
C ARG B 106 -13.19 -11.13 -27.50
N ASP B 107 -13.29 -12.22 -26.76
CA ASP B 107 -12.27 -12.50 -25.75
C ASP B 107 -12.69 -13.78 -25.06
N PRO B 108 -11.76 -14.48 -24.41
CA PRO B 108 -12.16 -15.71 -23.72
C PRO B 108 -12.93 -15.20 -22.49
N ARG B 109 -13.76 -16.03 -21.87
CA ARG B 109 -14.48 -15.59 -20.68
C ARG B 109 -14.01 -16.39 -19.48
N GLY B 110 -13.81 -15.69 -18.35
CA GLY B 110 -13.39 -16.35 -17.13
C GLY B 110 -14.58 -17.06 -16.52
N PHE B 111 -14.32 -18.20 -15.88
CA PHE B 111 -15.36 -19.02 -15.26
C PHE B 111 -14.78 -19.47 -13.92
N ALA B 112 -14.74 -18.56 -12.96
CA ALA B 112 -14.16 -18.82 -11.65
C ALA B 112 -15.20 -19.28 -10.62
N LEU B 113 -14.87 -20.37 -9.95
CA LEU B 113 -15.75 -20.97 -8.95
C LEU B 113 -15.06 -21.22 -7.62
N LYS B 114 -15.72 -20.85 -6.53
CA LYS B 114 -15.17 -21.09 -5.20
C LYS B 114 -16.17 -21.95 -4.42
N PHE B 115 -15.77 -23.19 -4.11
CA PHE B 115 -16.62 -24.12 -3.38
C PHE B 115 -16.26 -24.08 -1.90
N TYR B 116 -17.22 -23.72 -1.06
CA TYR B 116 -16.96 -23.68 0.37
C TYR B 116 -17.23 -25.07 0.95
N THR B 117 -16.26 -25.97 0.78
CA THR B 117 -16.42 -27.35 1.26
C THR B 117 -16.03 -27.51 2.74
N ASP B 118 -16.36 -28.67 3.30
CA ASP B 118 -16.06 -28.94 4.70
C ASP B 118 -14.59 -29.20 4.96
N GLU B 119 -13.79 -29.27 3.89
CA GLU B 119 -12.36 -29.49 4.06
C GLU B 119 -11.56 -28.36 3.41
N GLY B 120 -12.18 -27.18 3.36
CA GLY B 120 -11.53 -26.02 2.77
C GLY B 120 -12.20 -25.47 1.54
N ASN B 121 -11.85 -24.24 1.17
CA ASN B 121 -12.41 -23.62 -0.03
C ASN B 121 -11.66 -24.17 -1.23
N TYR B 122 -12.37 -24.80 -2.14
CA TYR B 122 -11.79 -25.36 -3.35
C TYR B 122 -12.11 -24.41 -4.48
N ASP B 123 -11.10 -23.94 -5.20
CA ASP B 123 -11.34 -23.03 -6.31
C ASP B 123 -11.09 -23.72 -7.64
N LEU B 124 -12.04 -23.57 -8.56
CA LEU B 124 -11.89 -24.12 -9.89
C LEU B 124 -11.91 -22.84 -10.70
N VAL B 125 -10.72 -22.41 -11.13
CA VAL B 125 -10.59 -21.17 -11.90
C VAL B 125 -10.43 -21.51 -13.36
N GLY B 126 -11.56 -21.63 -14.06
CA GLY B 126 -11.51 -22.00 -15.47
C GLY B 126 -11.91 -20.90 -16.43
N ASN B 127 -12.05 -21.29 -17.70
CA ASN B 127 -12.46 -20.38 -18.76
C ASN B 127 -13.59 -21.05 -19.53
N ASN B 128 -14.17 -20.31 -20.48
CA ASN B 128 -15.25 -20.83 -21.28
C ASN B 128 -14.66 -21.57 -22.50
N THR B 129 -13.40 -21.97 -22.38
CA THR B 129 -12.70 -22.71 -23.42
C THR B 129 -11.87 -23.80 -22.73
N PRO B 130 -11.76 -24.99 -23.35
CA PRO B 130 -11.01 -26.10 -22.76
C PRO B 130 -9.49 -25.95 -22.88
N ILE B 131 -9.05 -25.00 -23.69
CA ILE B 131 -7.63 -24.79 -23.90
C ILE B 131 -7.20 -23.35 -23.68
N PHE B 132 -5.92 -23.07 -23.94
CA PHE B 132 -5.40 -21.72 -23.79
C PHE B 132 -4.44 -21.40 -24.93
N PHE B 133 -4.00 -20.14 -25.01
CA PHE B 133 -3.10 -19.69 -26.07
C PHE B 133 -1.64 -20.09 -25.90
N ILE B 134 -1.21 -20.28 -24.66
CA ILE B 134 0.18 -20.64 -24.37
C ILE B 134 0.24 -21.84 -23.46
N ARG B 135 1.43 -22.44 -23.33
CA ARG B 135 1.60 -23.63 -22.51
C ARG B 135 2.59 -23.47 -21.37
N ASP B 136 3.28 -22.33 -21.31
CA ASP B 136 4.24 -22.12 -20.24
C ASP B 136 3.97 -20.77 -19.58
N ALA B 137 3.83 -20.78 -18.26
CA ALA B 137 3.53 -19.57 -17.50
C ALA B 137 4.51 -18.43 -17.73
N ILE B 138 5.76 -18.75 -18.06
CA ILE B 138 6.76 -17.72 -18.26
C ILE B 138 6.38 -16.77 -19.40
N LYS B 139 5.44 -17.18 -20.23
CA LYS B 139 5.02 -16.37 -21.37
C LYS B 139 3.76 -15.56 -21.11
N PHE B 140 3.11 -15.76 -19.96
CA PHE B 140 1.88 -15.04 -19.69
C PHE B 140 2.00 -13.51 -19.78
N PRO B 141 3.00 -12.91 -19.10
CA PRO B 141 3.13 -11.45 -19.18
C PRO B 141 3.31 -10.96 -20.62
N ASP B 142 4.00 -11.75 -21.42
CA ASP B 142 4.22 -11.41 -22.82
C ASP B 142 2.91 -11.46 -23.59
N PHE B 143 2.16 -12.55 -23.39
CA PHE B 143 0.89 -12.70 -24.08
C PHE B 143 -0.04 -11.54 -23.68
N ILE B 144 -0.20 -11.35 -22.37
CA ILE B 144 -1.09 -10.30 -21.90
C ILE B 144 -0.68 -8.90 -22.36
N HIS B 145 0.63 -8.63 -22.38
CA HIS B 145 1.08 -7.32 -22.83
C HIS B 145 0.69 -7.10 -24.29
N SER B 146 0.85 -8.13 -25.11
CA SER B 146 0.49 -8.01 -26.53
C SER B 146 -1.01 -7.81 -26.71
N GLN B 147 -1.78 -8.40 -25.79
CA GLN B 147 -3.24 -8.30 -25.83
C GLN B 147 -3.79 -6.97 -25.31
N LYS B 148 -3.00 -6.26 -24.52
CA LYS B 148 -3.47 -5.02 -23.95
C LYS B 148 -3.04 -3.77 -24.70
N ARG B 149 -2.94 -2.63 -24.03
CA ARG B 149 -2.62 -1.39 -24.71
C ARG B 149 -1.16 -1.11 -25.07
N ASN B 150 -0.99 -0.35 -26.15
CA ASN B 150 0.34 0.05 -26.61
C ASN B 150 0.89 0.92 -25.48
N PRO B 151 2.09 0.58 -24.97
CA PRO B 151 2.68 1.35 -23.88
C PRO B 151 2.94 2.81 -24.18
N ARG B 152 2.99 3.15 -25.46
CA ARG B 152 3.26 4.52 -25.86
C ARG B 152 2.00 5.34 -26.13
N THR B 153 1.07 4.76 -26.90
CA THR B 153 -0.16 5.45 -27.28
C THR B 153 -1.39 5.11 -26.45
N HIS B 154 -1.34 3.99 -25.74
CA HIS B 154 -2.45 3.54 -24.92
C HIS B 154 -3.61 3.00 -25.77
N LEU B 155 -3.35 2.78 -27.05
CA LEU B 155 -4.36 2.25 -27.96
C LEU B 155 -4.14 0.74 -28.12
N LYS B 156 -5.19 0.00 -28.46
CA LYS B 156 -5.03 -1.43 -28.64
C LYS B 156 -4.16 -1.63 -29.88
N SER B 157 -3.39 -2.71 -29.89
CA SER B 157 -2.50 -2.93 -31.03
C SER B 157 -2.63 -4.29 -31.69
N PRO B 158 -3.36 -4.36 -32.81
CA PRO B 158 -3.48 -5.67 -33.47
C PRO B 158 -2.10 -6.13 -33.94
N GLU B 159 -1.21 -5.17 -34.23
CA GLU B 159 0.14 -5.51 -34.68
C GLU B 159 0.81 -6.35 -33.60
N ALA B 160 0.67 -5.95 -32.34
CA ALA B 160 1.27 -6.67 -31.22
C ALA B 160 0.57 -8.01 -30.99
N VAL B 161 -0.76 -8.00 -31.09
CA VAL B 161 -1.53 -9.22 -30.90
C VAL B 161 -1.05 -10.31 -31.86
N TRP B 162 -0.99 -9.97 -33.15
CA TRP B 162 -0.58 -10.93 -34.15
C TRP B 162 0.91 -11.17 -34.23
N ASP B 163 1.71 -10.17 -33.88
CA ASP B 163 3.14 -10.37 -33.92
C ASP B 163 3.42 -11.52 -32.95
N PHE B 164 2.84 -11.42 -31.75
CA PHE B 164 3.04 -12.44 -30.74
C PHE B 164 2.49 -13.82 -31.14
N TRP B 165 1.28 -13.86 -31.69
CA TRP B 165 0.71 -15.13 -32.11
C TRP B 165 1.46 -15.74 -33.30
N SER B 166 1.93 -14.90 -34.21
CA SER B 166 2.67 -15.38 -35.38
C SER B 166 3.97 -16.08 -34.98
N HIS B 167 4.49 -15.74 -33.79
CA HIS B 167 5.73 -16.34 -33.28
C HIS B 167 5.41 -17.42 -32.24
N SER B 168 4.13 -17.66 -32.01
CA SER B 168 3.70 -18.66 -31.03
C SER B 168 2.64 -19.56 -31.64
N PRO B 169 3.05 -20.44 -32.57
CA PRO B 169 2.12 -21.35 -33.23
C PRO B 169 1.26 -22.22 -32.32
N GLU B 170 1.67 -22.38 -31.07
CA GLU B 170 0.88 -23.20 -30.16
C GLU B 170 -0.46 -22.54 -29.84
N SER B 171 -0.61 -21.29 -30.23
CA SER B 171 -1.85 -20.55 -29.98
C SER B 171 -2.93 -20.75 -31.03
N LEU B 172 -2.57 -21.37 -32.16
CA LEU B 172 -3.53 -21.59 -33.25
C LEU B 172 -4.85 -22.23 -32.86
N HIS B 173 -4.80 -23.26 -32.02
CA HIS B 173 -6.01 -23.94 -31.60
C HIS B 173 -6.96 -22.98 -30.87
N GLN B 174 -6.44 -22.27 -29.87
CA GLN B 174 -7.28 -21.34 -29.11
C GLN B 174 -7.67 -20.12 -29.95
N VAL B 175 -6.80 -19.68 -30.84
CA VAL B 175 -7.14 -18.54 -31.68
C VAL B 175 -8.36 -18.92 -32.52
N THR B 176 -8.38 -20.17 -32.99
CA THR B 176 -9.49 -20.64 -33.79
C THR B 176 -10.78 -20.60 -32.98
N ILE B 177 -10.69 -20.98 -31.72
CA ILE B 177 -11.87 -20.96 -30.85
C ILE B 177 -12.30 -19.51 -30.58
N LEU B 178 -11.31 -18.65 -30.32
CA LEU B 178 -11.55 -17.24 -30.04
C LEU B 178 -12.28 -16.57 -31.21
N MET B 179 -11.84 -16.88 -32.42
CA MET B 179 -12.43 -16.29 -33.62
C MET B 179 -13.72 -16.95 -34.11
N SER B 180 -14.11 -18.06 -33.50
CA SER B 180 -15.34 -18.73 -33.90
C SER B 180 -16.49 -17.92 -33.29
N ASP B 181 -17.72 -18.41 -33.44
CA ASP B 181 -18.86 -17.70 -32.90
C ASP B 181 -18.81 -17.61 -31.38
N ARG B 182 -18.31 -18.66 -30.74
CA ARG B 182 -18.22 -18.70 -29.29
C ARG B 182 -17.30 -17.64 -28.69
N GLY B 183 -16.62 -16.88 -29.55
CA GLY B 183 -15.73 -15.83 -29.08
C GLY B 183 -16.49 -14.72 -28.37
N ILE B 184 -17.80 -14.65 -28.61
CA ILE B 184 -18.64 -13.65 -27.97
C ILE B 184 -19.98 -14.29 -27.59
N PRO B 185 -20.09 -14.77 -26.34
CA PRO B 185 -21.31 -15.42 -25.85
C PRO B 185 -22.47 -14.43 -25.77
N LEU B 186 -23.70 -14.95 -25.85
CA LEU B 186 -24.87 -14.10 -25.76
C LEU B 186 -24.93 -13.57 -24.32
N SER B 187 -24.54 -14.43 -23.39
CA SER B 187 -24.53 -14.09 -21.97
C SER B 187 -23.70 -15.13 -21.24
N PHE B 188 -23.37 -14.86 -19.98
CA PHE B 188 -22.57 -15.78 -19.18
C PHE B 188 -23.32 -17.09 -18.98
N ARG B 189 -24.64 -17.02 -19.07
CA ARG B 189 -25.49 -18.19 -18.89
C ARG B 189 -25.49 -19.09 -20.12
N HIS B 190 -24.97 -18.58 -21.23
CA HIS B 190 -24.95 -19.33 -22.50
C HIS B 190 -23.58 -19.74 -23.00
N MET B 191 -22.68 -20.07 -22.07
CA MET B 191 -21.34 -20.51 -22.42
C MET B 191 -20.98 -21.67 -21.49
N HIS B 192 -19.99 -22.45 -21.89
CA HIS B 192 -19.55 -23.57 -21.06
C HIS B 192 -18.44 -23.09 -20.14
N GLY B 193 -18.02 -23.99 -19.25
CA GLY B 193 -16.94 -23.70 -18.33
C GLY B 193 -16.02 -24.92 -18.38
N PHE B 194 -14.71 -24.70 -18.28
CA PHE B 194 -13.77 -25.81 -18.30
C PHE B 194 -12.64 -25.52 -17.33
N GLY B 195 -12.02 -26.57 -16.81
CA GLY B 195 -10.89 -26.38 -15.93
C GLY B 195 -9.69 -26.18 -16.83
N SER B 196 -9.85 -26.57 -18.09
CA SER B 196 -8.79 -26.48 -19.10
C SER B 196 -7.63 -27.44 -18.82
N HIS B 197 -6.93 -27.22 -17.72
CA HIS B 197 -5.80 -28.08 -17.36
C HIS B 197 -6.27 -29.45 -16.93
N THR B 198 -5.34 -30.39 -17.00
CA THR B 198 -5.60 -31.73 -16.53
C THR B 198 -5.27 -31.63 -15.05
N PHE B 199 -6.18 -32.06 -14.20
CA PHE B 199 -5.89 -32.04 -12.77
C PHE B 199 -5.74 -33.47 -12.29
N LYS B 200 -5.42 -33.63 -11.01
CA LYS B 200 -5.24 -34.95 -10.43
C LYS B 200 -6.26 -35.26 -9.35
N TRP B 201 -6.79 -36.48 -9.40
CA TRP B 201 -7.74 -36.96 -8.40
C TRP B 201 -7.09 -38.16 -7.73
N VAL B 202 -7.22 -38.25 -6.42
CA VAL B 202 -6.65 -39.35 -5.67
C VAL B 202 -7.72 -39.84 -4.70
N ASN B 203 -8.00 -41.15 -4.71
CA ASN B 203 -9.02 -41.68 -3.81
C ASN B 203 -8.41 -42.09 -2.48
N ALA B 204 -9.25 -42.59 -1.57
CA ALA B 204 -8.80 -43.00 -0.25
C ALA B 204 -7.73 -44.09 -0.26
N ALA B 205 -7.74 -44.95 -1.27
CA ALA B 205 -6.76 -46.02 -1.38
C ALA B 205 -5.45 -45.52 -1.97
N GLY B 206 -5.43 -44.26 -2.39
CA GLY B 206 -4.22 -43.72 -2.96
C GLY B 206 -4.12 -43.92 -4.46
N GLU B 207 -5.20 -44.38 -5.07
CA GLU B 207 -5.20 -44.57 -6.53
C GLU B 207 -5.29 -43.22 -7.21
N VAL B 208 -4.51 -43.05 -8.27
CA VAL B 208 -4.46 -41.79 -8.98
C VAL B 208 -5.15 -41.75 -10.34
N PHE B 209 -5.81 -40.63 -10.63
CA PHE B 209 -6.50 -40.43 -11.89
C PHE B 209 -6.27 -39.01 -12.38
N PHE B 210 -6.10 -38.84 -13.69
CA PHE B 210 -5.93 -37.51 -14.23
C PHE B 210 -7.30 -37.14 -14.79
N VAL B 211 -7.77 -35.94 -14.47
CA VAL B 211 -9.10 -35.53 -14.93
C VAL B 211 -9.19 -34.18 -15.63
N LYS B 212 -10.30 -34.00 -16.34
CA LYS B 212 -10.60 -32.77 -17.04
C LYS B 212 -12.02 -32.37 -16.67
N TYR B 213 -12.21 -31.13 -16.22
CA TYR B 213 -13.52 -30.65 -15.83
C TYR B 213 -14.28 -30.00 -16.99
N HIS B 214 -15.57 -30.33 -17.10
CA HIS B 214 -16.42 -29.78 -18.15
C HIS B 214 -17.74 -29.31 -17.54
N PHE B 215 -17.98 -28.01 -17.54
CA PHE B 215 -19.23 -27.46 -17.04
C PHE B 215 -20.07 -27.10 -18.26
N LYS B 216 -21.07 -27.91 -18.55
CA LYS B 216 -21.92 -27.65 -19.71
C LYS B 216 -23.17 -26.86 -19.34
N THR B 217 -23.37 -25.74 -20.02
CA THR B 217 -24.51 -24.88 -19.74
C THR B 217 -25.85 -25.53 -20.04
N ASN B 218 -26.74 -25.52 -19.05
CA ASN B 218 -28.06 -26.11 -19.22
C ASN B 218 -28.99 -25.16 -19.95
N GLN B 219 -28.49 -23.97 -20.27
CA GLN B 219 -29.29 -23.01 -21.00
C GLN B 219 -28.97 -23.09 -22.48
N GLY B 220 -27.89 -23.81 -22.81
CA GLY B 220 -27.48 -23.95 -24.19
C GLY B 220 -26.51 -22.89 -24.66
N ILE B 221 -25.70 -23.23 -25.66
CA ILE B 221 -24.72 -22.30 -26.22
C ILE B 221 -25.40 -21.30 -27.17
N LYS B 222 -25.17 -20.02 -26.93
CA LYS B 222 -25.74 -18.97 -27.80
C LYS B 222 -24.69 -17.89 -27.90
N ASN B 223 -24.52 -17.32 -29.08
CA ASN B 223 -23.52 -16.28 -29.29
C ASN B 223 -24.07 -15.05 -29.95
N LEU B 224 -23.24 -14.02 -30.02
CA LEU B 224 -23.61 -12.75 -30.66
C LEU B 224 -22.81 -12.59 -31.94
N GLU B 225 -23.46 -12.21 -33.03
CA GLU B 225 -22.73 -12.00 -34.27
C GLU B 225 -21.84 -10.79 -34.00
N SER B 226 -20.68 -10.74 -34.64
CA SER B 226 -19.75 -9.63 -34.42
C SER B 226 -20.34 -8.23 -34.51
N GLN B 227 -21.16 -7.98 -35.53
CA GLN B 227 -21.75 -6.67 -35.71
C GLN B 227 -22.63 -6.25 -34.52
N LEU B 228 -23.54 -7.13 -34.14
CA LEU B 228 -24.44 -6.84 -33.03
C LEU B 228 -23.64 -6.60 -31.74
N ALA B 229 -22.61 -7.41 -31.51
CA ALA B 229 -21.79 -7.29 -30.32
C ALA B 229 -21.18 -5.89 -30.24
N GLU B 230 -20.72 -5.39 -31.37
CA GLU B 230 -20.12 -4.06 -31.40
C GLU B 230 -21.18 -3.02 -31.07
N GLU B 231 -22.39 -3.23 -31.61
CA GLU B 231 -23.50 -2.32 -31.37
C GLU B 231 -23.83 -2.29 -29.88
N ILE B 232 -23.95 -3.48 -29.29
CA ILE B 232 -24.27 -3.58 -27.88
C ILE B 232 -23.15 -3.00 -27.01
N ALA B 233 -21.91 -3.10 -27.48
CA ALA B 233 -20.78 -2.56 -26.74
C ALA B 233 -20.96 -1.05 -26.52
N GLY B 234 -21.69 -0.41 -27.44
CA GLY B 234 -21.94 1.00 -27.32
C GLY B 234 -23.26 1.27 -26.60
N LYS B 235 -24.32 0.59 -27.02
CA LYS B 235 -25.62 0.78 -26.40
C LYS B 235 -25.69 0.33 -24.94
N ASN B 236 -24.97 -0.73 -24.59
CA ASN B 236 -24.99 -1.23 -23.21
C ASN B 236 -23.74 -1.98 -22.84
N PRO B 237 -22.72 -1.26 -22.35
CA PRO B 237 -21.46 -1.90 -21.96
C PRO B 237 -21.53 -2.92 -20.82
N ASP B 238 -22.64 -2.98 -20.10
CA ASP B 238 -22.76 -3.93 -19.00
C ASP B 238 -23.83 -4.98 -19.32
N PHE B 239 -24.00 -5.25 -20.61
CA PHE B 239 -24.98 -6.20 -21.11
C PHE B 239 -24.97 -7.57 -20.42
N HIS B 240 -23.78 -8.17 -20.27
CA HIS B 240 -23.67 -9.48 -19.62
C HIS B 240 -23.88 -9.44 -18.11
N ILE B 241 -23.42 -8.36 -17.47
CA ILE B 241 -23.59 -8.24 -16.03
C ILE B 241 -25.06 -8.08 -15.71
N GLU B 242 -25.72 -7.23 -16.48
CA GLU B 242 -27.15 -6.97 -16.29
C GLU B 242 -27.95 -8.24 -16.53
N ASP B 243 -27.59 -8.98 -17.58
CA ASP B 243 -28.29 -10.21 -17.90
C ASP B 243 -28.26 -11.22 -16.75
N LEU B 244 -27.08 -11.41 -16.16
CA LEU B 244 -26.96 -12.38 -15.08
C LEU B 244 -27.79 -11.93 -13.88
N HIS B 245 -27.75 -10.65 -13.59
CA HIS B 245 -28.48 -10.13 -12.45
C HIS B 245 -30.00 -10.24 -12.64
N ASN B 246 -30.50 -9.82 -13.81
CA ASN B 246 -31.92 -9.90 -14.08
C ASN B 246 -32.44 -11.33 -14.06
N ALA B 247 -31.66 -12.24 -14.64
CA ALA B 247 -32.06 -13.65 -14.69
C ALA B 247 -32.27 -14.20 -13.28
N ILE B 248 -31.34 -13.91 -12.38
CA ILE B 248 -31.44 -14.39 -11.02
C ILE B 248 -32.55 -13.69 -10.24
N GLU B 249 -32.75 -12.40 -10.51
CA GLU B 249 -33.79 -11.67 -9.82
C GLU B 249 -35.16 -12.17 -10.30
N ASN B 250 -35.23 -12.62 -11.55
CA ASN B 250 -36.47 -13.15 -12.14
C ASN B 250 -36.65 -14.63 -11.83
N GLN B 251 -35.74 -15.18 -11.03
CA GLN B 251 -35.77 -16.58 -10.65
C GLN B 251 -35.56 -17.57 -11.79
N GLU B 252 -34.82 -17.13 -12.80
CA GLU B 252 -34.47 -17.99 -13.93
C GLU B 252 -33.02 -18.40 -13.66
N PHE B 253 -32.83 -19.12 -12.57
CA PHE B 253 -31.52 -19.58 -12.14
C PHE B 253 -30.75 -20.38 -13.19
N PRO B 254 -29.60 -19.85 -13.65
CA PRO B 254 -28.82 -20.58 -14.65
C PRO B 254 -28.10 -21.75 -13.98
N SER B 255 -27.94 -22.84 -14.70
CA SER B 255 -27.24 -23.99 -14.14
C SER B 255 -26.31 -24.60 -15.17
N TRP B 256 -25.37 -25.41 -14.68
CA TRP B 256 -24.40 -26.08 -15.52
C TRP B 256 -24.27 -27.50 -14.99
N THR B 257 -24.12 -28.45 -15.91
CA THR B 257 -23.95 -29.84 -15.52
C THR B 257 -22.46 -30.10 -15.60
N LEU B 258 -21.88 -30.51 -14.47
CA LEU B 258 -20.47 -30.81 -14.46
C LEU B 258 -20.21 -32.30 -14.66
N SER B 259 -19.33 -32.61 -15.59
CA SER B 259 -18.93 -33.99 -15.83
C SER B 259 -17.43 -33.95 -16.08
N VAL B 260 -16.78 -35.07 -15.80
CA VAL B 260 -15.35 -35.13 -15.98
C VAL B 260 -14.90 -36.23 -16.92
N GLN B 261 -13.68 -36.09 -17.41
CA GLN B 261 -13.06 -37.09 -18.25
C GLN B 261 -12.08 -37.69 -17.24
N ILE B 262 -12.08 -39.01 -17.11
CA ILE B 262 -11.21 -39.66 -16.16
C ILE B 262 -10.19 -40.58 -16.83
N ILE B 263 -8.91 -40.26 -16.64
CA ILE B 263 -7.82 -41.04 -17.20
C ILE B 263 -6.96 -41.65 -16.09
N PRO B 264 -6.98 -42.98 -15.96
CA PRO B 264 -6.19 -43.67 -14.92
C PRO B 264 -4.70 -43.41 -15.11
N TYR B 265 -3.97 -43.36 -14.01
CA TYR B 265 -2.52 -43.13 -14.01
C TYR B 265 -1.83 -43.94 -15.13
N ALA B 266 -2.06 -45.25 -15.14
CA ALA B 266 -1.45 -46.14 -16.13
C ALA B 266 -1.69 -45.68 -17.56
N ASP B 267 -2.91 -45.21 -17.84
CA ASP B 267 -3.25 -44.72 -19.18
C ASP B 267 -2.44 -43.46 -19.47
N ALA B 268 -2.42 -42.56 -18.50
CA ALA B 268 -1.72 -41.28 -18.64
C ALA B 268 -0.24 -41.41 -19.00
N LEU B 269 0.41 -42.43 -18.45
CA LEU B 269 1.83 -42.67 -18.70
C LEU B 269 2.19 -42.63 -20.18
N THR B 270 1.23 -42.97 -21.02
CA THR B 270 1.45 -42.98 -22.47
C THR B 270 1.12 -41.66 -23.16
N MET B 271 0.31 -40.81 -22.52
CA MET B 271 -0.09 -39.54 -23.13
C MET B 271 0.40 -38.24 -22.48
N LYS B 272 1.59 -38.25 -21.88
CA LYS B 272 2.09 -37.04 -21.22
C LYS B 272 2.15 -35.79 -22.08
N GLU B 273 2.57 -35.95 -23.33
CA GLU B 273 2.69 -34.82 -24.24
C GLU B 273 1.37 -34.16 -24.60
N THR B 274 0.28 -34.90 -24.42
CA THR B 274 -1.03 -34.36 -24.72
C THR B 274 -1.71 -33.90 -23.43
N LEU B 275 -1.67 -34.76 -22.43
CA LEU B 275 -2.30 -34.50 -21.14
C LEU B 275 -1.83 -33.23 -20.42
N PHE B 276 -0.53 -32.97 -20.44
CA PHE B 276 -0.01 -31.80 -19.74
C PHE B 276 0.23 -30.57 -20.61
N ASP B 277 -0.28 -30.61 -21.84
CA ASP B 277 -0.14 -29.49 -22.77
C ASP B 277 -1.52 -28.86 -22.86
N VAL B 278 -1.67 -27.67 -22.27
CA VAL B 278 -2.95 -26.99 -22.24
C VAL B 278 -3.49 -26.46 -23.57
N THR B 279 -2.71 -26.59 -24.65
CA THR B 279 -3.19 -26.15 -25.95
C THR B 279 -3.87 -27.35 -26.65
N LYS B 280 -4.00 -28.44 -25.93
CA LYS B 280 -4.62 -29.65 -26.47
C LYS B 280 -5.73 -30.21 -25.61
N THR B 281 -6.69 -30.85 -26.26
CA THR B 281 -7.82 -31.48 -25.59
C THR B 281 -7.67 -32.99 -25.63
N VAL B 282 -8.35 -33.67 -24.73
CA VAL B 282 -8.34 -35.13 -24.69
C VAL B 282 -9.59 -35.59 -25.42
N SER B 283 -9.43 -36.52 -26.36
CA SER B 283 -10.57 -37.04 -27.12
C SER B 283 -11.73 -37.49 -26.24
N GLN B 284 -12.93 -37.07 -26.60
CA GLN B 284 -14.11 -37.45 -25.84
C GLN B 284 -14.66 -38.84 -26.21
N LYS B 285 -14.13 -39.46 -27.26
CA LYS B 285 -14.53 -40.80 -27.67
C LYS B 285 -13.72 -41.79 -26.84
N GLU B 286 -12.42 -41.52 -26.70
CA GLU B 286 -11.55 -42.38 -25.91
C GLU B 286 -11.94 -42.27 -24.44
N TYR B 287 -12.18 -41.04 -23.99
CA TYR B 287 -12.53 -40.78 -22.60
C TYR B 287 -13.79 -39.91 -22.52
N PRO B 288 -14.97 -40.54 -22.56
CA PRO B 288 -16.25 -39.84 -22.51
C PRO B 288 -16.51 -39.11 -21.18
N LEU B 289 -17.40 -38.12 -21.24
CA LEU B 289 -17.77 -37.35 -20.06
C LEU B 289 -18.57 -38.21 -19.09
N ILE B 290 -18.24 -38.05 -17.82
CA ILE B 290 -18.91 -38.76 -16.74
C ILE B 290 -19.51 -37.68 -15.87
N GLU B 291 -20.83 -37.69 -15.73
CA GLU B 291 -21.52 -36.69 -14.94
C GLU B 291 -21.20 -36.73 -13.45
N VAL B 292 -20.98 -35.55 -12.88
CA VAL B 292 -20.65 -35.42 -11.47
C VAL B 292 -21.78 -34.75 -10.68
N GLY B 293 -22.28 -33.65 -11.20
CA GLY B 293 -23.34 -32.95 -10.50
C GLY B 293 -23.78 -31.69 -11.20
N THR B 294 -24.56 -30.87 -10.50
CA THR B 294 -25.07 -29.64 -11.08
C THR B 294 -24.75 -28.38 -10.29
N MET B 295 -24.34 -27.35 -11.01
CA MET B 295 -24.03 -26.06 -10.42
C MET B 295 -25.19 -25.12 -10.74
N THR B 296 -25.73 -24.47 -9.72
CA THR B 296 -26.82 -23.55 -9.92
C THR B 296 -26.54 -22.21 -9.25
N LEU B 297 -26.75 -21.12 -9.97
CA LEU B 297 -26.53 -19.77 -9.44
C LEU B 297 -27.93 -19.24 -9.10
N ASN B 298 -28.18 -18.99 -7.83
CA ASN B 298 -29.51 -18.55 -7.41
C ASN B 298 -29.58 -17.33 -6.52
N ARG B 299 -28.49 -16.57 -6.38
CA ARG B 299 -28.54 -15.41 -5.51
C ARG B 299 -27.52 -14.33 -5.90
N ASN B 300 -28.02 -13.13 -6.11
CA ASN B 300 -27.18 -12.00 -6.48
C ASN B 300 -26.42 -11.48 -5.26
N PRO B 301 -25.30 -10.80 -5.49
CA PRO B 301 -24.48 -10.24 -4.40
C PRO B 301 -25.23 -9.20 -3.57
N GLU B 302 -24.82 -9.02 -2.33
CA GLU B 302 -25.41 -8.02 -1.45
C GLU B 302 -24.80 -6.68 -1.84
N ASN B 303 -23.50 -6.70 -2.14
CA ASN B 303 -22.75 -5.52 -2.56
C ASN B 303 -21.68 -5.99 -3.53
N TYR B 304 -21.64 -5.39 -4.71
CA TYR B 304 -20.68 -5.77 -5.74
C TYR B 304 -19.21 -5.67 -5.33
N PHE B 305 -18.81 -4.50 -4.81
CA PHE B 305 -17.43 -4.30 -4.42
C PHE B 305 -16.95 -5.29 -3.35
N ALA B 306 -17.74 -5.43 -2.29
CA ALA B 306 -17.40 -6.32 -1.20
C ALA B 306 -17.27 -7.79 -1.59
N GLU B 307 -18.12 -8.23 -2.51
CA GLU B 307 -18.12 -9.63 -2.93
C GLU B 307 -17.46 -9.92 -4.27
N VAL B 308 -17.93 -9.29 -5.33
CA VAL B 308 -17.39 -9.53 -6.66
C VAL B 308 -15.99 -8.97 -6.89
N GLU B 309 -15.75 -7.74 -6.44
CA GLU B 309 -14.45 -7.14 -6.63
C GLU B 309 -13.37 -7.69 -5.71
N GLN B 310 -13.72 -7.98 -4.47
CA GLN B 310 -12.76 -8.47 -3.49
C GLN B 310 -12.55 -9.98 -3.41
N VAL B 311 -13.37 -10.77 -4.08
CA VAL B 311 -13.21 -12.22 -4.02
C VAL B 311 -11.85 -12.61 -4.59
N THR B 312 -11.22 -13.63 -3.99
CA THR B 312 -9.92 -14.11 -4.44
C THR B 312 -9.96 -15.61 -4.78
N PHE B 313 -9.65 -15.94 -6.03
CA PHE B 313 -9.63 -17.33 -6.48
C PHE B 313 -8.19 -17.75 -6.78
N SER B 314 -7.91 -19.03 -6.60
CA SER B 314 -6.60 -19.57 -6.93
C SER B 314 -6.67 -21.05 -7.30
N PRO B 315 -6.10 -21.42 -8.45
CA PRO B 315 -6.10 -22.82 -8.89
C PRO B 315 -5.35 -23.66 -7.88
N GLY B 316 -4.56 -23.00 -7.04
CA GLY B 316 -3.77 -23.68 -6.04
C GLY B 316 -4.54 -23.92 -4.76
N ASN B 317 -5.79 -23.48 -4.72
CA ASN B 317 -6.63 -23.71 -3.55
C ASN B 317 -7.29 -25.07 -3.70
N PHE B 318 -6.51 -26.12 -3.42
CA PHE B 318 -6.98 -27.50 -3.52
C PHE B 318 -7.56 -27.96 -2.19
N VAL B 319 -8.24 -29.10 -2.22
CA VAL B 319 -8.80 -29.72 -1.05
C VAL B 319 -8.33 -31.18 -1.15
N PRO B 320 -8.24 -31.89 -0.02
CA PRO B 320 -7.79 -33.28 -0.09
C PRO B 320 -8.52 -34.08 -1.16
N GLY B 321 -7.76 -34.77 -2.01
CA GLY B 321 -8.36 -35.57 -3.07
C GLY B 321 -8.16 -34.97 -4.45
N ILE B 322 -7.84 -33.68 -4.49
CA ILE B 322 -7.63 -33.00 -5.77
C ILE B 322 -6.25 -32.35 -5.72
N GLU B 323 -5.42 -32.64 -6.72
CA GLU B 323 -4.06 -32.13 -6.74
C GLU B 323 -3.64 -31.62 -8.12
N ALA B 324 -2.48 -30.97 -8.16
CA ALA B 324 -1.95 -30.42 -9.40
C ALA B 324 -1.31 -31.47 -10.32
N SER B 325 -1.22 -31.15 -11.60
CA SER B 325 -0.59 -32.03 -12.57
C SER B 325 0.64 -31.26 -13.03
N PRO B 326 1.56 -31.92 -13.75
CA PRO B 326 2.78 -31.27 -14.24
C PRO B 326 2.59 -30.26 -15.38
N ASP B 327 1.34 -29.89 -15.68
CA ASP B 327 1.06 -28.92 -16.73
C ASP B 327 1.85 -27.65 -16.36
N LYS B 328 2.79 -27.25 -17.21
CA LYS B 328 3.62 -26.08 -16.93
C LYS B 328 2.88 -24.77 -16.74
N LEU B 329 1.79 -24.57 -17.47
CA LEU B 329 1.03 -23.33 -17.33
C LEU B 329 0.35 -23.34 -15.96
N LEU B 330 -0.25 -24.48 -15.60
CA LEU B 330 -0.91 -24.62 -14.32
C LEU B 330 0.11 -24.37 -13.20
N GLN B 331 1.28 -24.98 -13.35
CA GLN B 331 2.34 -24.86 -12.35
C GLN B 331 2.65 -23.40 -12.00
N GLY B 332 2.75 -22.55 -13.02
CA GLY B 332 3.03 -21.15 -12.78
C GLY B 332 1.86 -20.47 -12.09
N ARG B 333 0.64 -20.86 -12.46
CA ARG B 333 -0.54 -20.28 -11.85
C ARG B 333 -0.59 -20.57 -10.35
N LEU B 334 -0.01 -21.70 -9.94
CA LEU B 334 -0.03 -22.07 -8.52
C LEU B 334 0.64 -20.99 -7.68
N PHE B 335 1.59 -20.29 -8.27
CA PHE B 335 2.27 -19.20 -7.57
C PHE B 335 1.55 -17.88 -7.78
N ALA B 336 1.32 -17.54 -9.05
CA ALA B 336 0.71 -16.29 -9.46
C ALA B 336 -0.50 -15.74 -8.71
N TYR B 337 -1.54 -16.56 -8.54
CA TYR B 337 -2.75 -16.06 -7.90
C TYR B 337 -2.61 -15.62 -6.46
N GLY B 338 -2.04 -16.47 -5.62
CA GLY B 338 -1.87 -16.10 -4.23
C GLY B 338 -1.06 -14.81 -4.16
N ASP B 339 -0.05 -14.70 -5.01
CA ASP B 339 0.80 -13.52 -5.05
C ASP B 339 -0.02 -12.31 -5.48
N ALA B 340 -0.86 -12.47 -6.49
CA ALA B 340 -1.70 -11.39 -6.99
C ALA B 340 -2.67 -10.89 -5.90
N HIS B 341 -3.23 -11.82 -5.14
CA HIS B 341 -4.18 -11.47 -4.08
C HIS B 341 -3.54 -10.57 -3.03
N ARG B 342 -2.31 -10.90 -2.66
CA ARG B 342 -1.61 -10.14 -1.63
C ARG B 342 -1.34 -8.69 -2.02
N HIS B 343 -1.17 -8.45 -3.32
CA HIS B 343 -0.96 -7.09 -3.81
C HIS B 343 -2.28 -6.35 -4.01
N ARG B 344 -3.23 -7.02 -4.67
CA ARG B 344 -4.51 -6.43 -4.98
C ARG B 344 -5.45 -6.21 -3.81
N VAL B 345 -5.52 -7.17 -2.90
CA VAL B 345 -6.41 -7.06 -1.75
C VAL B 345 -5.62 -6.90 -0.47
N GLY B 346 -4.66 -7.79 -0.24
CA GLY B 346 -3.87 -7.67 0.97
C GLY B 346 -3.51 -9.02 1.55
N ALA B 347 -2.56 -9.01 2.47
CA ALA B 347 -2.11 -10.23 3.11
C ALA B 347 -3.25 -10.96 3.81
N ASN B 348 -4.22 -10.23 4.32
CA ASN B 348 -5.34 -10.82 5.04
C ASN B 348 -6.67 -10.88 4.28
N SER B 349 -6.60 -10.97 2.97
CA SER B 349 -7.79 -11.04 2.14
C SER B 349 -8.67 -12.24 2.49
N HIS B 350 -8.08 -13.30 3.03
CA HIS B 350 -8.84 -14.50 3.39
C HIS B 350 -9.81 -14.24 4.51
N GLN B 351 -9.66 -13.11 5.19
CA GLN B 351 -10.54 -12.78 6.30
C GLN B 351 -11.79 -12.03 5.87
N LEU B 352 -11.82 -11.55 4.63
CA LEU B 352 -13.01 -10.85 4.14
C LEU B 352 -14.10 -11.91 3.98
N PRO B 353 -15.35 -11.58 4.32
CA PRO B 353 -16.48 -12.51 4.23
C PRO B 353 -16.53 -13.39 2.98
N ILE B 354 -16.46 -12.79 1.81
CA ILE B 354 -16.54 -13.55 0.56
C ILE B 354 -15.42 -14.57 0.41
N ASN B 355 -14.29 -14.34 1.09
CA ASN B 355 -13.15 -15.25 0.98
C ASN B 355 -12.97 -16.19 2.17
N GLN B 356 -13.77 -16.01 3.22
CA GLN B 356 -13.65 -16.86 4.39
C GLN B 356 -14.00 -18.30 4.08
N ALA B 357 -13.30 -19.21 4.74
CA ALA B 357 -13.55 -20.63 4.55
C ALA B 357 -14.73 -21.04 5.42
N LYS B 358 -15.50 -22.03 4.97
CA LYS B 358 -16.61 -22.53 5.76
C LYS B 358 -15.93 -23.40 6.82
N ALA B 359 -14.97 -24.18 6.36
CA ALA B 359 -14.22 -25.06 7.24
C ALA B 359 -13.34 -24.23 8.17
N PRO B 360 -13.08 -24.72 9.38
CA PRO B 360 -12.25 -23.98 10.33
C PRO B 360 -10.83 -23.69 9.82
N VAL B 361 -10.32 -22.50 10.16
CA VAL B 361 -8.97 -22.09 9.77
C VAL B 361 -8.12 -22.03 11.03
N ASN B 362 -7.11 -22.90 11.11
CA ASN B 362 -6.23 -22.96 12.28
C ASN B 362 -4.78 -22.92 11.82
N ASN B 363 -4.16 -21.76 12.06
CA ASN B 363 -2.79 -21.42 11.64
C ASN B 363 -1.93 -20.83 12.73
N TYR B 364 -0.70 -20.52 12.30
CA TYR B 364 0.28 -19.88 13.12
C TYR B 364 0.61 -18.58 12.39
N GLN B 365 -0.13 -18.34 11.30
CA GLN B 365 0.04 -17.12 10.51
C GLN B 365 -0.51 -15.98 11.35
N LYS B 366 0.22 -14.86 11.39
CA LYS B 366 -0.19 -13.75 12.22
C LYS B 366 -0.02 -12.36 11.62
N ASP B 367 -0.71 -11.41 12.23
CA ASP B 367 -0.64 -10.00 11.87
C ASP B 367 -0.88 -9.63 10.42
N GLY B 368 -0.15 -8.62 9.95
CA GLY B 368 -0.31 -8.16 8.58
C GLY B 368 -1.32 -7.03 8.57
N ASN B 369 -1.39 -6.28 7.49
CA ASN B 369 -2.31 -5.15 7.39
C ASN B 369 -3.79 -5.52 7.54
N MET B 370 -4.52 -4.67 8.26
CA MET B 370 -5.96 -4.86 8.48
C MET B 370 -6.30 -6.28 8.95
N ARG B 371 -5.62 -6.73 9.99
CA ARG B 371 -5.86 -8.07 10.52
C ARG B 371 -7.10 -7.98 11.42
N PHE B 372 -8.20 -8.56 10.93
CA PHE B 372 -9.45 -8.54 11.66
C PHE B 372 -9.50 -9.51 12.83
N ASN B 373 -8.73 -10.58 12.74
CA ASN B 373 -8.72 -11.56 13.80
C ASN B 373 -7.37 -12.25 13.95
N ASN B 374 -6.74 -12.06 15.10
CA ASN B 374 -5.45 -12.65 15.39
C ASN B 374 -5.59 -13.76 16.42
N GLY B 375 -6.76 -13.85 17.02
CA GLY B 375 -6.99 -14.90 18.00
C GLY B 375 -6.65 -14.62 19.46
N ASN B 376 -6.60 -15.72 20.23
CA ASN B 376 -6.34 -15.74 21.67
C ASN B 376 -4.96 -16.23 22.06
N SER B 377 -4.53 -17.28 21.38
CA SER B 377 -3.28 -17.98 21.65
C SER B 377 -1.99 -17.19 21.82
N GLU B 378 -1.16 -17.65 22.74
CA GLU B 378 0.15 -17.05 22.98
C GLU B 378 1.12 -17.86 22.14
N ILE B 379 0.64 -18.98 21.63
CA ILE B 379 1.48 -19.88 20.84
C ILE B 379 1.31 -19.74 19.33
N ASN B 380 2.30 -19.08 18.72
CA ASN B 380 2.30 -18.84 17.28
C ASN B 380 3.46 -19.52 16.53
N TYR B 381 3.94 -20.64 17.08
CA TYR B 381 5.04 -21.38 16.44
C TYR B 381 4.77 -22.88 16.59
N GLU B 382 5.31 -23.66 15.65
CA GLU B 382 5.12 -25.12 15.64
C GLU B 382 6.43 -25.67 15.08
N PRO B 383 6.97 -26.75 15.68
CA PRO B 383 6.50 -27.55 16.81
C PRO B 383 6.48 -26.80 18.12
N ASN B 384 5.60 -27.24 19.02
CA ASN B 384 5.47 -26.65 20.34
C ASN B 384 5.03 -27.76 21.28
N SER B 385 5.06 -27.50 22.59
CA SER B 385 4.68 -28.50 23.57
C SER B 385 3.23 -28.40 24.02
N TYR B 386 2.36 -27.84 23.19
CA TYR B 386 0.96 -27.71 23.54
C TYR B 386 0.07 -28.52 22.61
N THR B 387 -0.27 -29.71 23.10
CA THR B 387 -1.11 -30.69 22.41
C THR B 387 -2.35 -30.11 21.72
N GLU B 388 -2.94 -29.11 22.36
CA GLU B 388 -4.14 -28.43 21.91
C GLU B 388 -4.02 -27.65 20.59
N THR B 389 -2.81 -27.14 20.30
CA THR B 389 -2.60 -26.33 19.10
C THR B 389 -2.61 -27.14 17.80
N PRO B 390 -2.95 -26.48 16.68
CA PRO B 390 -3.01 -27.11 15.36
C PRO B 390 -1.76 -27.88 14.94
N LYS B 391 -1.97 -29.09 14.43
CA LYS B 391 -0.86 -29.95 14.01
C LYS B 391 -1.12 -30.46 12.60
N GLU B 392 -0.05 -30.78 11.89
CA GLU B 392 -0.16 -31.29 10.53
C GLU B 392 -0.98 -32.58 10.49
N ASP B 393 -1.60 -32.84 9.34
CA ASP B 393 -2.40 -34.04 9.13
C ASP B 393 -1.72 -34.81 8.00
N PRO B 394 -0.83 -35.76 8.34
CA PRO B 394 -0.07 -36.59 7.39
C PRO B 394 -0.97 -37.19 6.32
N THR B 395 -2.22 -37.40 6.71
CA THR B 395 -3.24 -37.96 5.84
C THR B 395 -3.46 -37.10 4.60
N ALA B 396 -3.19 -35.81 4.72
CA ALA B 396 -3.40 -34.89 3.60
C ALA B 396 -2.21 -34.72 2.66
N LYS B 397 -1.11 -35.43 2.90
CA LYS B 397 0.05 -35.30 2.00
C LYS B 397 -0.39 -35.63 0.57
N ILE B 398 0.20 -34.96 -0.41
CA ILE B 398 -0.19 -35.24 -1.79
C ILE B 398 0.40 -36.58 -2.23
N SER B 399 -0.15 -37.17 -3.28
CA SER B 399 0.35 -38.46 -3.75
C SER B 399 1.70 -38.22 -4.42
N SER B 400 2.66 -39.06 -4.07
CA SER B 400 3.99 -38.92 -4.65
C SER B 400 4.02 -39.50 -6.05
N PHE B 401 4.82 -38.91 -6.93
CA PHE B 401 4.94 -39.41 -8.28
C PHE B 401 6.40 -39.32 -8.66
N GLU B 402 6.81 -40.15 -9.62
CA GLU B 402 8.19 -40.21 -10.03
C GLU B 402 8.71 -39.06 -10.89
N VAL B 403 9.95 -38.67 -10.63
CA VAL B 403 10.59 -37.60 -11.37
C VAL B 403 11.76 -38.23 -12.12
N GLU B 404 12.03 -37.77 -13.34
CA GLU B 404 13.09 -38.36 -14.16
C GLU B 404 13.94 -37.35 -14.92
N GLY B 405 15.12 -37.79 -15.33
CA GLY B 405 16.01 -36.93 -16.11
C GLY B 405 16.75 -35.81 -15.40
N ASN B 406 16.99 -34.73 -16.12
CA ASN B 406 17.70 -33.58 -15.57
C ASN B 406 16.86 -32.34 -15.33
N VAL B 407 17.29 -31.54 -14.37
CA VAL B 407 16.64 -30.27 -14.11
C VAL B 407 17.05 -29.46 -15.33
N GLY B 408 16.11 -28.78 -15.95
CA GLY B 408 16.46 -27.98 -17.12
C GLY B 408 15.30 -27.23 -17.75
N ASN B 409 15.58 -26.57 -18.86
CA ASN B 409 14.60 -25.80 -19.60
C ASN B 409 14.17 -26.62 -20.81
N TYR B 410 13.09 -27.38 -20.66
CA TYR B 410 12.59 -28.22 -21.73
C TYR B 410 11.48 -27.58 -22.56
N SER B 411 11.47 -27.88 -23.85
CA SER B 411 10.45 -27.36 -24.76
C SER B 411 9.37 -28.42 -24.94
N TYR B 412 8.17 -28.00 -25.29
CA TYR B 412 7.07 -28.94 -25.50
C TYR B 412 6.93 -29.35 -26.96
N ASN B 413 5.95 -30.23 -27.14
CA ASN B 413 5.49 -30.80 -28.40
C ASN B 413 5.44 -29.74 -29.52
N GLN B 414 5.51 -30.17 -30.77
CA GLN B 414 5.44 -29.21 -31.88
C GLN B 414 4.20 -29.41 -32.74
N ASP B 415 3.30 -30.26 -32.26
CA ASP B 415 2.05 -30.56 -32.93
C ASP B 415 1.06 -29.44 -32.62
N HIS B 416 1.20 -28.32 -33.32
CA HIS B 416 0.34 -27.15 -33.12
C HIS B 416 -0.82 -27.08 -34.10
N PHE B 417 -0.86 -27.99 -35.07
CA PHE B 417 -1.89 -27.90 -36.11
C PHE B 417 -3.03 -28.91 -36.16
N THR B 418 -2.76 -30.14 -35.78
CA THR B 418 -3.78 -31.18 -35.84
C THR B 418 -5.13 -30.88 -35.20
N GLN B 419 -5.15 -30.52 -33.91
CA GLN B 419 -6.42 -30.26 -33.26
C GLN B 419 -7.14 -29.02 -33.78
N ALA B 420 -6.38 -28.02 -34.21
CA ALA B 420 -7.00 -26.81 -34.74
C ALA B 420 -7.69 -27.17 -36.05
N ASN B 421 -7.07 -28.06 -36.83
CA ASN B 421 -7.64 -28.49 -38.10
C ASN B 421 -8.91 -29.30 -37.86
N ALA B 422 -8.90 -30.16 -36.86
CA ALA B 422 -10.07 -30.98 -36.53
C ALA B 422 -11.24 -30.04 -36.22
N LEU B 423 -10.99 -28.99 -35.44
CA LEU B 423 -12.01 -28.03 -35.09
C LEU B 423 -12.48 -27.29 -36.34
N TYR B 424 -11.53 -26.86 -37.16
CA TYR B 424 -11.86 -26.14 -38.38
C TYR B 424 -12.77 -26.98 -39.26
N ASN B 425 -12.53 -28.29 -39.31
CA ASN B 425 -13.35 -29.17 -40.14
C ASN B 425 -14.74 -29.42 -39.56
N LEU B 426 -14.90 -29.24 -38.26
CA LEU B 426 -16.20 -29.46 -37.63
C LEU B 426 -17.15 -28.27 -37.69
N LEU B 427 -16.61 -27.10 -38.00
CA LEU B 427 -17.44 -25.89 -38.05
C LEU B 427 -18.36 -25.85 -39.27
N PRO B 428 -19.65 -25.56 -39.06
CA PRO B 428 -20.57 -25.48 -40.19
C PRO B 428 -20.19 -24.30 -41.08
N SER B 429 -20.48 -24.42 -42.38
CA SER B 429 -20.14 -23.39 -43.36
C SER B 429 -20.34 -21.95 -42.90
N GLU B 430 -21.49 -21.66 -42.32
CA GLU B 430 -21.81 -20.30 -41.87
C GLU B 430 -20.88 -19.82 -40.77
N GLU B 431 -20.49 -20.72 -39.87
CA GLU B 431 -19.59 -20.31 -38.81
C GLU B 431 -18.16 -20.16 -39.35
N LYS B 432 -17.81 -20.93 -40.37
CA LYS B 432 -16.48 -20.82 -40.96
C LYS B 432 -16.30 -19.46 -41.60
N GLU B 433 -17.34 -19.00 -42.28
CA GLU B 433 -17.26 -17.70 -42.94
C GLU B 433 -17.02 -16.63 -41.84
N ASN B 434 -17.69 -16.78 -40.70
CA ASN B 434 -17.52 -15.84 -39.58
C ASN B 434 -16.11 -15.93 -39.02
N LEU B 435 -15.61 -17.15 -38.89
CA LEU B 435 -14.27 -17.40 -38.38
C LEU B 435 -13.27 -16.65 -39.24
N ILE B 436 -13.38 -16.81 -40.55
CA ILE B 436 -12.48 -16.15 -41.50
C ILE B 436 -12.62 -14.63 -41.44
N ASN B 437 -13.86 -14.15 -41.46
CA ASN B 437 -14.08 -12.71 -41.42
C ASN B 437 -13.59 -12.09 -40.10
N ASN B 438 -13.75 -12.82 -38.99
CA ASN B 438 -13.28 -12.30 -37.71
C ASN B 438 -11.78 -12.17 -37.74
N ILE B 439 -11.09 -13.16 -38.29
CA ILE B 439 -9.64 -13.12 -38.38
C ILE B 439 -9.22 -12.01 -39.33
N ALA B 440 -9.85 -11.95 -40.50
CA ALA B 440 -9.52 -10.92 -41.49
C ALA B 440 -9.63 -9.51 -40.92
N ALA B 441 -10.73 -9.25 -40.21
CA ALA B 441 -10.96 -7.93 -39.63
C ALA B 441 -9.86 -7.54 -38.65
N SER B 442 -9.32 -8.52 -37.94
CA SER B 442 -8.26 -8.28 -36.97
C SER B 442 -6.88 -8.30 -37.60
N LEU B 443 -6.50 -9.44 -38.18
CA LEU B 443 -5.20 -9.58 -38.81
C LEU B 443 -5.02 -8.56 -39.94
N GLY B 444 -6.13 -8.21 -40.58
CA GLY B 444 -6.08 -7.24 -41.67
C GLY B 444 -5.65 -5.85 -41.25
N GLN B 445 -5.66 -5.56 -39.95
CA GLN B 445 -5.26 -4.25 -39.46
C GLN B 445 -3.76 -4.15 -39.26
N VAL B 446 -3.07 -5.28 -39.34
CA VAL B 446 -1.62 -5.30 -39.17
C VAL B 446 -0.94 -4.63 -40.37
N LYS B 447 0.14 -3.90 -40.08
CA LYS B 447 0.90 -3.19 -41.10
C LYS B 447 2.09 -4.00 -41.62
N ASN B 448 2.81 -4.62 -40.69
CA ASN B 448 3.97 -5.43 -41.04
C ASN B 448 3.54 -6.63 -41.87
N GLN B 449 3.78 -6.55 -43.18
CA GLN B 449 3.43 -7.63 -44.09
C GLN B 449 4.10 -8.94 -43.71
N GLU B 450 5.27 -8.86 -43.09
CA GLU B 450 5.98 -10.07 -42.67
C GLU B 450 5.23 -10.80 -41.56
N ILE B 451 4.52 -10.04 -40.73
CA ILE B 451 3.74 -10.65 -39.64
C ILE B 451 2.53 -11.37 -40.23
N ILE B 452 1.84 -10.70 -41.15
CA ILE B 452 0.66 -11.27 -41.78
C ILE B 452 1.02 -12.56 -42.52
N ALA B 453 2.12 -12.51 -43.28
CA ALA B 453 2.56 -13.68 -44.04
C ALA B 453 2.89 -14.85 -43.13
N ARG B 454 3.66 -14.57 -42.07
CA ARG B 454 4.03 -15.62 -41.12
C ARG B 454 2.76 -16.26 -40.55
N GLN B 455 1.80 -15.42 -40.17
CA GLN B 455 0.55 -15.92 -39.60
C GLN B 455 -0.25 -16.73 -40.61
N ILE B 456 -0.36 -16.22 -41.83
CA ILE B 456 -1.08 -16.92 -42.88
C ILE B 456 -0.44 -18.28 -43.17
N ASP B 457 0.90 -18.36 -43.15
CA ASP B 457 1.56 -19.64 -43.39
C ASP B 457 1.17 -20.60 -42.27
N LEU B 458 0.96 -20.05 -41.08
CA LEU B 458 0.57 -20.84 -39.93
C LEU B 458 -0.82 -21.43 -40.14
N PHE B 459 -1.76 -20.60 -40.58
CA PHE B 459 -3.12 -21.06 -40.83
C PHE B 459 -3.11 -22.08 -41.96
N THR B 460 -2.30 -21.82 -42.98
CA THR B 460 -2.20 -22.73 -44.11
C THR B 460 -1.74 -24.10 -43.62
N ARG B 461 -0.85 -24.12 -42.63
CA ARG B 461 -0.36 -25.38 -42.09
C ARG B 461 -1.44 -26.12 -41.31
N VAL B 462 -2.44 -25.38 -40.82
CA VAL B 462 -3.52 -26.02 -40.09
C VAL B 462 -4.38 -26.72 -41.15
N ASN B 463 -4.71 -25.97 -42.19
CA ASN B 463 -5.52 -26.46 -43.30
C ASN B 463 -5.29 -25.48 -44.45
N PRO B 464 -4.94 -25.99 -45.64
CA PRO B 464 -4.68 -25.14 -46.81
C PRO B 464 -5.81 -24.17 -47.08
N GLU B 465 -7.04 -24.64 -46.95
CA GLU B 465 -8.23 -23.82 -47.18
C GLU B 465 -8.34 -22.70 -46.13
N TYR B 466 -8.02 -23.04 -44.90
CA TYR B 466 -8.05 -22.09 -43.78
C TYR B 466 -7.19 -20.87 -44.15
N GLY B 467 -5.91 -21.12 -44.41
CA GLY B 467 -5.00 -20.05 -44.78
C GLY B 467 -5.40 -19.31 -46.04
N ALA B 468 -5.86 -20.06 -47.05
CA ALA B 468 -6.26 -19.46 -48.32
C ALA B 468 -7.43 -18.51 -48.11
N ARG B 469 -8.44 -18.96 -47.39
CA ARG B 469 -9.61 -18.12 -47.12
C ARG B 469 -9.26 -16.86 -46.35
N VAL B 470 -8.37 -16.99 -45.37
CA VAL B 470 -7.96 -15.83 -44.59
C VAL B 470 -7.25 -14.80 -45.48
N ALA B 471 -6.27 -15.28 -46.25
CA ALA B 471 -5.52 -14.41 -47.15
C ALA B 471 -6.46 -13.71 -48.13
N GLN B 472 -7.46 -14.46 -48.60
CA GLN B 472 -8.44 -13.95 -49.55
C GLN B 472 -9.35 -12.87 -48.93
N ALA B 473 -9.79 -13.08 -47.70
CA ALA B 473 -10.66 -12.12 -47.03
C ALA B 473 -9.96 -10.78 -46.81
N ILE B 474 -8.69 -10.83 -46.45
CA ILE B 474 -7.92 -9.61 -46.24
C ILE B 474 -7.82 -8.83 -47.55
N LYS B 475 -7.45 -9.53 -48.62
CA LYS B 475 -7.28 -8.91 -49.93
C LYS B 475 -8.49 -8.06 -50.31
N GLN B 476 -9.68 -8.42 -49.82
CA GLN B 476 -10.90 -7.68 -50.11
C GLN B 476 -11.11 -6.46 -49.21
N GLN B 477 -10.02 -5.91 -48.68
CA GLN B 477 -10.10 -4.73 -47.83
C GLN B 477 -9.09 -3.70 -48.33
N GLN C 4 20.48 -5.34 -25.49
CA GLN C 4 20.03 -6.39 -26.45
C GLN C 4 19.91 -7.75 -25.80
N HIS C 5 20.50 -7.92 -24.63
CA HIS C 5 20.39 -9.17 -23.88
C HIS C 5 19.30 -8.97 -22.82
N LEU C 6 18.36 -9.92 -22.74
CA LEU C 6 17.29 -9.85 -21.77
C LEU C 6 17.88 -10.08 -20.38
N THR C 7 17.48 -9.26 -19.40
CA THR C 7 18.02 -9.39 -18.05
C THR C 7 16.93 -9.40 -16.98
N THR C 8 17.31 -9.65 -15.74
CA THR C 8 16.38 -9.62 -14.63
C THR C 8 16.38 -8.15 -14.19
N SER C 9 15.65 -7.84 -13.13
CA SER C 9 15.59 -6.46 -12.64
C SER C 9 16.93 -6.04 -12.01
N GLN C 10 17.81 -7.00 -11.77
CA GLN C 10 19.12 -6.69 -11.19
C GLN C 10 20.24 -6.76 -12.23
N GLY C 11 19.85 -6.79 -13.51
CA GLY C 11 20.82 -6.81 -14.59
C GLY C 11 21.46 -8.14 -14.95
N SER C 12 21.01 -9.22 -14.34
CA SER C 12 21.58 -10.52 -14.66
C SER C 12 20.89 -11.07 -15.90
N PRO C 13 21.66 -11.62 -16.85
CA PRO C 13 21.07 -12.16 -18.08
C PRO C 13 20.10 -13.34 -17.91
N VAL C 14 19.08 -13.37 -18.77
CA VAL C 14 18.09 -14.44 -18.75
C VAL C 14 18.45 -15.46 -19.83
N GLY C 15 18.62 -16.72 -19.41
CA GLY C 15 18.98 -17.77 -20.34
C GLY C 15 17.85 -18.30 -21.20
N ASP C 16 16.68 -18.51 -20.60
CA ASP C 16 15.54 -19.02 -21.34
C ASP C 16 14.27 -18.28 -20.93
N ASN C 17 13.71 -17.53 -21.88
CA ASN C 17 12.50 -16.74 -21.63
C ASN C 17 11.27 -17.41 -22.24
N GLN C 18 11.40 -18.68 -22.63
CA GLN C 18 10.31 -19.42 -23.23
C GLN C 18 9.92 -20.63 -22.39
N ASN C 19 10.87 -21.20 -21.65
CA ASN C 19 10.61 -22.38 -20.87
C ASN C 19 11.01 -22.26 -19.40
N SER C 20 10.12 -22.70 -18.52
CA SER C 20 10.37 -22.67 -17.08
C SER C 20 11.31 -23.81 -16.68
N LEU C 21 12.06 -23.62 -15.58
CA LEU C 21 12.95 -24.66 -15.10
C LEU C 21 12.07 -25.78 -14.59
N THR C 22 12.39 -27.00 -15.01
CA THR C 22 11.57 -28.13 -14.65
C THR C 22 12.43 -29.33 -14.23
N ALA C 23 11.92 -30.15 -13.32
CA ALA C 23 12.67 -31.32 -12.86
C ALA C 23 12.41 -32.47 -13.85
N GLY C 24 13.10 -32.43 -14.99
CA GLY C 24 12.91 -33.44 -16.00
C GLY C 24 11.90 -32.94 -17.01
N GLU C 25 11.98 -33.38 -18.26
CA GLU C 25 11.07 -32.93 -19.31
C GLU C 25 9.60 -32.76 -18.91
N PHE C 26 9.04 -33.74 -18.23
CA PHE C 26 7.64 -33.66 -17.82
C PHE C 26 7.51 -33.53 -16.31
N GLY C 27 8.57 -33.05 -15.67
CA GLY C 27 8.56 -32.88 -14.23
C GLY C 27 7.99 -31.54 -13.79
N PRO C 28 7.76 -31.38 -12.49
CA PRO C 28 7.22 -30.14 -11.91
C PRO C 28 8.17 -28.95 -12.03
N VAL C 29 7.59 -27.74 -12.01
CA VAL C 29 8.36 -26.51 -12.12
C VAL C 29 9.08 -26.24 -10.80
N LEU C 30 10.31 -25.75 -10.91
CA LEU C 30 11.15 -25.49 -9.74
C LEU C 30 11.05 -24.08 -9.19
N ILE C 31 11.07 -23.98 -7.86
CA ILE C 31 11.00 -22.69 -7.20
C ILE C 31 12.29 -21.90 -7.44
N GLN C 32 13.37 -22.58 -7.82
CA GLN C 32 14.63 -21.85 -8.05
C GLN C 32 14.67 -21.11 -9.37
N ASP C 33 13.58 -21.12 -10.13
CA ASP C 33 13.55 -20.35 -11.37
C ASP C 33 13.18 -18.94 -10.90
N VAL C 34 14.16 -18.25 -10.31
CA VAL C 34 13.92 -16.91 -9.78
C VAL C 34 13.40 -15.90 -10.79
N HIS C 35 13.83 -16.03 -12.04
CA HIS C 35 13.34 -15.10 -13.05
C HIS C 35 11.85 -15.32 -13.35
N LEU C 36 11.42 -16.58 -13.38
CA LEU C 36 10.01 -16.87 -13.63
C LEU C 36 9.23 -16.16 -12.53
N LEU C 37 9.65 -16.37 -11.30
CA LEU C 37 9.02 -15.77 -10.14
C LEU C 37 8.97 -14.25 -10.26
N GLU C 38 10.12 -13.64 -10.51
CA GLU C 38 10.21 -12.19 -10.63
C GLU C 38 9.33 -11.63 -11.74
N LYS C 39 9.41 -12.24 -12.91
CA LYS C 39 8.65 -11.79 -14.06
C LYS C 39 7.14 -11.82 -13.79
N LEU C 40 6.70 -12.91 -13.17
CA LEU C 40 5.29 -13.08 -12.84
C LEU C 40 4.88 -12.10 -11.73
N ALA C 41 5.74 -11.97 -10.72
CA ALA C 41 5.45 -11.10 -9.60
C ALA C 41 5.35 -9.62 -9.98
N HIS C 42 6.23 -9.17 -10.86
CA HIS C 42 6.18 -7.78 -11.26
C HIS C 42 4.96 -7.54 -12.15
N PHE C 43 4.64 -8.53 -12.97
CA PHE C 43 3.46 -8.46 -13.81
C PHE C 43 2.23 -8.34 -12.91
N ASN C 44 2.22 -9.10 -11.82
CA ASN C 44 1.11 -9.08 -10.88
C ASN C 44 0.91 -7.73 -10.19
N ARG C 45 1.93 -6.89 -10.20
CA ARG C 45 1.83 -5.59 -9.54
C ARG C 45 1.78 -4.38 -10.47
N GLU C 46 1.49 -4.63 -11.74
CA GLU C 46 1.41 -3.56 -12.73
C GLU C 46 0.27 -2.58 -12.52
N ARG C 47 -0.86 -3.06 -11.98
CA ARG C 47 -2.01 -2.19 -11.79
C ARG C 47 -1.94 -1.37 -10.50
N VAL C 48 -2.34 -0.11 -10.62
CA VAL C 48 -2.37 0.82 -9.49
C VAL C 48 -3.82 1.31 -9.43
N PRO C 49 -4.25 1.88 -8.30
CA PRO C 49 -5.65 2.33 -8.33
C PRO C 49 -5.85 3.47 -9.32
N GLU C 50 -6.97 3.43 -10.04
CA GLU C 50 -7.28 4.47 -11.02
C GLU C 50 -7.74 5.71 -10.24
N ARG C 51 -7.77 6.86 -10.91
CA ARG C 51 -8.23 8.09 -10.26
C ARG C 51 -9.68 7.86 -9.85
N VAL C 52 -10.05 8.35 -8.66
CA VAL C 52 -11.42 8.18 -8.18
C VAL C 52 -12.42 8.77 -9.18
N VAL C 53 -12.00 9.80 -9.92
CA VAL C 53 -12.79 10.43 -10.98
C VAL C 53 -11.81 10.81 -12.08
N HIS C 54 -12.29 10.96 -13.32
CA HIS C 54 -11.41 11.32 -14.43
C HIS C 54 -10.36 10.25 -14.71
N ALA C 55 -10.73 8.99 -14.50
CA ALA C 55 -9.84 7.87 -14.72
C ALA C 55 -9.39 7.69 -16.18
N LYS C 56 -10.31 7.88 -17.12
CA LYS C 56 -10.03 7.72 -18.56
C LYS C 56 -9.51 9.02 -19.18
N GLY C 57 -8.22 9.06 -19.49
CA GLY C 57 -7.68 10.28 -20.07
C GLY C 57 -6.55 10.14 -21.07
N ALA C 58 -6.14 11.28 -21.63
CA ALA C 58 -5.06 11.34 -22.61
C ALA C 58 -4.20 12.55 -22.24
N GLY C 59 -2.91 12.49 -22.56
CA GLY C 59 -2.04 13.60 -22.22
C GLY C 59 -1.11 14.02 -23.33
N ALA C 60 -0.49 15.19 -23.17
CA ALA C 60 0.44 15.69 -24.16
C ALA C 60 1.27 16.82 -23.56
N HIS C 61 2.50 16.96 -24.06
CA HIS C 61 3.40 18.01 -23.62
C HIS C 61 3.19 19.21 -24.50
N GLY C 62 3.49 20.39 -23.99
CA GLY C 62 3.31 21.59 -24.78
C GLY C 62 3.99 22.80 -24.17
N ILE C 63 3.53 23.97 -24.58
CA ILE C 63 4.10 25.21 -24.08
C ILE C 63 3.03 26.27 -23.97
N PHE C 64 3.30 27.27 -23.14
CA PHE C 64 2.40 28.40 -23.02
C PHE C 64 3.27 29.61 -23.36
N LYS C 65 2.74 30.49 -24.19
CA LYS C 65 3.49 31.69 -24.58
C LYS C 65 2.63 32.91 -24.30
N VAL C 66 3.18 33.82 -23.50
CA VAL C 66 2.49 35.04 -23.13
C VAL C 66 2.37 36.00 -24.31
N SER C 67 1.17 36.51 -24.56
CA SER C 67 0.97 37.47 -25.64
C SER C 67 0.78 38.86 -25.02
N GLN C 68 0.27 38.88 -23.80
CA GLN C 68 0.07 40.12 -23.05
C GLN C 68 0.53 39.93 -21.62
N SER C 69 1.49 40.74 -21.18
CA SER C 69 1.98 40.66 -19.82
C SER C 69 0.85 40.96 -18.85
N MET C 70 0.81 40.24 -17.73
CA MET C 70 -0.24 40.45 -16.74
C MET C 70 0.32 41.02 -15.45
N ALA C 71 1.55 41.54 -15.51
CA ALA C 71 2.23 42.11 -14.36
C ALA C 71 1.43 43.14 -13.57
N GLN C 72 0.50 43.84 -14.23
CA GLN C 72 -0.29 44.86 -13.53
C GLN C 72 -1.34 44.21 -12.61
N TYR C 73 -1.61 42.93 -12.83
CA TYR C 73 -2.61 42.21 -12.05
C TYR C 73 -2.10 41.07 -11.19
N THR C 74 -0.98 40.48 -11.58
CA THR C 74 -0.40 39.39 -10.81
C THR C 74 1.11 39.37 -10.97
N LYS C 75 1.80 38.99 -9.89
CA LYS C 75 3.25 38.90 -9.92
C LYS C 75 3.67 37.51 -10.37
N ALA C 76 2.71 36.71 -10.84
CA ALA C 76 3.01 35.36 -11.32
C ALA C 76 4.15 35.45 -12.33
N ASP C 77 5.28 34.82 -12.01
CA ASP C 77 6.44 34.86 -12.87
C ASP C 77 6.21 34.40 -14.32
N PHE C 78 5.52 33.28 -14.53
CA PHE C 78 5.32 32.80 -15.90
C PHE C 78 4.47 33.70 -16.79
N LEU C 79 3.86 34.72 -16.20
CA LEU C 79 3.03 35.65 -16.96
C LEU C 79 3.59 37.07 -16.90
N SER C 80 4.85 37.21 -16.53
CA SER C 80 5.46 38.52 -16.40
C SER C 80 5.83 39.30 -17.67
N GLU C 81 6.32 38.61 -18.69
CA GLU C 81 6.73 39.27 -19.94
C GLU C 81 6.06 38.76 -21.20
N VAL C 82 5.95 39.64 -22.19
CA VAL C 82 5.38 39.28 -23.48
C VAL C 82 6.35 38.30 -24.14
N GLY C 83 5.82 37.21 -24.69
CA GLY C 83 6.67 36.23 -25.34
C GLY C 83 7.26 35.19 -24.41
N LYS C 84 7.08 35.38 -23.10
CA LYS C 84 7.63 34.41 -22.16
C LYS C 84 7.03 33.02 -22.35
N GLU C 85 7.90 32.04 -22.50
CA GLU C 85 7.49 30.66 -22.72
C GLU C 85 7.64 29.79 -21.47
N THR C 86 6.66 28.93 -21.25
CA THR C 86 6.68 28.03 -20.10
C THR C 86 6.25 26.64 -20.55
N PRO C 87 7.06 25.63 -20.22
CA PRO C 87 6.75 24.24 -20.58
C PRO C 87 5.52 23.82 -19.81
N LEU C 88 4.70 22.94 -20.39
CA LEU C 88 3.52 22.48 -19.69
C LEU C 88 3.12 21.07 -20.10
N PHE C 89 2.26 20.46 -19.29
CA PHE C 89 1.76 19.13 -19.59
C PHE C 89 0.26 19.18 -19.34
N ALA C 90 -0.50 18.58 -20.25
CA ALA C 90 -1.95 18.58 -20.11
C ALA C 90 -2.51 17.17 -20.12
N ARG C 91 -3.64 16.99 -19.44
CA ARG C 91 -4.33 15.71 -19.41
C ARG C 91 -5.81 16.01 -19.55
N PHE C 92 -6.44 15.37 -20.54
CA PHE C 92 -7.86 15.55 -20.82
C PHE C 92 -8.54 14.26 -20.41
N SER C 93 -9.80 14.34 -20.00
CA SER C 93 -10.49 13.13 -19.55
C SER C 93 -11.98 13.30 -19.42
N THR C 94 -12.66 12.20 -19.14
CA THR C 94 -14.09 12.23 -18.90
C THR C 94 -14.17 12.23 -17.37
N VAL C 95 -15.36 12.07 -16.80
CA VAL C 95 -15.48 12.09 -15.35
C VAL C 95 -15.85 10.77 -14.69
N ALA C 96 -16.97 10.20 -15.09
CA ALA C 96 -17.48 8.96 -14.50
C ALA C 96 -16.84 7.64 -14.92
N GLY C 97 -16.52 7.52 -16.20
CA GLY C 97 -15.95 6.28 -16.71
C GLY C 97 -14.67 5.76 -16.06
N GLU C 98 -14.55 4.43 -16.00
CA GLU C 98 -13.37 3.79 -15.44
C GLU C 98 -12.30 3.67 -16.53
N LEU C 99 -11.17 3.05 -16.18
CA LEU C 99 -10.07 2.89 -17.13
C LEU C 99 -10.46 2.35 -18.51
N GLY C 100 -11.38 1.40 -18.56
CA GLY C 100 -11.71 0.85 -19.87
C GLY C 100 -12.89 1.45 -20.61
N SER C 101 -13.52 2.46 -20.03
CA SER C 101 -14.69 3.09 -20.65
C SER C 101 -14.37 3.80 -21.95
N SER C 102 -15.40 4.06 -22.75
CA SER C 102 -15.23 4.71 -24.04
C SER C 102 -15.14 6.23 -23.90
N ASP C 103 -14.45 6.86 -24.84
CA ASP C 103 -14.27 8.31 -24.81
C ASP C 103 -15.52 9.11 -25.15
N THR C 104 -16.25 8.69 -26.18
CA THR C 104 -17.41 9.43 -26.64
C THR C 104 -18.72 9.30 -25.86
N LEU C 105 -18.64 9.50 -24.54
CA LEU C 105 -19.82 9.43 -23.70
C LEU C 105 -20.19 10.86 -23.28
N ARG C 106 -21.44 11.06 -22.85
CA ARG C 106 -21.90 12.37 -22.41
C ARG C 106 -21.35 12.55 -21.01
N ASP C 107 -20.57 13.61 -20.81
CA ASP C 107 -19.93 13.84 -19.52
C ASP C 107 -19.12 15.11 -19.62
N PRO C 108 -18.80 15.74 -18.49
CA PRO C 108 -17.98 16.96 -18.59
C PRO C 108 -16.60 16.42 -18.95
N ARG C 109 -15.73 17.25 -19.50
CA ARG C 109 -14.37 16.80 -19.83
C ARG C 109 -13.37 17.53 -18.95
N GLY C 110 -12.40 16.80 -18.41
CA GLY C 110 -11.38 17.41 -17.60
C GLY C 110 -10.38 18.12 -18.48
N PHE C 111 -9.84 19.24 -17.99
CA PHE C 111 -8.89 20.06 -18.74
C PHE C 111 -7.79 20.43 -17.74
N ALA C 112 -6.93 19.47 -17.41
CA ALA C 112 -5.87 19.68 -16.44
C ALA C 112 -4.55 20.13 -17.06
N LEU C 113 -3.99 21.19 -16.48
CA LEU C 113 -2.74 21.77 -16.96
C LEU C 113 -1.70 21.95 -15.87
N LYS C 114 -0.47 21.55 -16.15
CA LYS C 114 0.62 21.72 -15.20
C LYS C 114 1.71 22.59 -15.84
N PHE C 115 1.88 23.80 -15.34
CA PHE C 115 2.89 24.71 -15.86
C PHE C 115 4.16 24.61 -15.03
N TYR C 116 5.27 24.26 -15.68
CA TYR C 116 6.54 24.14 -14.96
C TYR C 116 7.19 25.52 -14.97
N THR C 117 6.75 26.39 -14.07
CA THR C 117 7.30 27.75 -14.00
C THR C 117 8.57 27.85 -13.17
N ASP C 118 9.24 29.01 -13.24
CA ASP C 118 10.46 29.22 -12.49
C ASP C 118 10.25 29.41 -11.00
N GLU C 119 8.99 29.51 -10.58
CA GLU C 119 8.69 29.66 -9.16
C GLU C 119 7.76 28.54 -8.70
N GLY C 120 7.90 27.37 -9.33
CA GLY C 120 7.11 26.21 -8.98
C GLY C 120 6.14 25.73 -10.05
N ASN C 121 5.64 24.50 -9.89
CA ASN C 121 4.68 23.95 -10.83
C ASN C 121 3.32 24.53 -10.47
N TYR C 122 2.70 25.23 -11.41
CA TYR C 122 1.39 25.80 -11.21
C TYR C 122 0.39 24.91 -11.93
N ASP C 123 -0.63 24.43 -11.22
CA ASP C 123 -1.63 23.58 -11.86
C ASP C 123 -2.94 24.33 -12.03
N LEU C 124 -3.50 24.24 -13.22
CA LEU C 124 -4.79 24.83 -13.50
C LEU C 124 -5.60 23.58 -13.82
N VAL C 125 -6.41 23.12 -12.86
CA VAL C 125 -7.20 21.92 -13.04
C VAL C 125 -8.62 22.30 -13.36
N GLY C 126 -8.91 22.49 -14.65
CA GLY C 126 -10.25 22.90 -15.03
C GLY C 126 -11.06 21.87 -15.78
N ASN C 127 -12.21 22.29 -16.28
CA ASN C 127 -13.10 21.44 -17.06
C ASN C 127 -13.44 22.18 -18.36
N ASN C 128 -14.15 21.49 -19.24
CA ASN C 128 -14.54 22.07 -20.52
C ASN C 128 -15.85 22.86 -20.34
N THR C 129 -16.16 23.18 -19.08
CA THR C 129 -17.34 23.95 -18.73
C THR C 129 -16.93 24.99 -17.68
N PRO C 130 -17.52 26.20 -17.74
CA PRO C 130 -17.19 27.26 -16.79
C PRO C 130 -17.80 27.07 -15.40
N ILE C 131 -18.72 26.12 -15.29
CA ILE C 131 -19.38 25.87 -14.01
C ILE C 131 -19.36 24.41 -13.58
N PHE C 132 -20.05 24.11 -12.49
CA PHE C 132 -20.10 22.75 -12.00
C PHE C 132 -21.50 22.45 -11.46
N PHE C 133 -21.76 21.18 -11.15
CA PHE C 133 -23.06 20.75 -10.65
C PHE C 133 -23.37 21.09 -9.21
N ILE C 134 -22.34 21.19 -8.38
CA ILE C 134 -22.51 21.49 -6.96
C ILE C 134 -21.62 22.66 -6.55
N ARG C 135 -21.88 23.24 -5.38
CA ARG C 135 -21.12 24.40 -4.90
C ARG C 135 -20.38 24.16 -3.58
N ASP C 136 -20.57 23.00 -2.98
CA ASP C 136 -19.89 22.70 -1.72
C ASP C 136 -19.21 21.35 -1.82
N ALA C 137 -17.93 21.31 -1.52
CA ALA C 137 -17.15 20.08 -1.61
C ALA C 137 -17.70 18.92 -0.78
N ILE C 138 -18.46 19.22 0.28
CA ILE C 138 -18.98 18.16 1.12
C ILE C 138 -19.96 17.27 0.35
N LYS C 139 -20.43 17.75 -0.79
CA LYS C 139 -21.38 16.99 -1.60
C LYS C 139 -20.72 16.22 -2.73
N PHE C 140 -19.43 16.38 -2.95
CA PHE C 140 -18.77 15.70 -4.05
C PHE C 140 -18.94 14.17 -4.02
N PRO C 141 -18.65 13.52 -2.90
CA PRO C 141 -18.81 12.06 -2.86
C PRO C 141 -20.24 11.62 -3.19
N ASP C 142 -21.21 12.42 -2.74
CA ASP C 142 -22.61 12.12 -3.01
C ASP C 142 -22.92 12.25 -4.50
N PHE C 143 -22.46 13.35 -5.10
CA PHE C 143 -22.68 13.56 -6.53
C PHE C 143 -22.04 12.44 -7.33
N ILE C 144 -20.76 12.18 -7.07
CA ILE C 144 -20.05 11.14 -7.80
C ILE C 144 -20.66 9.76 -7.61
N HIS C 145 -21.09 9.45 -6.40
CA HIS C 145 -21.70 8.15 -6.16
C HIS C 145 -22.95 7.99 -7.00
N SER C 146 -23.76 9.04 -7.09
CA SER C 146 -24.99 8.98 -7.88
C SER C 146 -24.67 8.84 -9.36
N GLN C 147 -23.54 9.39 -9.79
CA GLN C 147 -23.11 9.35 -11.18
C GLN C 147 -22.46 8.03 -11.58
N LYS C 148 -21.99 7.26 -10.59
CA LYS C 148 -21.34 6.01 -10.91
C LYS C 148 -22.23 4.78 -10.80
N ARG C 149 -21.63 3.62 -10.54
CA ARG C 149 -22.42 2.38 -10.51
C ARG C 149 -23.23 2.08 -9.26
N ASN C 150 -24.34 1.37 -9.48
CA ASN C 150 -25.22 0.94 -8.41
C ASN C 150 -24.35 0.04 -7.54
N PRO C 151 -24.28 0.31 -6.23
CA PRO C 151 -23.44 -0.52 -5.36
C PRO C 151 -23.84 -1.98 -5.27
N ARG C 152 -25.08 -2.27 -5.63
CA ARG C 152 -25.58 -3.63 -5.57
C ARG C 152 -25.43 -4.38 -6.88
N THR C 153 -25.86 -3.77 -7.98
CA THR C 153 -25.82 -4.40 -9.30
C THR C 153 -24.63 -4.07 -10.18
N HIS C 154 -23.96 -2.97 -9.85
CA HIS C 154 -22.81 -2.51 -10.61
C HIS C 154 -23.22 -1.90 -11.96
N LEU C 155 -24.51 -1.63 -12.11
CA LEU C 155 -25.04 -1.05 -13.35
C LEU C 155 -25.20 0.45 -13.13
N LYS C 156 -25.16 1.22 -14.21
CA LYS C 156 -25.34 2.66 -14.07
C LYS C 156 -26.79 2.87 -13.62
N SER C 157 -27.04 3.95 -12.88
CA SER C 157 -28.38 4.18 -12.40
C SER C 157 -28.94 5.57 -12.67
N PRO C 158 -29.75 5.71 -13.73
CA PRO C 158 -30.29 7.04 -13.99
C PRO C 158 -31.20 7.47 -12.83
N GLU C 159 -31.75 6.50 -12.11
CA GLU C 159 -32.61 6.81 -10.99
C GLU C 159 -31.81 7.58 -9.95
N ALA C 160 -30.58 7.15 -9.70
CA ALA C 160 -29.70 7.79 -8.74
C ALA C 160 -29.23 9.16 -9.27
N VAL C 161 -28.88 9.20 -10.55
CA VAL C 161 -28.43 10.42 -11.18
C VAL C 161 -29.46 11.53 -10.99
N TRP C 162 -30.69 11.23 -11.36
CA TRP C 162 -31.76 12.22 -11.26
C TRP C 162 -32.33 12.42 -9.88
N ASP C 163 -32.28 11.39 -9.04
CA ASP C 163 -32.78 11.56 -7.69
C ASP C 163 -31.91 12.66 -7.09
N PHE C 164 -30.60 12.50 -7.22
CA PHE C 164 -29.68 13.49 -6.68
C PHE C 164 -29.83 14.89 -7.26
N TRP C 165 -29.98 14.98 -8.59
CA TRP C 165 -30.14 16.29 -9.21
C TRP C 165 -31.49 16.93 -8.86
N SER C 166 -32.53 16.11 -8.73
CA SER C 166 -33.86 16.63 -8.41
C SER C 166 -33.89 17.26 -7.02
N HIS C 167 -32.96 16.85 -6.15
CA HIS C 167 -32.86 17.39 -4.80
C HIS C 167 -31.75 18.43 -4.72
N SER C 168 -31.10 18.71 -5.84
CA SER C 168 -30.01 19.68 -5.89
C SER C 168 -30.22 20.64 -7.05
N PRO C 169 -31.20 21.54 -6.94
CA PRO C 169 -31.51 22.51 -8.00
C PRO C 169 -30.34 23.37 -8.47
N GLU C 170 -29.29 23.48 -7.66
CA GLU C 170 -28.14 24.28 -8.08
C GLU C 170 -27.43 23.65 -9.28
N SER C 171 -27.77 22.41 -9.60
CA SER C 171 -27.16 21.70 -10.72
C SER C 171 -27.79 21.99 -12.07
N LEU C 172 -28.96 22.64 -12.07
CA LEU C 172 -29.67 22.94 -13.31
C LEU C 172 -28.83 23.59 -14.41
N HIS C 173 -28.04 24.59 -14.04
CA HIS C 173 -27.22 25.29 -15.01
C HIS C 173 -26.25 24.33 -15.71
N GLN C 174 -25.50 23.56 -14.94
CA GLN C 174 -24.54 22.63 -15.52
C GLN C 174 -25.22 21.44 -16.20
N VAL C 175 -26.39 21.04 -15.72
CA VAL C 175 -27.11 19.94 -16.34
C VAL C 175 -27.49 20.38 -17.75
N THR C 176 -27.88 21.64 -17.87
CA THR C 176 -28.26 22.19 -19.17
C THR C 176 -27.07 22.16 -20.12
N ILE C 177 -25.88 22.49 -19.61
CA ILE C 177 -24.68 22.47 -20.43
C ILE C 177 -24.31 21.03 -20.81
N LEU C 178 -24.44 20.13 -19.84
CA LEU C 178 -24.13 18.70 -20.02
C LEU C 178 -25.00 18.10 -21.12
N MET C 179 -26.29 18.44 -21.09
CA MET C 179 -27.24 17.92 -22.06
C MET C 179 -27.29 18.65 -23.41
N SER C 180 -26.54 19.75 -23.54
CA SER C 180 -26.50 20.47 -24.80
C SER C 180 -25.56 19.68 -25.73
N ASP C 181 -25.29 20.20 -26.92
CA ASP C 181 -24.42 19.49 -27.84
C ASP C 181 -23.01 19.36 -27.30
N ARG C 182 -22.55 20.36 -26.56
CA ARG C 182 -21.20 20.35 -26.01
C ARG C 182 -20.95 19.25 -24.99
N GLY C 183 -22.00 18.51 -24.65
CA GLY C 183 -21.89 17.41 -23.71
C GLY C 183 -21.00 16.29 -24.24
N ILE C 184 -20.80 16.26 -25.56
CA ILE C 184 -19.94 15.27 -26.19
C ILE C 184 -19.14 15.94 -27.31
N PRO C 185 -17.90 16.36 -27.00
CA PRO C 185 -17.03 17.03 -27.96
C PRO C 185 -16.61 16.08 -29.08
N LEU C 186 -16.26 16.64 -30.23
CA LEU C 186 -15.80 15.83 -31.35
C LEU C 186 -14.45 15.25 -30.96
N SER C 187 -13.66 16.08 -30.27
CA SER C 187 -12.34 15.67 -29.80
C SER C 187 -11.90 16.65 -28.72
N PHE C 188 -10.83 16.32 -28.01
CA PHE C 188 -10.31 17.18 -26.96
C PHE C 188 -9.85 18.51 -27.54
N ARG C 189 -9.50 18.49 -28.82
CA ARG C 189 -9.02 19.68 -29.52
C ARG C 189 -10.15 20.62 -29.89
N HIS C 190 -11.39 20.14 -29.78
CA HIS C 190 -12.56 20.93 -30.14
C HIS C 190 -13.47 21.33 -29.00
N MET C 191 -12.88 21.59 -27.83
CA MET C 191 -13.64 22.00 -26.66
C MET C 191 -12.86 23.11 -25.97
N HIS C 192 -13.55 23.88 -25.14
CA HIS C 192 -12.87 24.95 -24.41
C HIS C 192 -12.39 24.40 -23.08
N GLY C 193 -11.63 25.23 -22.36
CA GLY C 193 -11.13 24.89 -21.05
C GLY C 193 -11.46 26.06 -20.14
N PHE C 194 -11.78 25.79 -18.88
CA PHE C 194 -12.08 26.87 -17.93
C PHE C 194 -11.54 26.52 -16.57
N GLY C 195 -11.22 27.53 -15.77
CA GLY C 195 -10.77 27.27 -14.42
C GLY C 195 -12.03 27.05 -13.59
N SER C 196 -13.16 27.52 -14.12
CA SER C 196 -14.47 27.44 -13.48
C SER C 196 -14.56 28.35 -12.25
N HIS C 197 -13.76 28.05 -11.23
CA HIS C 197 -13.75 28.85 -10.01
C HIS C 197 -13.15 30.23 -10.25
N THR C 198 -13.52 31.15 -9.36
CA THR C 198 -12.95 32.48 -9.38
C THR C 198 -11.65 32.30 -8.60
N PHE C 199 -10.53 32.75 -9.14
CA PHE C 199 -9.28 32.65 -8.41
C PHE C 199 -8.83 34.05 -8.06
N LYS C 200 -7.72 34.15 -7.35
CA LYS C 200 -7.21 35.44 -6.92
C LYS C 200 -5.85 35.76 -7.52
N TRP C 201 -5.70 36.98 -8.01
CA TRP C 201 -4.43 37.45 -8.55
C TRP C 201 -3.98 38.61 -7.67
N VAL C 202 -2.69 38.66 -7.37
CA VAL C 202 -2.13 39.73 -6.54
C VAL C 202 -0.85 40.20 -7.21
N ASN C 203 -0.73 41.51 -7.43
CA ASN C 203 0.47 42.04 -8.07
C ASN C 203 1.53 42.39 -7.03
N ALA C 204 2.68 42.88 -7.51
CA ALA C 204 3.79 43.22 -6.63
C ALA C 204 3.46 44.27 -5.58
N ALA C 205 2.52 45.17 -5.89
CA ALA C 205 2.13 46.21 -4.95
C ALA C 205 1.13 45.68 -3.93
N GLY C 206 0.69 44.44 -4.09
CA GLY C 206 -0.26 43.88 -3.16
C GLY C 206 -1.70 44.15 -3.55
N GLU C 207 -1.91 44.65 -4.75
CA GLU C 207 -3.28 44.92 -5.21
C GLU C 207 -3.93 43.59 -5.59
N VAL C 208 -5.18 43.44 -5.20
CA VAL C 208 -5.91 42.20 -5.43
C VAL C 208 -6.97 42.22 -6.52
N PHE C 209 -7.03 41.14 -7.29
CA PHE C 209 -8.02 41.00 -8.36
C PHE C 209 -8.60 39.59 -8.36
N PHE C 210 -9.89 39.48 -8.62
CA PHE C 210 -10.52 38.17 -8.71
C PHE C 210 -10.60 37.86 -10.20
N VAL C 211 -10.18 36.67 -10.60
CA VAL C 211 -10.18 36.32 -12.01
C VAL C 211 -10.85 35.01 -12.39
N LYS C 212 -11.17 34.89 -13.67
CA LYS C 212 -11.76 33.68 -14.23
C LYS C 212 -10.95 33.33 -15.47
N TYR C 213 -10.51 32.08 -15.55
CA TYR C 213 -9.71 31.64 -16.69
C TYR C 213 -10.58 31.06 -17.81
N HIS C 214 -10.27 31.44 -19.05
CA HIS C 214 -10.98 30.95 -20.24
C HIS C 214 -9.99 30.50 -21.31
N PHE C 215 -9.96 29.20 -21.58
CA PHE C 215 -9.08 28.68 -22.62
C PHE C 215 -9.97 28.38 -23.82
N LYS C 216 -9.90 29.23 -24.83
CA LYS C 216 -10.72 29.05 -26.02
C LYS C 216 -9.98 28.28 -27.11
N THR C 217 -10.58 27.19 -27.56
CA THR C 217 -9.97 26.36 -28.59
C THR C 217 -9.79 27.07 -29.92
N ASN C 218 -8.57 27.04 -30.45
CA ASN C 218 -8.28 27.69 -31.72
C ASN C 218 -8.71 26.80 -32.89
N GLN C 219 -9.18 25.59 -32.57
CA GLN C 219 -9.64 24.68 -33.61
C GLN C 219 -11.15 24.82 -33.76
N GLY C 220 -11.78 25.51 -32.83
CA GLY C 220 -13.22 25.70 -32.88
C GLY C 220 -14.01 24.61 -32.16
N ILE C 221 -15.20 24.95 -31.71
CA ILE C 221 -16.08 24.03 -31.01
C ILE C 221 -16.78 23.08 -31.99
N LYS C 222 -16.66 21.78 -31.77
CA LYS C 222 -17.33 20.80 -32.63
C LYS C 222 -17.80 19.68 -31.72
N ASN C 223 -19.01 19.17 -31.97
CA ASN C 223 -19.56 18.12 -31.13
C ASN C 223 -20.03 16.92 -31.92
N LEU C 224 -20.40 15.86 -31.20
CA LEU C 224 -20.88 14.63 -31.80
C LEU C 224 -22.37 14.49 -31.47
N GLU C 225 -23.20 14.17 -32.46
CA GLU C 225 -24.61 13.99 -32.19
C GLU C 225 -24.67 12.74 -31.30
N SER C 226 -25.66 12.67 -30.43
CA SER C 226 -25.79 11.54 -29.51
C SER C 226 -25.70 10.16 -30.16
N GLN C 227 -26.43 9.97 -31.25
CA GLN C 227 -26.42 8.68 -31.94
C GLN C 227 -25.03 8.25 -32.40
N LEU C 228 -24.35 9.14 -33.10
CA LEU C 228 -23.01 8.84 -33.60
C LEU C 228 -22.07 8.51 -32.44
N ALA C 229 -22.14 9.30 -31.38
CA ALA C 229 -21.28 9.10 -30.21
C ALA C 229 -21.45 7.68 -29.66
N GLU C 230 -22.68 7.20 -29.59
CA GLU C 230 -22.95 5.87 -29.10
C GLU C 230 -22.33 4.85 -30.05
N GLU C 231 -22.43 5.12 -31.35
CA GLU C 231 -21.86 4.24 -32.36
C GLU C 231 -20.35 4.17 -32.18
N ILE C 232 -19.72 5.34 -32.07
CA ILE C 232 -18.28 5.39 -31.90
C ILE C 232 -17.83 4.75 -30.59
N ALA C 233 -18.69 4.80 -29.56
CA ALA C 233 -18.38 4.20 -28.28
C ALA C 233 -18.15 2.70 -28.44
N GLY C 234 -18.80 2.13 -29.46
CA GLY C 234 -18.63 0.70 -29.72
C GLY C 234 -17.53 0.46 -30.74
N LYS C 235 -17.55 1.20 -31.84
CA LYS C 235 -16.55 1.01 -32.88
C LYS C 235 -15.14 1.41 -32.46
N ASN C 236 -15.01 2.43 -31.62
CA ASN C 236 -13.69 2.87 -31.17
C ASN C 236 -13.72 3.57 -29.82
N PRO C 237 -13.61 2.80 -28.73
CA PRO C 237 -13.64 3.39 -27.39
C PRO C 237 -12.53 4.37 -27.04
N ASP C 238 -11.47 4.42 -27.85
CA ASP C 238 -10.37 5.34 -27.57
C ASP C 238 -10.30 6.43 -28.64
N PHE C 239 -11.46 6.75 -29.20
CA PHE C 239 -11.58 7.75 -30.25
C PHE C 239 -10.89 9.10 -29.95
N HIS C 240 -11.12 9.65 -28.76
CA HIS C 240 -10.52 10.93 -28.40
C HIS C 240 -9.03 10.83 -28.12
N ILE C 241 -8.60 9.73 -27.50
CA ILE C 241 -7.19 9.54 -27.21
C ILE C 241 -6.42 9.42 -28.51
N GLU C 242 -6.95 8.62 -29.42
CA GLU C 242 -6.31 8.41 -30.72
C GLU C 242 -6.24 9.73 -31.49
N ASP C 243 -7.33 10.48 -31.48
CA ASP C 243 -7.36 11.75 -32.19
C ASP C 243 -6.27 12.72 -31.73
N LEU C 244 -6.10 12.85 -30.43
CA LEU C 244 -5.09 13.77 -29.90
C LEU C 244 -3.69 13.31 -30.34
N HIS C 245 -3.45 12.01 -30.22
CA HIS C 245 -2.16 11.47 -30.60
C HIS C 245 -1.85 11.64 -32.08
N ASN C 246 -2.79 11.27 -32.94
CA ASN C 246 -2.59 11.40 -34.38
C ASN C 246 -2.36 12.85 -34.80
N ALA C 247 -3.14 13.76 -34.23
CA ALA C 247 -3.01 15.17 -34.56
C ALA C 247 -1.61 15.68 -34.28
N ILE C 248 -1.07 15.32 -33.12
CA ILE C 248 0.26 15.77 -32.75
C ILE C 248 1.35 15.07 -33.58
N GLU C 249 1.13 13.79 -33.89
CA GLU C 249 2.10 13.07 -34.69
C GLU C 249 2.11 13.62 -36.11
N ASN C 250 0.95 14.13 -36.56
CA ASN C 250 0.83 14.72 -37.90
C ASN C 250 1.21 16.20 -37.91
N GLN C 251 1.68 16.68 -36.76
CA GLN C 251 2.09 18.06 -36.61
C GLN C 251 0.96 19.09 -36.74
N GLU C 252 -0.24 18.67 -36.40
CA GLU C 252 -1.40 19.56 -36.39
C GLU C 252 -1.62 19.92 -34.92
N PHE C 253 -0.63 20.59 -34.36
CA PHE C 253 -0.64 20.99 -32.95
C PHE C 253 -1.86 21.81 -32.54
N PRO C 254 -2.68 21.26 -31.63
CA PRO C 254 -3.86 22.00 -31.19
C PRO C 254 -3.43 23.11 -30.23
N SER C 255 -4.14 24.23 -30.27
CA SER C 255 -3.80 25.33 -29.39
C SER C 255 -5.05 25.96 -28.79
N TRP C 256 -4.86 26.71 -27.72
CA TRP C 256 -5.95 27.40 -27.04
C TRP C 256 -5.48 28.80 -26.70
N THR C 257 -6.37 29.77 -26.81
CA THR C 257 -6.04 31.13 -26.48
C THR C 257 -6.59 31.37 -25.08
N LEU C 258 -5.71 31.70 -24.15
CA LEU C 258 -6.15 31.96 -22.81
C LEU C 258 -6.37 33.45 -22.57
N SER C 259 -7.54 33.76 -22.03
CA SER C 259 -7.85 35.14 -21.67
C SER C 259 -8.57 35.07 -20.34
N VAL C 260 -8.50 36.15 -19.57
CA VAL C 260 -9.13 36.15 -18.28
C VAL C 260 -10.13 37.29 -18.11
N GLN C 261 -11.01 37.11 -17.13
CA GLN C 261 -11.97 38.13 -16.76
C GLN C 261 -11.32 38.66 -15.49
N ILE C 262 -11.16 39.97 -15.39
CA ILE C 262 -10.53 40.57 -14.22
C ILE C 262 -11.46 41.46 -13.44
N ILE C 263 -11.71 41.10 -12.19
CA ILE C 263 -12.58 41.86 -11.31
C ILE C 263 -11.82 42.41 -10.11
N PRO C 264 -11.64 43.73 -10.03
CA PRO C 264 -10.91 44.34 -8.91
C PRO C 264 -11.59 44.00 -7.58
N TYR C 265 -10.79 43.74 -6.55
CA TYR C 265 -11.28 43.38 -5.20
C TYR C 265 -12.54 44.15 -4.82
N ALA C 266 -12.46 45.48 -4.86
CA ALA C 266 -13.58 46.34 -4.48
C ALA C 266 -14.87 46.04 -5.24
N ASP C 267 -14.77 45.68 -6.51
CA ASP C 267 -15.94 45.36 -7.31
C ASP C 267 -16.71 44.16 -6.76
N ALA C 268 -15.99 43.25 -6.11
CA ALA C 268 -16.58 42.04 -5.56
C ALA C 268 -17.61 42.27 -4.44
N LEU C 269 -17.57 43.44 -3.82
CA LEU C 269 -18.48 43.74 -2.73
C LEU C 269 -19.96 43.51 -3.05
N THR C 270 -20.33 43.64 -4.32
CA THR C 270 -21.73 43.43 -4.71
C THR C 270 -21.95 42.04 -5.34
N MET C 271 -20.87 41.28 -5.54
CA MET C 271 -20.98 39.99 -6.20
C MET C 271 -20.58 38.71 -5.46
N LYS C 272 -20.34 38.77 -4.15
CA LYS C 272 -19.91 37.56 -3.45
C LYS C 272 -20.78 36.35 -3.78
N GLU C 273 -22.10 36.53 -3.77
CA GLU C 273 -23.03 35.45 -4.06
C GLU C 273 -22.84 34.84 -5.46
N THR C 274 -22.35 35.63 -6.40
CA THR C 274 -22.14 35.14 -7.75
C THR C 274 -20.71 34.65 -7.93
N LEU C 275 -19.78 35.52 -7.57
CA LEU C 275 -18.35 35.26 -7.70
C LEU C 275 -17.89 33.96 -7.02
N PHE C 276 -18.40 33.67 -5.82
CA PHE C 276 -17.95 32.47 -5.12
C PHE C 276 -18.83 31.22 -5.25
N ASP C 277 -19.84 31.30 -6.10
CA ASP C 277 -20.75 30.18 -6.35
C ASP C 277 -20.40 29.64 -7.74
N VAL C 278 -19.74 28.50 -7.76
CA VAL C 278 -19.29 27.87 -8.99
C VAL C 278 -20.39 27.34 -9.92
N THR C 279 -21.65 27.54 -9.56
CA THR C 279 -22.74 27.11 -10.43
C THR C 279 -23.19 28.33 -11.24
N LYS C 280 -22.42 29.42 -11.15
CA LYS C 280 -22.72 30.65 -11.87
C LYS C 280 -21.53 31.22 -12.60
N THR C 281 -21.81 32.04 -13.60
CA THR C 281 -20.77 32.67 -14.39
C THR C 281 -20.83 34.17 -14.19
N VAL C 282 -19.75 34.86 -14.52
CA VAL C 282 -19.70 36.32 -14.39
C VAL C 282 -19.91 36.93 -15.79
N SER C 283 -20.86 37.87 -15.90
CA SER C 283 -21.16 38.52 -17.16
C SER C 283 -19.93 38.97 -17.95
N GLN C 284 -19.86 38.56 -19.20
CA GLN C 284 -18.73 38.95 -20.04
C GLN C 284 -18.87 40.37 -20.59
N LYS C 285 -20.09 40.90 -20.61
CA LYS C 285 -20.31 42.28 -21.06
C LYS C 285 -19.75 43.20 -19.97
N GLU C 286 -20.05 42.87 -18.72
CA GLU C 286 -19.56 43.66 -17.59
C GLU C 286 -18.05 43.49 -17.47
N TYR C 287 -17.59 42.27 -17.62
CA TYR C 287 -16.15 41.97 -17.52
C TYR C 287 -15.70 41.14 -18.72
N PRO C 288 -15.32 41.82 -19.82
CA PRO C 288 -14.88 41.15 -21.04
C PRO C 288 -13.56 40.37 -20.89
N LEU C 289 -13.35 39.44 -21.79
CA LEU C 289 -12.15 38.63 -21.79
C LEU C 289 -10.95 39.48 -22.17
N ILE C 290 -9.85 39.24 -21.47
CA ILE C 290 -8.60 39.93 -21.71
C ILE C 290 -7.60 38.84 -22.05
N GLU C 291 -7.05 38.89 -23.26
CA GLU C 291 -6.11 37.87 -23.70
C GLU C 291 -4.81 37.84 -22.90
N VAL C 292 -4.36 36.64 -22.58
CA VAL C 292 -3.13 36.45 -21.81
C VAL C 292 -2.05 35.79 -22.65
N GLY C 293 -2.39 34.70 -23.31
CA GLY C 293 -1.41 34.01 -24.12
C GLY C 293 -1.97 32.80 -24.84
N THR C 294 -1.08 31.98 -25.37
CA THR C 294 -1.49 30.80 -26.11
C THR C 294 -0.87 29.51 -25.61
N MET C 295 -1.71 28.49 -25.49
CA MET C 295 -1.27 27.17 -25.06
C MET C 295 -1.22 26.28 -26.30
N THR C 296 -0.11 25.59 -26.50
CA THR C 296 0.03 24.70 -27.63
C THR C 296 0.55 23.33 -27.20
N LEU C 297 -0.12 22.27 -27.67
CA LEU C 297 0.30 20.90 -27.36
C LEU C 297 1.06 20.44 -28.59
N ASN C 298 2.34 20.09 -28.42
CA ASN C 298 3.15 19.71 -29.57
C ASN C 298 4.00 18.46 -29.40
N ARG C 299 3.75 17.66 -28.37
CA ARG C 299 4.55 16.46 -28.17
C ARG C 299 3.81 15.39 -27.39
N ASN C 300 3.75 14.19 -27.96
CA ASN C 300 3.08 13.06 -27.33
C ASN C 300 3.98 12.47 -26.25
N PRO C 301 3.38 11.76 -25.28
CA PRO C 301 4.13 11.15 -24.19
C PRO C 301 5.13 10.10 -24.68
N GLU C 302 6.15 9.85 -23.88
CA GLU C 302 7.16 8.83 -24.20
C GLU C 302 6.55 7.49 -23.80
N ASN C 303 5.85 7.48 -22.67
CA ASN C 303 5.19 6.30 -22.14
C ASN C 303 3.93 6.78 -21.43
N TYR C 304 2.78 6.20 -21.80
CA TYR C 304 1.50 6.60 -21.22
C TYR C 304 1.40 6.43 -19.71
N PHE C 305 1.72 5.24 -19.21
CA PHE C 305 1.64 4.97 -17.78
C PHE C 305 2.52 5.92 -16.96
N ALA C 306 3.79 6.03 -17.34
CA ALA C 306 4.73 6.87 -16.63
C ALA C 306 4.37 8.34 -16.57
N GLU C 307 3.79 8.85 -17.65
CA GLU C 307 3.43 10.26 -17.72
C GLU C 307 1.95 10.59 -17.52
N VAL C 308 1.09 10.00 -18.34
CA VAL C 308 -0.33 10.28 -18.25
C VAL C 308 -1.03 9.69 -17.03
N GLU C 309 -0.71 8.45 -16.69
CA GLU C 309 -1.34 7.82 -15.55
C GLU C 309 -0.80 8.31 -14.22
N GLN C 310 0.51 8.53 -14.15
CA GLN C 310 1.14 8.97 -12.90
C GLN C 310 1.21 10.45 -12.61
N VAL C 311 0.83 11.30 -13.58
CA VAL C 311 0.89 12.73 -13.32
C VAL C 311 -0.09 13.10 -12.20
N THR C 312 0.28 14.08 -11.39
CA THR C 312 -0.55 14.54 -10.29
C THR C 312 -0.81 16.05 -10.37
N PHE C 313 -2.07 16.43 -10.45
CA PHE C 313 -2.46 17.83 -10.52
C PHE C 313 -3.21 18.23 -9.24
N SER C 314 -3.12 19.51 -8.89
CA SER C 314 -3.85 20.01 -7.73
C SER C 314 -4.14 21.49 -7.87
N PRO C 315 -5.41 21.89 -7.66
CA PRO C 315 -5.78 23.30 -7.75
C PRO C 315 -5.05 24.09 -6.68
N GLY C 316 -4.55 23.37 -5.67
CA GLY C 316 -3.83 23.98 -4.58
C GLY C 316 -2.37 24.20 -4.89
N ASN C 317 -1.93 23.81 -6.08
CA ASN C 317 -0.53 24.00 -6.47
C ASN C 317 -0.42 25.40 -7.07
N PHE C 318 -0.39 26.40 -6.20
CA PHE C 318 -0.28 27.78 -6.62
C PHE C 318 1.17 28.21 -6.72
N VAL C 319 1.38 29.38 -7.34
CA VAL C 319 2.70 29.98 -7.45
C VAL C 319 2.47 31.41 -6.98
N PRO C 320 3.53 32.09 -6.50
CA PRO C 320 3.35 33.47 -6.04
C PRO C 320 2.59 34.34 -7.05
N GLY C 321 1.57 35.04 -6.58
CA GLY C 321 0.78 35.89 -7.45
C GLY C 321 -0.60 35.34 -7.74
N ILE C 322 -0.79 34.04 -7.52
CA ILE C 322 -2.08 33.39 -7.76
C ILE C 322 -2.50 32.71 -6.47
N GLU C 323 -3.71 33.00 -6.00
CA GLU C 323 -4.19 32.44 -4.75
C GLU C 323 -5.63 31.97 -4.82
N ALA C 324 -6.07 31.32 -3.76
CA ALA C 324 -7.43 30.79 -3.68
C ALA C 324 -8.47 31.85 -3.32
N SER C 325 -9.72 31.58 -3.70
CA SER C 325 -10.81 32.47 -3.37
C SER C 325 -11.66 31.69 -2.37
N PRO C 326 -12.65 32.34 -1.73
CA PRO C 326 -13.51 31.66 -0.75
C PRO C 326 -14.56 30.70 -1.34
N ASP C 327 -14.46 30.39 -2.64
CA ASP C 327 -15.37 29.46 -3.29
C ASP C 327 -15.31 28.15 -2.48
N LYS C 328 -16.44 27.76 -1.88
CA LYS C 328 -16.45 26.55 -1.06
C LYS C 328 -16.07 25.26 -1.75
N LEU C 329 -16.43 25.12 -3.02
CA LEU C 329 -16.09 23.92 -3.76
C LEU C 329 -14.57 23.89 -3.96
N LEU C 330 -14.01 25.03 -4.35
CA LEU C 330 -12.57 25.14 -4.55
C LEU C 330 -11.84 24.82 -3.24
N GLN C 331 -12.33 25.40 -2.15
CA GLN C 331 -11.74 25.21 -0.83
C GLN C 331 -11.55 23.73 -0.50
N GLY C 332 -12.59 22.93 -0.73
CA GLY C 332 -12.50 21.50 -0.47
C GLY C 332 -11.47 20.83 -1.37
N ARG C 333 -11.41 21.27 -2.63
CA ARG C 333 -10.45 20.69 -3.58
C ARG C 333 -9.01 20.94 -3.13
N LEU C 334 -8.78 22.04 -2.41
CA LEU C 334 -7.43 22.35 -1.95
C LEU C 334 -6.89 21.22 -1.10
N PHE C 335 -7.77 20.51 -0.40
CA PHE C 335 -7.35 19.38 0.42
C PHE C 335 -7.36 18.08 -0.38
N ALA C 336 -8.48 17.81 -1.02
CA ALA C 336 -8.72 16.59 -1.78
C ALA C 336 -7.63 16.04 -2.72
N TYR C 337 -7.10 16.88 -3.59
CA TYR C 337 -6.09 16.42 -4.56
C TYR C 337 -4.79 15.91 -3.96
N GLY C 338 -4.15 16.72 -3.13
CA GLY C 338 -2.92 16.27 -2.52
C GLY C 338 -3.16 14.95 -1.78
N ASP C 339 -4.31 14.85 -1.11
CA ASP C 339 -4.65 13.65 -0.39
C ASP C 339 -4.83 12.47 -1.35
N ALA C 340 -5.50 12.72 -2.46
CA ALA C 340 -5.72 11.67 -3.46
C ALA C 340 -4.39 11.16 -4.03
N HIS C 341 -3.46 12.08 -4.28
CA HIS C 341 -2.15 11.74 -4.83
C HIS C 341 -1.39 10.78 -3.93
N ARG C 342 -1.45 11.03 -2.63
CA ARG C 342 -0.72 10.21 -1.66
C ARG C 342 -1.23 8.78 -1.62
N HIS C 343 -2.52 8.59 -1.87
CA HIS C 343 -3.09 7.25 -1.90
C HIS C 343 -2.86 6.55 -3.24
N ARG C 344 -3.15 7.27 -4.32
CA ARG C 344 -3.05 6.72 -5.66
C ARG C 344 -1.63 6.48 -6.19
N VAL C 345 -0.72 7.42 -5.93
CA VAL C 345 0.65 7.30 -6.40
C VAL C 345 1.61 7.07 -5.24
N GLY C 346 1.52 7.90 -4.22
CA GLY C 346 2.40 7.73 -3.08
C GLY C 346 2.88 9.04 -2.50
N ALA C 347 3.44 8.97 -1.30
CA ALA C 347 3.93 10.15 -0.62
C ALA C 347 4.98 10.89 -1.45
N ASN C 348 5.76 10.15 -2.22
CA ASN C 348 6.82 10.75 -3.02
C ASN C 348 6.54 10.87 -4.51
N SER C 349 5.27 11.03 -4.86
CA SER C 349 4.87 11.17 -6.26
C SER C 349 5.52 12.37 -6.93
N HIS C 350 5.89 13.39 -6.15
CA HIS C 350 6.49 14.59 -6.71
C HIS C 350 7.88 14.31 -7.27
N GLN C 351 8.44 13.15 -6.93
CA GLN C 351 9.77 12.81 -7.43
C GLN C 351 9.74 12.12 -8.79
N LEU C 352 8.56 11.71 -9.23
CA LEU C 352 8.46 11.07 -10.54
C LEU C 352 8.69 12.16 -11.59
N PRO C 353 9.44 11.85 -12.67
CA PRO C 353 9.74 12.81 -13.73
C PRO C 353 8.60 13.73 -14.16
N ILE C 354 7.45 13.18 -14.51
CA ILE C 354 6.33 14.01 -14.94
C ILE C 354 5.87 15.00 -13.87
N ASN C 355 6.11 14.70 -12.60
CA ASN C 355 5.67 15.59 -11.53
C ASN C 355 6.75 16.48 -10.94
N GLN C 356 8.00 16.27 -11.35
CA GLN C 356 9.09 17.08 -10.84
C GLN C 356 8.96 18.55 -11.19
N ALA C 357 9.38 19.41 -10.28
CA ALA C 357 9.31 20.84 -10.53
C ALA C 357 10.52 21.25 -11.35
N LYS C 358 10.37 22.28 -12.15
CA LYS C 358 11.50 22.78 -12.93
C LYS C 358 12.29 23.59 -11.92
N ALA C 359 11.58 24.36 -11.11
CA ALA C 359 12.19 25.17 -10.08
C ALA C 359 12.75 24.27 -8.99
N PRO C 360 13.82 24.71 -8.32
CA PRO C 360 14.41 23.90 -7.25
C PRO C 360 13.46 23.59 -6.10
N VAL C 361 13.59 22.38 -5.55
CA VAL C 361 12.76 21.94 -4.43
C VAL C 361 13.68 21.81 -3.21
N ASN C 362 13.46 22.64 -2.20
CA ASN C 362 14.26 22.63 -0.98
C ASN C 362 13.35 22.56 0.24
N ASN C 363 13.34 21.38 0.85
CA ASN C 363 12.49 21.02 1.99
C ASN C 363 13.21 20.35 3.14
N TYR C 364 12.41 20.02 4.14
CA TYR C 364 12.85 19.31 5.32
C TYR C 364 12.00 18.04 5.32
N GLN C 365 11.23 17.86 4.25
CA GLN C 365 10.38 16.68 4.10
C GLN C 365 11.32 15.53 3.80
N LYS C 366 11.10 14.39 4.45
CA LYS C 366 12.00 13.26 4.28
C LYS C 366 11.34 11.89 4.21
N ASP C 367 12.12 10.93 3.73
CA ASP C 367 11.72 9.53 3.64
C ASP C 367 10.41 9.24 2.91
N GLY C 368 9.70 8.23 3.40
CA GLY C 368 8.45 7.85 2.76
C GLY C 368 8.74 6.73 1.77
N ASN C 369 7.71 6.04 1.32
CA ASN C 369 7.89 4.92 0.39
C ASN C 369 8.53 5.32 -0.95
N MET C 370 9.42 4.46 -1.44
CA MET C 370 10.10 4.67 -2.72
C MET C 370 10.69 6.09 -2.84
N ARG C 371 11.47 6.47 -1.83
CA ARG C 371 12.09 7.79 -1.84
C ARG C 371 13.33 7.71 -2.73
N PHE C 372 13.25 8.35 -3.88
CA PHE C 372 14.35 8.34 -4.83
C PHE C 372 15.49 9.27 -4.45
N ASN C 373 15.18 10.32 -3.70
CA ASN C 373 16.21 11.27 -3.31
C ASN C 373 15.94 11.91 -1.96
N ASN C 374 16.81 11.64 -0.99
CA ASN C 374 16.68 12.19 0.34
C ASN C 374 17.71 13.27 0.58
N GLY C 375 18.68 13.38 -0.33
CA GLY C 375 19.70 14.40 -0.18
C GLY C 375 20.96 14.05 0.60
N ASN C 376 21.69 15.11 0.96
CA ASN C 376 22.97 15.06 1.66
C ASN C 376 22.91 15.48 3.12
N SER C 377 22.18 16.56 3.34
CA SER C 377 22.05 17.21 4.64
C SER C 377 21.76 16.37 5.88
N GLU C 378 22.36 16.77 7.00
CA GLU C 378 22.14 16.12 8.27
C GLU C 378 21.04 16.93 8.95
N ILE C 379 20.73 18.09 8.36
CA ILE C 379 19.73 18.99 8.93
C ILE C 379 18.36 18.92 8.29
N ASN C 380 17.44 18.26 8.99
CA ASN C 380 16.08 18.07 8.50
C ASN C 380 15.01 18.75 9.38
N TYR C 381 15.39 19.83 10.06
CA TYR C 381 14.46 20.56 10.93
C TYR C 381 14.72 22.06 10.77
N GLU C 382 13.70 22.87 11.01
CA GLU C 382 13.80 24.32 10.90
C GLU C 382 12.84 24.87 11.96
N PRO C 383 13.24 25.92 12.70
CA PRO C 383 14.49 26.69 12.66
C PRO C 383 15.72 25.88 13.04
N ASN C 384 16.86 26.30 12.51
CA ASN C 384 18.14 25.67 12.80
C ASN C 384 19.22 26.76 12.75
N SER C 385 20.42 26.43 13.18
CA SER C 385 21.51 27.40 13.21
C SER C 385 22.42 27.34 11.99
N TYR C 386 21.90 26.81 10.88
CA TYR C 386 22.68 26.69 9.66
C TYR C 386 22.11 27.58 8.56
N THR C 387 22.70 28.76 8.45
CA THR C 387 22.32 29.79 7.49
C THR C 387 22.11 29.30 6.05
N GLU C 388 22.87 28.28 5.67
CA GLU C 388 22.82 27.67 4.34
C GLU C 388 21.51 26.93 4.00
N THR C 389 20.83 26.40 5.00
CA THR C 389 19.60 25.63 4.79
C THR C 389 18.40 26.49 4.37
N PRO C 390 17.43 25.88 3.69
CA PRO C 390 16.22 26.57 3.22
C PRO C 390 15.44 27.30 4.30
N LYS C 391 15.06 28.53 3.99
CA LYS C 391 14.33 29.38 4.93
C LYS C 391 13.09 29.94 4.25
N GLU C 392 12.08 30.27 5.04
CA GLU C 392 10.84 30.83 4.51
C GLU C 392 11.13 32.13 3.77
N ASP C 393 10.22 32.48 2.85
CA ASP C 393 10.34 33.71 2.07
C ASP C 393 9.07 34.51 2.37
N PRO C 394 9.12 35.40 3.38
CA PRO C 394 7.99 36.25 3.81
C PRO C 394 7.29 36.91 2.63
N THR C 395 8.07 37.15 1.59
CA THR C 395 7.59 37.77 0.37
C THR C 395 6.47 36.96 -0.29
N ALA C 396 6.47 35.66 -0.06
CA ALA C 396 5.46 34.79 -0.66
C ALA C 396 4.17 34.63 0.16
N LYS C 397 4.06 35.28 1.31
CA LYS C 397 2.83 35.16 2.11
C LYS C 397 1.63 35.55 1.24
N ILE C 398 0.49 34.91 1.44
CA ILE C 398 -0.69 35.25 0.65
C ILE C 398 -1.26 36.59 1.13
N SER C 399 -2.05 37.25 0.29
CA SER C 399 -2.62 38.53 0.67
C SER C 399 -3.69 38.27 1.72
N SER C 400 -3.69 39.08 2.77
CA SER C 400 -4.65 38.92 3.83
C SER C 400 -5.97 39.55 3.42
N PHE C 401 -7.07 38.96 3.88
CA PHE C 401 -8.38 39.51 3.58
C PHE C 401 -9.22 39.40 4.83
N GLU C 402 -10.22 40.26 4.94
CA GLU C 402 -11.07 40.28 6.12
C GLU C 402 -12.06 39.13 6.26
N VAL C 403 -12.25 38.70 7.50
CA VAL C 403 -13.20 37.64 7.80
C VAL C 403 -14.28 38.28 8.68
N GLU C 404 -15.54 37.89 8.48
CA GLU C 404 -16.68 38.47 9.20
C GLU C 404 -17.67 37.44 9.76
N GLY C 405 -18.44 37.85 10.77
CA GLY C 405 -19.47 36.99 11.33
C GLY C 405 -19.04 35.83 12.21
N ASN C 406 -19.82 34.75 12.17
CA ASN C 406 -19.57 33.57 12.98
C ASN C 406 -19.10 32.36 12.21
N VAL C 407 -18.37 31.49 12.91
CA VAL C 407 -17.93 30.24 12.34
C VAL C 407 -19.25 29.46 12.29
N GLY C 408 -19.55 28.84 11.17
CA GLY C 408 -20.79 28.10 11.08
C GLY C 408 -21.02 27.40 9.75
N ASN C 409 -22.20 26.79 9.63
CA ASN C 409 -22.58 26.08 8.42
C ASN C 409 -23.55 26.97 7.65
N TYR C 410 -23.03 27.73 6.70
CA TYR C 410 -23.86 28.63 5.92
C TYR C 410 -24.30 28.05 4.58
N SER C 411 -25.51 28.41 4.16
CA SER C 411 -26.05 27.96 2.87
C SER C 411 -25.82 29.05 1.82
N TYR C 412 -25.69 28.66 0.56
CA TYR C 412 -25.52 29.63 -0.52
C TYR C 412 -26.86 30.13 -1.02
N ASN C 413 -26.75 30.98 -2.04
CA ASN C 413 -27.81 31.64 -2.78
C ASN C 413 -28.88 30.64 -3.31
N GLN C 414 -30.09 31.12 -3.59
CA GLN C 414 -31.13 30.23 -4.11
C GLN C 414 -31.52 30.50 -5.56
N ASP C 415 -30.75 31.36 -6.22
CA ASP C 415 -30.98 31.70 -7.61
C ASP C 415 -30.40 30.60 -8.48
N HIS C 416 -31.13 29.49 -8.59
CA HIS C 416 -30.69 28.35 -9.38
C HIS C 416 -31.21 28.36 -10.80
N PHE C 417 -32.10 29.30 -11.11
CA PHE C 417 -32.74 29.30 -12.42
C PHE C 417 -32.38 30.33 -13.48
N THR C 418 -32.08 31.55 -13.05
CA THR C 418 -31.78 32.62 -13.98
C THR C 418 -30.74 32.34 -15.06
N GLN C 419 -29.52 31.93 -14.68
CA GLN C 419 -28.50 31.67 -15.68
C GLN C 419 -28.79 30.48 -16.58
N ALA C 420 -29.47 29.47 -16.05
CA ALA C 420 -29.80 28.31 -16.86
C ALA C 420 -30.80 28.76 -17.93
N ASN C 421 -31.71 29.63 -17.55
CA ASN C 421 -32.71 30.15 -18.49
C ASN C 421 -32.05 30.98 -19.58
N ALA C 422 -31.07 31.79 -19.20
CA ALA C 422 -30.36 32.63 -20.16
C ALA C 422 -29.71 31.74 -21.20
N LEU C 423 -29.11 30.64 -20.76
CA LEU C 423 -28.47 29.69 -21.67
C LEU C 423 -29.52 29.02 -22.54
N TYR C 424 -30.60 28.58 -21.93
CA TYR C 424 -31.67 27.93 -22.66
C TYR C 424 -32.19 28.85 -23.78
N ASN C 425 -32.26 30.14 -23.51
CA ASN C 425 -32.75 31.08 -24.51
C ASN C 425 -31.75 31.35 -25.63
N LEU C 426 -30.47 31.12 -25.37
CA LEU C 426 -29.43 31.35 -26.38
C LEU C 426 -29.22 30.19 -27.34
N LEU C 427 -29.70 29.01 -26.98
CA LEU C 427 -29.53 27.84 -27.82
C LEU C 427 -30.39 27.89 -29.09
N PRO C 428 -29.78 27.62 -30.25
CA PRO C 428 -30.54 27.62 -31.51
C PRO C 428 -31.54 26.46 -31.48
N SER C 429 -32.67 26.64 -32.18
CA SER C 429 -33.73 25.64 -32.20
C SER C 429 -33.28 24.18 -32.32
N GLU C 430 -32.34 23.91 -33.22
CA GLU C 430 -31.86 22.54 -33.44
C GLU C 430 -31.13 21.99 -32.22
N GLU C 431 -30.38 22.84 -31.52
CA GLU C 431 -29.69 22.37 -30.33
C GLU C 431 -30.66 22.19 -29.17
N LYS C 432 -31.72 22.99 -29.14
CA LYS C 432 -32.72 22.86 -28.09
C LYS C 432 -33.43 21.52 -28.19
N GLU C 433 -33.74 21.11 -29.42
CA GLU C 433 -34.41 19.84 -29.63
C GLU C 433 -33.50 18.73 -29.07
N ASN C 434 -32.19 18.86 -29.31
CA ASN C 434 -31.22 17.88 -28.84
C ASN C 434 -31.16 17.88 -27.31
N LEU C 435 -31.14 19.09 -26.74
CA LEU C 435 -31.10 19.27 -25.30
C LEU C 435 -32.27 18.52 -24.66
N ILE C 436 -33.47 18.74 -25.19
CA ILE C 436 -34.67 18.08 -24.68
C ILE C 436 -34.61 16.57 -24.86
N ASN C 437 -34.23 16.13 -26.05
CA ASN C 437 -34.16 14.71 -26.31
C ASN C 437 -33.11 14.02 -25.45
N ASN C 438 -31.99 14.71 -25.21
CA ASN C 438 -30.94 14.14 -24.38
C ASN C 438 -31.47 13.94 -22.95
N ILE C 439 -32.18 14.95 -22.45
CA ILE C 439 -32.74 14.85 -21.11
C ILE C 439 -33.81 13.77 -21.06
N ALA C 440 -34.71 13.77 -22.03
CA ALA C 440 -35.78 12.77 -22.09
C ALA C 440 -35.24 11.35 -22.07
N ALA C 441 -34.23 11.10 -22.89
CA ALA C 441 -33.62 9.77 -22.98
C ALA C 441 -33.06 9.31 -21.65
N SER C 442 -32.57 10.25 -20.85
CA SER C 442 -31.99 9.93 -19.56
C SER C 442 -33.03 9.94 -18.44
N LEU C 443 -33.69 11.07 -18.24
CA LEU C 443 -34.69 11.19 -17.20
C LEU C 443 -35.85 10.21 -17.44
N GLY C 444 -36.09 9.91 -18.71
CA GLY C 444 -37.16 8.98 -19.07
C GLY C 444 -36.95 7.56 -18.57
N GLN C 445 -35.72 7.23 -18.18
CA GLN C 445 -35.42 5.89 -17.68
C GLN C 445 -35.72 5.74 -16.20
N VAL C 446 -35.99 6.85 -15.53
CA VAL C 446 -36.30 6.83 -14.11
C VAL C 446 -37.67 6.20 -13.87
N LYS C 447 -37.78 5.41 -12.80
CA LYS C 447 -39.01 4.72 -12.44
C LYS C 447 -39.86 5.51 -11.47
N ASN C 448 -39.21 6.08 -10.46
CA ASN C 448 -39.89 6.86 -9.44
C ASN C 448 -40.51 8.11 -10.06
N GLN C 449 -41.82 8.07 -10.28
CA GLN C 449 -42.55 9.19 -10.86
C GLN C 449 -42.37 10.47 -10.04
N GLU C 450 -42.17 10.33 -8.75
CA GLU C 450 -41.97 11.48 -7.89
C GLU C 450 -40.66 12.20 -8.20
N ILE C 451 -39.65 11.44 -8.64
CA ILE C 451 -38.36 12.03 -8.98
C ILE C 451 -38.50 12.79 -10.29
N ILE C 452 -39.17 12.18 -11.27
CA ILE C 452 -39.37 12.82 -12.56
C ILE C 452 -40.15 14.13 -12.43
N ALA C 453 -41.22 14.08 -11.63
CA ALA C 453 -42.07 15.26 -11.41
C ALA C 453 -41.27 16.38 -10.74
N ARG C 454 -40.52 16.05 -9.70
CA ARG C 454 -39.72 17.05 -8.99
C ARG C 454 -38.75 17.70 -9.98
N GLN C 455 -38.11 16.88 -10.82
CA GLN C 455 -37.15 17.40 -11.78
C GLN C 455 -37.83 18.27 -12.84
N ILE C 456 -38.96 17.81 -13.33
CA ILE C 456 -39.68 18.58 -14.33
C ILE C 456 -40.14 19.92 -13.78
N ASP C 457 -40.55 19.95 -12.51
CA ASP C 457 -40.97 21.21 -11.90
C ASP C 457 -39.75 22.14 -11.87
N LEU C 458 -38.57 21.56 -11.69
CA LEU C 458 -37.33 22.33 -11.65
C LEU C 458 -37.07 22.96 -13.02
N PHE C 459 -37.21 22.17 -14.08
CA PHE C 459 -36.98 22.68 -15.42
C PHE C 459 -38.02 23.75 -15.75
N THR C 460 -39.26 23.50 -15.32
CA THR C 460 -40.33 24.44 -15.55
C THR C 460 -39.99 25.78 -14.89
N ARG C 461 -39.34 25.73 -13.74
CA ARG C 461 -38.96 26.95 -13.04
C ARG C 461 -37.84 27.69 -13.77
N VAL C 462 -37.07 26.98 -14.59
CA VAL C 462 -36.00 27.62 -15.35
C VAL C 462 -36.70 28.39 -16.47
N ASN C 463 -37.61 27.69 -17.15
CA ASN C 463 -38.38 28.23 -18.25
C ASN C 463 -39.57 27.30 -18.46
N PRO C 464 -40.80 27.85 -18.50
CA PRO C 464 -42.01 27.04 -18.67
C PRO C 464 -41.93 26.10 -19.87
N GLU C 465 -41.39 26.61 -20.97
CA GLU C 465 -41.24 25.83 -22.20
C GLU C 465 -40.26 24.67 -21.99
N TYR C 466 -39.16 24.96 -21.29
CA TYR C 466 -38.12 23.97 -20.99
C TYR C 466 -38.78 22.75 -20.34
N GLY C 467 -39.46 22.97 -19.22
CA GLY C 467 -40.11 21.88 -18.52
C GLY C 467 -41.20 21.21 -19.35
N ALA C 468 -41.98 22.00 -20.07
CA ALA C 468 -43.07 21.47 -20.90
C ALA C 468 -42.52 20.53 -21.97
N ARG C 469 -41.49 21.00 -22.67
CA ARG C 469 -40.87 20.19 -23.72
C ARG C 469 -40.28 18.89 -23.18
N VAL C 470 -39.65 18.94 -22.02
CA VAL C 470 -39.07 17.74 -21.43
C VAL C 470 -40.18 16.74 -21.10
N ALA C 471 -41.23 17.23 -20.43
CA ALA C 471 -42.34 16.37 -20.03
C ALA C 471 -42.97 15.71 -21.25
N GLN C 472 -43.11 16.47 -22.34
CA GLN C 472 -43.72 15.92 -23.56
C GLN C 472 -42.85 14.90 -24.27
N ALA C 473 -41.55 15.16 -24.32
CA ALA C 473 -40.63 14.23 -24.98
C ALA C 473 -40.67 12.88 -24.25
N ILE C 474 -40.74 12.92 -22.93
CA ILE C 474 -40.79 11.68 -22.17
C ILE C 474 -42.09 10.94 -22.46
N LYS C 475 -43.19 11.68 -22.54
CA LYS C 475 -44.49 11.09 -22.80
C LYS C 475 -44.51 10.28 -24.10
N GLN C 476 -43.67 10.66 -25.06
CA GLN C 476 -43.59 9.96 -26.33
C GLN C 476 -42.70 8.73 -26.29
N GLN C 477 -42.59 8.10 -25.12
CA GLN C 477 -41.77 6.89 -24.99
C GLN C 477 -42.61 5.83 -24.29
N GLN D 4 -7.72 -28.21 15.56
CA GLN D 4 -6.55 -29.05 15.96
C GLN D 4 -5.74 -29.51 14.75
N HIS D 5 -6.33 -29.42 13.57
CA HIS D 5 -5.62 -29.76 12.34
C HIS D 5 -5.10 -28.45 11.73
N LEU D 6 -3.82 -28.42 11.38
CA LEU D 6 -3.22 -27.25 10.76
C LEU D 6 -3.80 -27.09 9.35
N THR D 7 -4.20 -25.87 9.00
CA THR D 7 -4.78 -25.62 7.67
C THR D 7 -4.12 -24.45 6.96
N THR D 8 -4.49 -24.25 5.70
CA THR D 8 -3.99 -23.11 4.95
C THR D 8 -4.96 -21.98 5.29
N SER D 9 -4.80 -20.83 4.65
CA SER D 9 -5.68 -19.69 4.91
C SER D 9 -7.08 -19.94 4.34
N GLN D 10 -7.23 -20.97 3.51
CA GLN D 10 -8.53 -21.29 2.92
C GLN D 10 -9.15 -22.53 3.57
N GLY D 11 -8.60 -22.95 4.71
CA GLY D 11 -9.14 -24.08 5.44
C GLY D 11 -8.75 -25.48 4.99
N SER D 12 -7.85 -25.59 4.03
CA SER D 12 -7.42 -26.89 3.56
C SER D 12 -6.33 -27.41 4.50
N PRO D 13 -6.41 -28.69 4.91
CA PRO D 13 -5.39 -29.24 5.81
C PRO D 13 -3.97 -29.29 5.27
N VAL D 14 -3.00 -29.12 6.17
CA VAL D 14 -1.58 -29.16 5.81
C VAL D 14 -1.04 -30.55 6.17
N GLY D 15 -0.46 -31.22 5.17
CA GLY D 15 0.07 -32.55 5.39
C GLY D 15 1.42 -32.60 6.07
N ASP D 16 2.33 -31.72 5.67
CA ASP D 16 3.65 -31.70 6.27
C ASP D 16 4.09 -30.25 6.50
N ASN D 17 4.27 -29.89 7.77
CA ASN D 17 4.67 -28.54 8.15
C ASN D 17 6.13 -28.50 8.58
N GLN D 18 6.88 -29.56 8.25
CA GLN D 18 8.29 -29.64 8.62
C GLN D 18 9.17 -29.74 7.38
N ASN D 19 8.64 -30.33 6.31
CA ASN D 19 9.43 -30.52 5.10
C ASN D 19 8.77 -29.98 3.83
N SER D 20 9.57 -29.28 3.02
CA SER D 20 9.08 -28.73 1.76
C SER D 20 8.97 -29.82 0.71
N LEU D 21 8.09 -29.63 -0.27
CA LEU D 21 7.95 -30.60 -1.36
C LEU D 21 9.21 -30.53 -2.18
N THR D 22 9.79 -31.68 -2.46
CA THR D 22 11.05 -31.71 -3.18
C THR D 22 11.05 -32.79 -4.27
N ALA D 23 11.77 -32.55 -5.36
CA ALA D 23 11.85 -33.52 -6.45
C ALA D 23 12.92 -34.55 -6.12
N GLY D 24 12.57 -35.50 -5.25
CA GLY D 24 13.52 -36.51 -4.82
C GLY D 24 14.18 -36.05 -3.53
N GLU D 25 14.64 -36.98 -2.71
CA GLU D 25 15.26 -36.63 -1.43
C GLU D 25 16.21 -35.44 -1.41
N PHE D 26 17.11 -35.37 -2.38
CA PHE D 26 18.05 -34.27 -2.45
C PHE D 26 17.80 -33.38 -3.66
N GLY D 27 16.56 -33.43 -4.15
CA GLY D 27 16.21 -32.62 -5.30
C GLY D 27 15.74 -31.23 -4.93
N PRO D 28 15.55 -30.35 -5.93
CA PRO D 28 15.11 -28.97 -5.71
C PRO D 28 13.67 -28.86 -5.18
N VAL D 29 13.38 -27.74 -4.53
CA VAL D 29 12.06 -27.49 -3.98
C VAL D 29 11.08 -27.12 -5.10
N LEU D 30 9.86 -27.64 -5.00
CA LEU D 30 8.84 -27.43 -6.01
C LEU D 30 7.94 -26.23 -5.79
N ILE D 31 7.62 -25.53 -6.88
CA ILE D 31 6.77 -24.36 -6.81
C ILE D 31 5.34 -24.78 -6.44
N GLN D 32 4.97 -26.04 -6.66
CA GLN D 32 3.62 -26.47 -6.33
C GLN D 32 3.37 -26.66 -4.84
N ASP D 33 4.37 -26.40 -4.02
CA ASP D 33 4.15 -26.50 -2.57
C ASP D 33 3.47 -25.17 -2.22
N VAL D 34 2.20 -25.05 -2.57
CA VAL D 34 1.46 -23.82 -2.33
C VAL D 34 1.44 -23.35 -0.88
N HIS D 35 1.43 -24.28 0.06
CA HIS D 35 1.42 -23.89 1.46
C HIS D 35 2.76 -23.25 1.88
N LEU D 36 3.86 -23.79 1.37
CA LEU D 36 5.16 -23.23 1.70
C LEU D 36 5.12 -21.77 1.23
N LEU D 37 4.69 -21.57 -0.01
CA LEU D 37 4.59 -20.24 -0.59
C LEU D 37 3.71 -19.32 0.27
N GLU D 38 2.50 -19.80 0.59
CA GLU D 38 1.57 -18.99 1.36
C GLU D 38 2.11 -18.64 2.75
N LYS D 39 2.64 -19.63 3.44
CA LYS D 39 3.16 -19.43 4.78
C LYS D 39 4.28 -18.39 4.79
N LEU D 40 5.19 -18.50 3.82
CA LEU D 40 6.32 -17.58 3.71
C LEU D 40 5.84 -16.19 3.30
N ALA D 41 4.90 -16.15 2.36
CA ALA D 41 4.38 -14.88 1.86
C ALA D 41 3.62 -14.09 2.92
N HIS D 42 2.83 -14.77 3.75
CA HIS D 42 2.08 -14.06 4.76
C HIS D 42 3.05 -13.59 5.84
N PHE D 43 4.05 -14.41 6.13
CA PHE D 43 5.07 -14.06 7.11
C PHE D 43 5.77 -12.78 6.62
N ASN D 44 6.03 -12.72 5.31
CA ASN D 44 6.70 -11.57 4.72
C ASN D 44 5.89 -10.27 4.83
N ARG D 45 4.60 -10.38 5.07
CA ARG D 45 3.75 -9.19 5.14
C ARG D 45 3.22 -8.86 6.53
N GLU D 46 3.83 -9.45 7.55
CA GLU D 46 3.43 -9.22 8.93
C GLU D 46 3.67 -7.79 9.43
N ARG D 47 4.72 -7.14 8.94
CA ARG D 47 5.05 -5.80 9.40
C ARG D 47 4.25 -4.71 8.69
N VAL D 48 3.80 -3.74 9.47
CA VAL D 48 3.04 -2.60 8.95
C VAL D 48 3.84 -1.37 9.41
N PRO D 49 3.61 -0.20 8.79
CA PRO D 49 4.40 0.93 9.28
C PRO D 49 4.05 1.30 10.72
N GLU D 50 5.07 1.59 11.52
CA GLU D 50 4.85 1.98 12.91
C GLU D 50 4.30 3.40 12.93
N ARG D 51 3.73 3.81 14.06
CA ARG D 51 3.20 5.16 14.19
C ARG D 51 4.38 6.11 13.99
N VAL D 52 4.14 7.22 13.28
CA VAL D 52 5.20 8.18 13.04
C VAL D 52 5.80 8.68 14.37
N VAL D 53 4.97 8.73 15.41
CA VAL D 53 5.41 9.09 16.76
C VAL D 53 4.63 8.19 17.71
N HIS D 54 5.15 8.00 18.92
CA HIS D 54 4.47 7.15 19.91
C HIS D 54 4.36 5.70 19.42
N ALA D 55 5.40 5.25 18.72
CA ALA D 55 5.42 3.89 18.18
C ALA D 55 5.48 2.79 19.27
N LYS D 56 6.22 3.04 20.35
CA LYS D 56 6.37 2.07 21.44
C LYS D 56 5.30 2.26 22.51
N GLY D 57 4.34 1.33 22.57
CA GLY D 57 3.28 1.46 23.55
C GLY D 57 2.72 0.19 24.16
N ALA D 58 1.77 0.37 25.08
CA ALA D 58 1.08 -0.72 25.76
C ALA D 58 -0.37 -0.30 25.89
N GLY D 59 -1.27 -1.28 25.90
CA GLY D 59 -2.68 -0.95 26.00
C GLY D 59 -3.45 -1.82 26.98
N ALA D 60 -4.67 -1.38 27.31
CA ALA D 60 -5.51 -2.13 28.22
C ALA D 60 -6.94 -1.65 28.12
N HIS D 61 -7.87 -2.55 28.38
CA HIS D 61 -9.29 -2.23 28.35
C HIS D 61 -9.69 -1.79 29.73
N GLY D 62 -10.76 -1.01 29.83
CA GLY D 62 -11.22 -0.54 31.11
C GLY D 62 -12.59 0.08 31.05
N ILE D 63 -12.88 0.91 32.03
CA ILE D 63 -14.17 1.56 32.11
C ILE D 63 -14.03 2.93 32.74
N PHE D 64 -14.99 3.79 32.45
CA PHE D 64 -15.02 5.10 33.05
C PHE D 64 -16.36 5.17 33.78
N LYS D 65 -16.34 5.65 35.01
CA LYS D 65 -17.57 5.75 35.80
C LYS D 65 -17.73 7.18 36.29
N VAL D 66 -18.86 7.78 35.96
CA VAL D 66 -19.14 9.15 36.36
C VAL D 66 -19.42 9.22 37.86
N SER D 67 -18.79 10.17 38.54
CA SER D 67 -19.01 10.35 39.98
C SER D 67 -19.82 11.64 40.16
N GLN D 68 -19.71 12.53 39.19
CA GLN D 68 -20.40 13.81 39.22
C GLN D 68 -20.94 14.12 37.81
N SER D 69 -22.25 14.25 37.67
CA SER D 69 -22.82 14.56 36.37
C SER D 69 -22.31 15.91 35.89
N MET D 70 -22.06 16.03 34.59
CA MET D 70 -21.56 17.27 34.02
C MET D 70 -22.60 17.89 33.09
N ALA D 71 -23.84 17.42 33.19
CA ALA D 71 -24.93 17.92 32.35
C ALA D 71 -25.10 19.44 32.34
N GLN D 72 -24.72 20.12 33.42
CA GLN D 72 -24.85 21.58 33.45
C GLN D 72 -23.85 22.26 32.52
N TYR D 73 -22.80 21.51 32.15
CA TYR D 73 -21.71 22.03 31.33
C TYR D 73 -21.61 21.47 29.92
N THR D 74 -22.01 20.21 29.76
CA THR D 74 -21.92 19.57 28.46
C THR D 74 -23.02 18.54 28.30
N LYS D 75 -23.54 18.41 27.08
CA LYS D 75 -24.58 17.45 26.80
C LYS D 75 -23.96 16.10 26.44
N ALA D 76 -22.65 15.98 26.63
CA ALA D 76 -21.95 14.73 26.34
C ALA D 76 -22.69 13.59 27.03
N ASP D 77 -23.21 12.65 26.24
CA ASP D 77 -23.96 11.55 26.79
C ASP D 77 -23.25 10.69 27.85
N PHE D 78 -21.99 10.33 27.62
CA PHE D 78 -21.29 9.48 28.58
C PHE D 78 -21.02 10.13 29.94
N LEU D 79 -21.29 11.44 30.05
CA LEU D 79 -21.07 12.15 31.30
C LEU D 79 -22.39 12.71 31.86
N SER D 80 -23.51 12.21 31.36
CA SER D 80 -24.82 12.72 31.78
C SER D 80 -25.36 12.36 33.16
N GLU D 81 -25.09 11.14 33.64
CA GLU D 81 -25.59 10.72 34.94
C GLU D 81 -24.53 10.18 35.89
N VAL D 82 -24.80 10.33 37.17
CA VAL D 82 -23.90 9.83 38.20
C VAL D 82 -23.92 8.31 38.12
N GLY D 83 -22.76 7.69 38.16
CA GLY D 83 -22.69 6.25 38.10
C GLY D 83 -22.68 5.69 36.68
N LYS D 84 -22.89 6.55 35.68
CA LYS D 84 -22.89 6.06 34.31
C LYS D 84 -21.53 5.46 33.92
N GLU D 85 -21.56 4.25 33.40
CA GLU D 85 -20.36 3.55 32.99
C GLU D 85 -20.18 3.51 31.48
N THR D 86 -18.94 3.68 31.04
CA THR D 86 -18.62 3.67 29.62
C THR D 86 -17.36 2.84 29.40
N PRO D 87 -17.42 1.87 28.48
CA PRO D 87 -16.26 1.02 28.18
C PRO D 87 -15.18 1.89 27.54
N LEU D 88 -13.92 1.56 27.75
CA LEU D 88 -12.87 2.35 27.14
C LEU D 88 -11.62 1.54 26.89
N PHE D 89 -10.75 2.06 26.03
CA PHE D 89 -9.49 1.41 25.73
C PHE D 89 -8.40 2.47 25.80
N ALA D 90 -7.29 2.14 26.44
CA ALA D 90 -6.20 3.08 26.58
C ALA D 90 -4.89 2.54 26.02
N ARG D 91 -4.06 3.46 25.53
CA ARG D 91 -2.75 3.12 25.01
C ARG D 91 -1.76 4.16 25.57
N PHE D 92 -0.71 3.67 26.21
CA PHE D 92 0.31 4.52 26.79
C PHE D 92 1.56 4.33 25.93
N SER D 93 2.41 5.34 25.85
CA SER D 93 3.58 5.22 25.00
C SER D 93 4.59 6.31 25.24
N THR D 94 5.74 6.18 24.59
CA THR D 94 6.78 7.20 24.66
C THR D 94 6.55 8.00 23.37
N VAL D 95 7.47 8.87 22.99
CA VAL D 95 7.28 9.67 21.79
C VAL D 95 8.25 9.39 20.64
N ALA D 96 9.54 9.54 20.91
CA ALA D 96 10.57 9.37 19.89
C ALA D 96 10.98 7.95 19.49
N GLY D 97 11.04 7.06 20.47
CA GLY D 97 11.47 5.69 20.20
C GLY D 97 10.66 4.88 19.20
N GLU D 98 11.37 4.03 18.45
CA GLU D 98 10.77 3.16 17.46
C GLU D 98 10.22 1.90 18.13
N LEU D 99 9.67 0.99 17.33
CA LEU D 99 9.11 -0.25 17.86
C LEU D 99 9.99 -1.01 18.84
N GLY D 100 11.30 -1.07 18.60
CA GLY D 100 12.13 -1.82 19.52
C GLY D 100 12.80 -1.07 20.65
N SER D 101 12.55 0.23 20.78
CA SER D 101 13.18 1.04 21.81
C SER D 101 12.75 0.66 23.22
N SER D 102 13.54 1.08 24.21
CA SER D 102 13.26 0.77 25.61
C SER D 102 12.19 1.69 26.19
N ASP D 103 11.48 1.22 27.20
CA ASP D 103 10.43 2.01 27.83
C ASP D 103 10.95 3.12 28.71
N THR D 104 11.97 2.80 29.52
CA THR D 104 12.50 3.76 30.48
C THR D 104 13.44 4.87 29.98
N LEU D 105 13.01 5.59 28.95
CA LEU D 105 13.78 6.69 28.40
C LEU D 105 13.11 8.01 28.80
N ARG D 106 13.87 9.09 28.77
CA ARG D 106 13.33 10.40 29.11
C ARG D 106 12.52 10.85 27.90
N ASP D 107 11.24 11.12 28.11
CA ASP D 107 10.38 11.50 27.00
C ASP D 107 8.99 11.73 27.57
N PRO D 108 8.14 12.49 26.86
CA PRO D 108 6.80 12.71 27.39
C PRO D 108 6.13 11.34 27.18
N ARG D 109 5.04 11.06 27.88
CA ARG D 109 4.35 9.78 27.71
C ARG D 109 2.95 10.03 27.14
N GLY D 110 2.57 9.22 26.16
CA GLY D 110 1.26 9.34 25.56
C GLY D 110 0.21 8.76 26.50
N PHE D 111 -0.97 9.37 26.50
CA PHE D 111 -2.06 8.95 27.37
C PHE D 111 -3.33 9.00 26.51
N ALA D 112 -3.45 8.02 25.60
CA ALA D 112 -4.57 7.96 24.68
C ALA D 112 -5.75 7.13 25.19
N LEU D 113 -6.93 7.72 25.13
CA LEU D 113 -8.16 7.10 25.61
C LEU D 113 -9.27 7.10 24.56
N LYS D 114 -9.91 5.95 24.38
CA LYS D 114 -11.03 5.84 23.45
C LYS D 114 -12.26 5.39 24.24
N PHE D 115 -13.25 6.27 24.34
CA PHE D 115 -14.48 5.97 25.07
C PHE D 115 -15.55 5.51 24.08
N TYR D 116 -16.05 4.30 24.25
CA TYR D 116 -17.09 3.80 23.35
C TYR D 116 -18.44 4.25 23.92
N THR D 117 -18.82 5.49 23.62
CA THR D 117 -20.07 6.05 24.13
C THR D 117 -21.27 5.73 23.23
N ASP D 118 -22.48 5.98 23.75
CA ASP D 118 -23.68 5.71 22.98
C ASP D 118 -23.91 6.71 21.85
N GLU D 119 -23.08 7.74 21.79
CA GLU D 119 -23.21 8.72 20.70
C GLU D 119 -21.91 8.81 19.91
N GLY D 120 -21.16 7.71 19.88
CA GLY D 120 -19.91 7.66 19.14
C GLY D 120 -18.68 7.43 19.99
N ASN D 121 -17.58 7.05 19.34
CA ASN D 121 -16.33 6.84 20.06
C ASN D 121 -15.71 8.21 20.27
N TYR D 122 -15.47 8.55 21.54
CA TYR D 122 -14.85 9.83 21.90
C TYR D 122 -13.41 9.54 22.26
N ASP D 123 -12.47 10.18 21.59
CA ASP D 123 -11.07 9.96 21.91
C ASP D 123 -10.49 11.17 22.64
N LEU D 124 -9.77 10.90 23.72
CA LEU D 124 -9.10 11.96 24.44
C LEU D 124 -7.66 11.49 24.28
N VAL D 125 -6.94 12.15 23.39
CA VAL D 125 -5.55 11.79 23.10
C VAL D 125 -4.64 12.77 23.84
N GLY D 126 -4.32 12.45 25.09
CA GLY D 126 -3.47 13.33 25.87
C GLY D 126 -2.07 12.82 26.12
N ASN D 127 -1.36 13.54 26.99
CA ASN D 127 0.00 13.20 27.38
C ASN D 127 0.05 13.25 28.89
N ASN D 128 1.17 12.82 29.46
CA ASN D 128 1.36 12.82 30.91
C ASN D 128 1.85 14.20 31.36
N THR D 129 1.65 15.20 30.50
CA THR D 129 2.03 16.58 30.78
C THR D 129 0.88 17.47 30.32
N PRO D 130 0.61 18.56 31.05
CA PRO D 130 -0.48 19.49 30.69
C PRO D 130 -0.16 20.43 29.53
N ILE D 131 1.10 20.44 29.10
CA ILE D 131 1.53 21.33 28.03
C ILE D 131 2.34 20.61 26.95
N PHE D 132 2.82 21.37 25.98
CA PHE D 132 3.62 20.79 24.91
C PHE D 132 4.77 21.73 24.56
N PHE D 133 5.69 21.25 23.72
CA PHE D 133 6.87 22.01 23.32
C PHE D 133 6.63 23.13 22.32
N ILE D 134 5.63 22.96 21.46
CA ILE D 134 5.31 23.94 20.43
C ILE D 134 3.84 24.32 20.49
N ARG D 135 3.46 25.40 19.82
CA ARG D 135 2.09 25.88 19.82
C ARG D 135 1.42 25.90 18.45
N ASP D 136 2.18 25.60 17.40
CA ASP D 136 1.59 25.59 16.06
C ASP D 136 1.92 24.28 15.36
N ALA D 137 0.90 23.61 14.87
CA ALA D 137 1.06 22.32 14.21
C ALA D 137 2.05 22.34 13.05
N ILE D 138 2.22 23.49 12.40
CA ILE D 138 3.14 23.56 11.26
C ILE D 138 4.57 23.24 11.66
N LYS D 139 4.87 23.29 12.95
CA LYS D 139 6.21 23.01 13.44
C LYS D 139 6.41 21.57 13.92
N PHE D 140 5.35 20.78 13.97
CA PHE D 140 5.49 19.40 14.47
C PHE D 140 6.54 18.57 13.73
N PRO D 141 6.50 18.54 12.39
CA PRO D 141 7.51 17.73 11.69
C PRO D 141 8.94 18.18 12.01
N ASP D 142 9.13 19.49 12.18
CA ASP D 142 10.44 20.02 12.52
C ASP D 142 10.85 19.56 13.91
N PHE D 143 9.94 19.70 14.88
CA PHE D 143 10.24 19.27 16.24
C PHE D 143 10.58 17.78 16.27
N ILE D 144 9.71 16.96 15.69
CA ILE D 144 9.94 15.53 15.68
C ILE D 144 11.22 15.13 14.96
N HIS D 145 11.50 15.77 13.83
CA HIS D 145 12.74 15.45 13.13
C HIS D 145 13.94 15.73 14.01
N SER D 146 13.91 16.85 14.73
CA SER D 146 15.05 17.18 15.59
C SER D 146 15.19 16.20 16.74
N GLN D 147 14.06 15.63 17.16
CA GLN D 147 14.02 14.67 18.26
C GLN D 147 14.41 13.25 17.85
N LYS D 148 14.34 12.96 16.56
CA LYS D 148 14.66 11.63 16.10
C LYS D 148 16.08 11.46 15.57
N ARG D 149 16.30 10.51 14.66
CA ARG D 149 17.64 10.25 14.18
C ARG D 149 18.23 11.16 13.10
N ASN D 150 19.55 11.29 13.14
CA ASN D 150 20.29 12.08 12.17
C ASN D 150 20.03 11.39 10.84
N PRO D 151 19.55 12.13 9.83
CA PRO D 151 19.25 11.53 8.53
C PRO D 151 20.45 10.90 7.83
N ARG D 152 21.64 11.32 8.21
CA ARG D 152 22.85 10.80 7.59
C ARG D 152 23.46 9.60 8.33
N THR D 153 23.59 9.73 9.65
CA THR D 153 24.21 8.68 10.46
C THR D 153 23.25 7.74 11.17
N HIS D 154 22.01 8.16 11.31
CA HIS D 154 20.98 7.37 11.97
C HIS D 154 21.18 7.33 13.48
N LEU D 155 22.04 8.21 13.99
CA LEU D 155 22.29 8.30 15.43
C LEU D 155 21.46 9.46 15.99
N LYS D 156 21.17 9.41 17.28
CA LYS D 156 20.40 10.49 17.88
C LYS D 156 21.30 11.73 17.87
N SER D 157 20.69 12.90 17.78
CA SER D 157 21.47 14.12 17.74
C SER D 157 21.08 15.20 18.74
N PRO D 158 21.82 15.28 19.87
CA PRO D 158 21.47 16.32 20.83
C PRO D 158 21.69 17.70 20.20
N GLU D 159 22.60 17.77 19.23
CA GLU D 159 22.85 19.03 18.53
C GLU D 159 21.55 19.51 17.91
N ALA D 160 20.85 18.61 17.23
CA ALA D 160 19.57 18.94 16.59
C ALA D 160 18.49 19.23 17.62
N VAL D 161 18.43 18.43 18.66
CA VAL D 161 17.44 18.61 19.71
C VAL D 161 17.51 20.03 20.28
N TRP D 162 18.71 20.43 20.67
CA TRP D 162 18.90 21.75 21.26
C TRP D 162 18.96 22.88 20.26
N ASP D 163 19.42 22.60 19.04
CA ASP D 163 19.44 23.67 18.05
C ASP D 163 17.99 24.13 17.91
N PHE D 164 17.08 23.17 17.73
CA PHE D 164 15.67 23.48 17.57
C PHE D 164 15.06 24.18 18.78
N TRP D 165 15.33 23.67 19.98
CA TRP D 165 14.77 24.30 21.18
C TRP D 165 15.35 25.70 21.43
N SER D 166 16.64 25.87 21.11
CA SER D 166 17.28 27.17 21.32
C SER D 166 16.65 28.25 20.44
N HIS D 167 16.02 27.83 19.35
CA HIS D 167 15.35 28.76 18.43
C HIS D 167 13.85 28.76 18.66
N SER D 168 13.38 28.01 19.66
CA SER D 168 11.96 27.92 19.96
C SER D 168 11.75 28.08 21.47
N PRO D 169 11.92 29.31 21.99
CA PRO D 169 11.75 29.59 23.41
C PRO D 169 10.42 29.17 24.01
N GLU D 170 9.41 28.97 23.18
CA GLU D 170 8.11 28.57 23.72
C GLU D 170 8.17 27.16 24.32
N SER D 171 9.25 26.44 24.04
CA SER D 171 9.43 25.08 24.55
C SER D 171 9.99 25.01 25.97
N LEU D 172 10.48 26.13 26.50
CA LEU D 172 11.09 26.16 27.83
C LEU D 172 10.26 25.53 28.94
N HIS D 173 8.97 25.85 28.99
CA HIS D 173 8.10 25.30 30.00
C HIS D 173 8.07 23.77 29.97
N GLN D 174 7.81 23.19 28.79
CA GLN D 174 7.75 21.74 28.68
C GLN D 174 9.13 21.10 28.80
N VAL D 175 10.17 21.81 28.37
CA VAL D 175 11.52 21.25 28.50
C VAL D 175 11.81 21.08 29.99
N THR D 176 11.36 22.05 30.80
CA THR D 176 11.58 21.99 32.24
C THR D 176 10.85 20.78 32.83
N ILE D 177 9.66 20.50 32.33
CA ILE D 177 8.89 19.35 32.81
C ILE D 177 9.59 18.06 32.36
N LEU D 178 10.04 18.04 31.12
CA LEU D 178 10.71 16.88 30.54
C LEU D 178 11.96 16.51 31.34
N MET D 179 12.72 17.54 31.73
CA MET D 179 13.95 17.33 32.46
C MET D 179 13.80 17.13 33.98
N SER D 180 12.60 17.33 34.49
CA SER D 180 12.35 17.14 35.92
C SER D 180 12.27 15.63 36.15
N ASP D 181 11.99 15.21 37.38
CA ASP D 181 11.91 13.78 37.67
C ASP D 181 10.81 13.09 36.88
N ARG D 182 9.70 13.77 36.67
CA ARG D 182 8.56 13.21 35.95
C ARG D 182 8.86 12.87 34.49
N GLY D 183 10.07 13.21 34.03
CA GLY D 183 10.46 12.91 32.67
C GLY D 183 10.57 11.41 32.43
N ILE D 184 10.70 10.65 33.51
CA ILE D 184 10.78 9.19 33.42
C ILE D 184 9.95 8.58 34.55
N PRO D 185 8.69 8.24 34.26
CA PRO D 185 7.78 7.64 35.26
C PRO D 185 8.27 6.25 35.68
N LEU D 186 7.86 5.82 36.87
CA LEU D 186 8.21 4.50 37.36
C LEU D 186 7.45 3.49 36.50
N SER D 187 6.21 3.85 36.16
CA SER D 187 5.35 3.01 35.31
C SER D 187 4.21 3.88 34.79
N PHE D 188 3.45 3.35 33.83
CA PHE D 188 2.32 4.06 33.26
C PHE D 188 1.25 4.32 34.33
N ARG D 189 1.26 3.48 35.36
CA ARG D 189 0.31 3.59 36.44
C ARG D 189 0.66 4.71 37.41
N HIS D 190 1.89 5.21 37.32
CA HIS D 190 2.36 6.26 38.21
C HIS D 190 2.60 7.62 37.58
N MET D 191 1.78 7.98 36.59
CA MET D 191 1.88 9.26 35.93
C MET D 191 0.47 9.81 35.75
N HIS D 192 0.34 11.11 35.54
CA HIS D 192 -0.96 11.69 35.31
C HIS D 192 -1.24 11.69 33.82
N GLY D 193 -2.45 12.10 33.47
CA GLY D 193 -2.86 12.22 32.09
C GLY D 193 -3.51 13.58 31.95
N PHE D 194 -3.34 14.23 30.80
CA PHE D 194 -3.95 15.54 30.59
C PHE D 194 -4.42 15.66 29.15
N GLY D 195 -5.41 16.51 28.92
CA GLY D 195 -5.87 16.71 27.56
C GLY D 195 -4.93 17.73 26.96
N SER D 196 -4.24 18.47 27.84
CA SER D 196 -3.29 19.51 27.47
C SER D 196 -4.02 20.72 26.88
N HIS D 197 -4.66 20.55 25.72
CA HIS D 197 -5.38 21.63 25.07
C HIS D 197 -6.62 22.01 25.85
N THR D 198 -7.09 23.23 25.61
CA THR D 198 -8.33 23.67 26.20
C THR D 198 -9.37 23.15 25.19
N PHE D 199 -10.40 22.48 25.67
CA PHE D 199 -11.43 22.00 24.76
C PHE D 199 -12.71 22.76 25.07
N LYS D 200 -13.74 22.52 24.27
CA LYS D 200 -15.02 23.18 24.45
C LYS D 200 -16.13 22.25 24.88
N TRP D 201 -16.92 22.69 25.85
CA TRP D 201 -18.07 21.94 26.31
C TRP D 201 -19.29 22.80 26.06
N VAL D 202 -20.37 22.19 25.57
CA VAL D 202 -21.60 22.91 25.28
C VAL D 202 -22.73 22.10 25.85
N ASN D 203 -23.59 22.74 26.65
CA ASN D 203 -24.72 22.00 27.24
C ASN D 203 -25.93 22.03 26.33
N ALA D 204 -27.02 21.43 26.78
CA ALA D 204 -28.26 21.37 26.01
C ALA D 204 -28.85 22.74 25.66
N ALA D 205 -28.64 23.72 26.53
CA ALA D 205 -29.16 25.06 26.30
C ALA D 205 -28.28 25.84 25.33
N GLY D 206 -27.13 25.27 24.97
CA GLY D 206 -26.23 25.94 24.07
C GLY D 206 -25.20 26.82 24.77
N GLU D 207 -25.13 26.71 26.10
CA GLU D 207 -24.16 27.48 26.86
C GLU D 207 -22.77 26.88 26.67
N VAL D 208 -21.78 27.74 26.50
CA VAL D 208 -20.43 27.31 26.23
C VAL D 208 -19.42 27.44 27.38
N PHE D 209 -18.56 26.44 27.51
CA PHE D 209 -17.53 26.42 28.54
C PHE D 209 -16.21 25.90 27.96
N PHE D 210 -15.10 26.52 28.35
CA PHE D 210 -13.81 26.06 27.90
C PHE D 210 -13.26 25.20 29.03
N VAL D 211 -12.77 24.01 28.71
CA VAL D 211 -12.28 23.11 29.75
C VAL D 211 -10.90 22.52 29.55
N LYS D 212 -10.34 22.03 30.65
CA LYS D 212 -9.05 21.37 30.65
C LYS D 212 -9.24 20.06 31.38
N TYR D 213 -8.79 18.96 30.78
CA TYR D 213 -8.92 17.65 31.40
C TYR D 213 -7.69 17.29 32.24
N HIS D 214 -7.93 16.72 33.42
CA HIS D 214 -6.86 16.29 34.33
C HIS D 214 -7.13 14.89 34.85
N PHE D 215 -6.32 13.91 34.42
CA PHE D 215 -6.47 12.55 34.92
C PHE D 215 -5.38 12.33 35.96
N LYS D 216 -5.78 12.35 37.24
CA LYS D 216 -4.82 12.16 38.31
C LYS D 216 -4.71 10.71 38.76
N THR D 217 -3.50 10.18 38.69
CA THR D 217 -3.26 8.79 39.07
C THR D 217 -3.59 8.50 40.52
N ASN D 218 -4.39 7.46 40.74
CA ASN D 218 -4.77 7.07 42.09
C ASN D 218 -3.67 6.22 42.73
N GLN D 219 -2.64 5.91 41.95
CA GLN D 219 -1.51 5.12 42.48
C GLN D 219 -0.42 6.06 42.95
N GLY D 220 -0.53 7.35 42.61
CA GLY D 220 0.47 8.31 43.00
C GLY D 220 1.60 8.47 41.99
N ILE D 221 2.23 9.64 41.99
CA ILE D 221 3.33 9.94 41.09
C ILE D 221 4.63 9.31 41.59
N LYS D 222 5.30 8.53 40.75
CA LYS D 222 6.57 7.92 41.12
C LYS D 222 7.44 7.95 39.87
N ASN D 223 8.73 8.22 40.05
CA ASN D 223 9.63 8.32 38.93
C ASN D 223 10.88 7.48 39.10
N LEU D 224 11.69 7.40 38.05
CA LEU D 224 12.94 6.66 38.06
C LEU D 224 14.09 7.64 37.97
N GLU D 225 15.10 7.48 38.81
CA GLU D 225 16.25 8.37 38.74
C GLU D 225 16.90 8.06 37.39
N SER D 226 17.54 9.04 36.78
CA SER D 226 18.16 8.84 35.47
C SER D 226 19.05 7.62 35.35
N GLN D 227 19.94 7.43 36.31
CA GLN D 227 20.86 6.29 36.29
C GLN D 227 20.13 4.95 36.23
N LEU D 228 19.19 4.74 37.15
CA LEU D 228 18.44 3.49 37.18
C LEU D 228 17.70 3.27 35.86
N ALA D 229 17.08 4.33 35.34
CA ALA D 229 16.32 4.24 34.09
C ALA D 229 17.21 3.73 32.96
N GLU D 230 18.44 4.21 32.90
CA GLU D 230 19.37 3.78 31.87
C GLU D 230 19.71 2.30 32.08
N GLU D 231 19.87 1.91 33.34
CA GLU D 231 20.17 0.52 33.67
C GLU D 231 19.02 -0.38 33.23
N ILE D 232 17.80 0.02 33.57
CA ILE D 232 16.64 -0.76 33.20
C ILE D 232 16.45 -0.79 31.68
N ALA D 233 16.88 0.27 31.00
CA ALA D 233 16.75 0.32 29.55
C ALA D 233 17.53 -0.84 28.91
N GLY D 234 18.56 -1.30 29.61
CA GLY D 234 19.35 -2.41 29.11
C GLY D 234 18.85 -3.73 29.67
N LYS D 235 18.65 -3.79 30.98
CA LYS D 235 18.18 -5.02 31.60
C LYS D 235 16.77 -5.43 31.18
N ASN D 236 15.88 -4.47 30.95
CA ASN D 236 14.51 -4.79 30.54
C ASN D 236 13.85 -3.69 29.71
N PRO D 237 14.05 -3.71 28.39
CA PRO D 237 13.46 -2.69 27.53
C PRO D 237 11.94 -2.61 27.50
N ASP D 238 11.25 -3.60 28.05
CA ASP D 238 9.79 -3.58 28.06
C ASP D 238 9.26 -3.44 29.48
N PHE D 239 10.05 -2.81 30.33
CA PHE D 239 9.73 -2.62 31.74
C PHE D 239 8.32 -2.06 32.01
N HIS D 240 7.94 -1.00 31.29
CA HIS D 240 6.62 -0.40 31.50
C HIS D 240 5.46 -1.24 30.94
N ILE D 241 5.70 -1.88 29.81
CA ILE D 241 4.67 -2.73 29.21
C ILE D 241 4.40 -3.91 30.13
N GLU D 242 5.48 -4.52 30.61
CA GLU D 242 5.37 -5.67 31.51
C GLU D 242 4.65 -5.27 32.79
N ASP D 243 5.02 -4.12 33.34
CA ASP D 243 4.41 -3.64 34.57
C ASP D 243 2.88 -3.49 34.46
N LEU D 244 2.42 -2.90 33.38
CA LEU D 244 0.99 -2.69 33.18
C LEU D 244 0.28 -4.03 33.08
N HIS D 245 0.87 -4.94 32.31
CA HIS D 245 0.27 -6.25 32.14
C HIS D 245 0.22 -7.05 33.46
N ASN D 246 1.33 -7.11 34.18
CA ASN D 246 1.37 -7.85 35.43
C ASN D 246 0.38 -7.28 36.45
N ALA D 247 0.31 -5.97 36.54
CA ALA D 247 -0.60 -5.33 37.49
C ALA D 247 -2.04 -5.75 37.25
N ILE D 248 -2.45 -5.74 35.98
CA ILE D 248 -3.81 -6.11 35.64
C ILE D 248 -4.04 -7.61 35.82
N GLU D 249 -3.03 -8.42 35.50
CA GLU D 249 -3.19 -9.86 35.65
C GLU D 249 -3.28 -10.21 37.15
N ASN D 250 -2.61 -9.39 37.99
CA ASN D 250 -2.62 -9.60 39.44
C ASN D 250 -3.81 -8.91 40.09
N GLN D 251 -4.69 -8.36 39.25
CA GLN D 251 -5.89 -7.67 39.72
C GLN D 251 -5.64 -6.41 40.54
N GLU D 252 -4.51 -5.75 40.26
CA GLU D 252 -4.17 -4.49 40.90
C GLU D 252 -4.49 -3.43 39.84
N PHE D 253 -5.78 -3.33 39.53
CA PHE D 253 -6.28 -2.40 38.53
C PHE D 253 -5.93 -0.95 38.77
N PRO D 254 -5.12 -0.35 37.87
CA PRO D 254 -4.77 1.06 38.07
C PRO D 254 -5.96 1.94 37.71
N SER D 255 -6.10 3.06 38.42
CA SER D 255 -7.20 3.96 38.14
C SER D 255 -6.73 5.41 38.20
N TRP D 256 -7.54 6.28 37.60
CA TRP D 256 -7.25 7.70 37.56
C TRP D 256 -8.54 8.44 37.85
N THR D 257 -8.44 9.54 38.58
CA THR D 257 -9.60 10.34 38.89
C THR D 257 -9.59 11.51 37.93
N LEU D 258 -10.64 11.62 37.13
CA LEU D 258 -10.72 12.71 36.17
C LEU D 258 -11.47 13.91 36.75
N SER D 259 -10.86 15.08 36.63
CA SER D 259 -11.52 16.31 37.05
C SER D 259 -11.19 17.35 35.99
N VAL D 260 -12.06 18.34 35.87
CA VAL D 260 -11.83 19.36 34.85
C VAL D 260 -11.78 20.76 35.44
N GLN D 261 -11.21 21.67 34.68
CA GLN D 261 -11.16 23.06 35.04
C GLN D 261 -12.21 23.61 34.08
N ILE D 262 -13.16 24.38 34.60
CA ILE D 262 -14.21 24.92 33.77
C ILE D 262 -14.20 26.44 33.72
N ILE D 263 -14.03 26.96 32.51
CA ILE D 263 -13.99 28.39 32.28
C ILE D 263 -15.15 28.82 31.38
N PRO D 264 -16.12 29.58 31.94
CA PRO D 264 -17.27 30.03 31.15
C PRO D 264 -16.88 30.96 30.01
N TYR D 265 -17.70 30.95 28.97
CA TYR D 265 -17.51 31.79 27.79
C TYR D 265 -17.16 33.23 28.22
N ALA D 266 -17.99 33.80 29.09
CA ALA D 266 -17.79 35.16 29.56
C ALA D 266 -16.38 35.38 30.10
N ASP D 267 -15.90 34.42 30.88
CA ASP D 267 -14.57 34.49 31.45
C ASP D 267 -13.51 34.33 30.36
N ALA D 268 -13.69 33.31 29.53
CA ALA D 268 -12.76 33.01 28.44
C ALA D 268 -12.48 34.17 27.48
N LEU D 269 -13.46 35.05 27.30
CA LEU D 269 -13.30 36.19 26.40
C LEU D 269 -12.04 37.02 26.70
N THR D 270 -11.69 37.14 27.97
CA THR D 270 -10.54 37.92 28.37
C THR D 270 -9.24 37.12 28.40
N MET D 271 -9.33 35.79 28.35
CA MET D 271 -8.14 34.95 28.44
C MET D 271 -7.73 34.15 27.21
N LYS D 272 -7.98 34.68 26.01
CA LYS D 272 -7.63 33.94 24.82
C LYS D 272 -6.17 33.58 24.66
N GLU D 273 -5.29 34.55 24.90
CA GLU D 273 -3.86 34.34 24.76
C GLU D 273 -3.30 33.26 25.67
N THR D 274 -4.00 32.94 26.74
CA THR D 274 -3.54 31.92 27.66
C THR D 274 -4.27 30.60 27.40
N LEU D 275 -5.58 30.69 27.29
CA LEU D 275 -6.44 29.54 27.07
C LEU D 275 -6.07 28.74 25.81
N PHE D 276 -5.78 29.43 24.71
CA PHE D 276 -5.47 28.73 23.48
C PHE D 276 -3.98 28.46 23.20
N ASP D 277 -3.13 28.73 24.20
CA ASP D 277 -1.68 28.51 24.09
C ASP D 277 -1.37 27.22 24.88
N VAL D 278 -1.07 26.14 24.17
CA VAL D 278 -0.80 24.87 24.84
C VAL D 278 0.51 24.80 25.62
N THR D 279 1.30 25.89 25.62
CA THR D 279 2.53 25.89 26.40
C THR D 279 2.23 26.53 27.76
N LYS D 280 0.95 26.73 28.04
CA LYS D 280 0.55 27.34 29.30
C LYS D 280 -0.55 26.59 30.03
N THR D 281 -0.59 26.73 31.35
CA THR D 281 -1.62 26.09 32.14
C THR D 281 -2.51 27.15 32.73
N VAL D 282 -3.67 26.75 33.23
CA VAL D 282 -4.60 27.67 33.84
C VAL D 282 -4.53 27.47 35.35
N SER D 283 -4.31 28.57 36.08
CA SER D 283 -4.20 28.53 37.52
C SER D 283 -5.33 27.75 38.16
N GLN D 284 -4.96 26.79 39.02
CA GLN D 284 -5.95 25.98 39.70
C GLN D 284 -6.55 26.77 40.86
N LYS D 285 -5.94 27.89 41.19
CA LYS D 285 -6.50 28.71 42.25
C LYS D 285 -7.67 29.48 41.66
N GLU D 286 -7.48 30.04 40.47
CA GLU D 286 -8.55 30.77 39.80
C GLU D 286 -9.64 29.80 39.35
N TYR D 287 -9.22 28.67 38.79
CA TYR D 287 -10.16 27.67 38.31
C TYR D 287 -9.77 26.28 38.84
N PRO D 288 -10.28 25.94 40.04
CA PRO D 288 -10.00 24.66 40.69
C PRO D 288 -10.55 23.44 39.97
N LEU D 289 -9.96 22.28 40.26
CA LEU D 289 -10.38 21.05 39.64
C LEU D 289 -11.77 20.65 40.15
N ILE D 290 -12.59 20.15 39.23
CA ILE D 290 -13.93 19.71 39.54
C ILE D 290 -13.97 18.24 39.12
N GLU D 291 -14.21 17.36 40.08
CA GLU D 291 -14.23 15.93 39.80
C GLU D 291 -15.35 15.50 38.87
N VAL D 292 -15.02 14.62 37.94
CA VAL D 292 -15.97 14.11 36.97
C VAL D 292 -16.23 12.63 37.20
N GLY D 293 -15.17 11.84 37.26
CA GLY D 293 -15.35 10.41 37.45
C GLY D 293 -14.05 9.67 37.57
N THR D 294 -14.12 8.35 37.45
CA THR D 294 -12.94 7.52 37.57
C THR D 294 -12.71 6.57 36.40
N MET D 295 -11.46 6.52 35.95
CA MET D 295 -11.07 5.64 34.88
C MET D 295 -10.32 4.46 35.50
N THR D 296 -10.70 3.25 35.13
CA THR D 296 -10.06 2.06 35.66
C THR D 296 -9.69 1.11 34.52
N LEU D 297 -8.46 0.62 34.53
CA LEU D 297 -7.99 -0.32 33.52
C LEU D 297 -8.06 -1.69 34.21
N ASN D 298 -8.86 -2.59 33.68
CA ASN D 298 -9.03 -3.90 34.30
C ASN D 298 -8.95 -5.12 33.41
N ARG D 299 -8.46 -4.97 32.18
CA ARG D 299 -8.38 -6.12 31.29
C ARG D 299 -7.31 -5.95 30.23
N ASN D 300 -6.41 -6.94 30.17
CA ASN D 300 -5.34 -6.93 29.19
C ASN D 300 -5.87 -7.32 27.81
N PRO D 301 -5.14 -6.94 26.74
CA PRO D 301 -5.55 -7.26 25.37
C PRO D 301 -5.57 -8.76 25.11
N GLU D 302 -6.37 -9.16 24.13
CA GLU D 302 -6.45 -10.57 23.73
C GLU D 302 -5.22 -10.84 22.85
N ASN D 303 -4.91 -9.87 22.00
CA ASN D 303 -3.76 -9.94 21.09
C ASN D 303 -3.21 -8.52 20.92
N TYR D 304 -1.93 -8.34 21.20
CA TYR D 304 -1.29 -7.02 21.11
C TYR D 304 -1.38 -6.34 19.73
N PHE D 305 -1.03 -7.05 18.68
CA PHE D 305 -1.06 -6.47 17.34
C PHE D 305 -2.46 -6.02 16.92
N ALA D 306 -3.43 -6.91 17.08
CA ALA D 306 -4.81 -6.63 16.71
C ALA D 306 -5.42 -5.46 17.46
N GLU D 307 -5.09 -5.32 18.73
CA GLU D 307 -5.67 -4.26 19.55
C GLU D 307 -4.77 -3.05 19.79
N VAL D 308 -3.60 -3.28 20.37
CA VAL D 308 -2.70 -2.17 20.68
C VAL D 308 -2.04 -1.52 19.48
N GLU D 309 -1.58 -2.32 18.53
CA GLU D 309 -0.91 -1.78 17.36
C GLU D 309 -1.88 -1.16 16.36
N GLN D 310 -3.04 -1.78 16.17
CA GLN D 310 -4.01 -1.30 15.20
C GLN D 310 -5.03 -0.26 15.66
N VAL D 311 -5.11 0.00 16.97
CA VAL D 311 -6.06 0.99 17.45
C VAL D 311 -5.75 2.37 16.86
N THR D 312 -6.79 3.13 16.54
CA THR D 312 -6.64 4.47 15.97
C THR D 312 -7.34 5.54 16.82
N PHE D 313 -6.58 6.49 17.32
CA PHE D 313 -7.12 7.59 18.12
C PHE D 313 -7.04 8.89 17.35
N SER D 314 -7.94 9.81 17.65
CA SER D 314 -7.92 11.12 17.04
C SER D 314 -8.61 12.16 17.91
N PRO D 315 -7.91 13.29 18.18
CA PRO D 315 -8.47 14.36 19.00
C PRO D 315 -9.73 14.91 18.33
N GLY D 316 -9.86 14.65 17.03
CA GLY D 316 -10.99 15.12 16.27
C GLY D 316 -12.18 14.19 16.35
N ASN D 317 -12.05 13.11 17.12
CA ASN D 317 -13.16 12.18 17.29
C ASN D 317 -14.00 12.68 18.46
N PHE D 318 -14.80 13.70 18.20
CA PHE D 318 -15.66 14.30 19.22
C PHE D 318 -17.03 13.62 19.26
N VAL D 319 -17.78 13.93 20.31
CA VAL D 319 -19.14 13.43 20.46
C VAL D 319 -19.93 14.68 20.79
N PRO D 320 -21.25 14.68 20.52
CA PRO D 320 -22.05 15.88 20.84
C PRO D 320 -21.80 16.39 22.25
N GLY D 321 -21.54 17.69 22.37
CA GLY D 321 -21.30 18.28 23.69
C GLY D 321 -19.85 18.66 23.92
N ILE D 322 -18.94 18.09 23.13
CA ILE D 322 -17.52 18.37 23.24
C ILE D 322 -17.02 18.82 21.87
N GLU D 323 -16.37 19.98 21.83
CA GLU D 323 -15.90 20.51 20.56
C GLU D 323 -14.49 21.09 20.65
N ALA D 324 -13.94 21.45 19.51
CA ALA D 324 -12.58 22.00 19.44
C ALA D 324 -12.51 23.48 19.83
N SER D 325 -11.32 23.91 20.25
CA SER D 325 -11.09 25.30 20.60
C SER D 325 -10.13 25.80 19.52
N PRO D 326 -9.90 27.12 19.46
CA PRO D 326 -8.99 27.71 18.46
C PRO D 326 -7.49 27.48 18.70
N ASP D 327 -7.14 26.59 19.61
CA ASP D 327 -5.74 26.25 19.89
C ASP D 327 -5.14 25.79 18.56
N LYS D 328 -4.15 26.52 18.05
CA LYS D 328 -3.55 26.19 16.76
C LYS D 328 -2.93 24.81 16.68
N LEU D 329 -2.31 24.34 17.76
CA LEU D 329 -1.71 23.03 17.73
C LEU D 329 -2.81 21.98 17.60
N LEU D 330 -3.87 22.14 18.39
CA LEU D 330 -5.00 21.23 18.36
C LEU D 330 -5.60 21.22 16.95
N GLN D 331 -5.81 22.41 16.41
CA GLN D 331 -6.39 22.54 15.07
C GLN D 331 -5.67 21.67 14.04
N GLY D 332 -4.34 21.71 14.05
CA GLY D 332 -3.58 20.88 13.12
C GLY D 332 -3.79 19.40 13.39
N ARG D 333 -3.88 19.03 14.66
CA ARG D 333 -4.09 17.63 15.02
C ARG D 333 -5.43 17.11 14.50
N LEU D 334 -6.41 17.99 14.36
CA LEU D 334 -7.72 17.57 13.87
C LEU D 334 -7.61 16.94 12.49
N PHE D 335 -6.62 17.38 11.72
CA PHE D 335 -6.39 16.82 10.39
C PHE D 335 -5.45 15.63 10.43
N ALA D 336 -4.30 15.85 11.05
CA ALA D 336 -3.22 14.87 11.14
C ALA D 336 -3.52 13.41 11.49
N TYR D 337 -4.32 13.17 12.52
CA TYR D 337 -4.59 11.80 12.95
C TYR D 337 -5.40 10.96 11.98
N GLY D 338 -6.54 11.48 11.54
CA GLY D 338 -7.34 10.73 10.59
C GLY D 338 -6.48 10.41 9.38
N ASP D 339 -5.65 11.37 8.98
CA ASP D 339 -4.79 11.19 7.82
C ASP D 339 -3.74 10.12 8.09
N ALA D 340 -3.17 10.14 9.29
CA ALA D 340 -2.17 9.15 9.68
C ALA D 340 -2.76 7.75 9.67
N HIS D 341 -4.00 7.61 10.17
CA HIS D 341 -4.67 6.32 10.23
C HIS D 341 -4.83 5.69 8.86
N ARG D 342 -5.22 6.50 7.89
CA ARG D 342 -5.45 6.02 6.54
C ARG D 342 -4.20 5.45 5.90
N HIS D 343 -3.04 6.02 6.23
CA HIS D 343 -1.79 5.52 5.70
C HIS D 343 -1.29 4.30 6.49
N ARG D 344 -1.28 4.42 7.80
CA ARG D 344 -0.79 3.36 8.67
C ARG D 344 -1.63 2.09 8.75
N VAL D 345 -2.94 2.23 8.82
CA VAL D 345 -3.83 1.08 8.91
C VAL D 345 -4.63 0.91 7.63
N GLY D 346 -5.31 1.97 7.18
CA GLY D 346 -6.08 1.87 5.96
C GLY D 346 -7.34 2.69 6.01
N ALA D 347 -7.96 2.88 4.85
CA ALA D 347 -9.19 3.64 4.75
C ALA D 347 -10.29 3.05 5.62
N ASN D 348 -10.26 1.73 5.81
CA ASN D 348 -11.29 1.07 6.59
C ASN D 348 -10.88 0.59 7.98
N SER D 349 -9.95 1.31 8.58
CA SER D 349 -9.46 0.96 9.91
C SER D 349 -10.57 0.98 10.97
N HIS D 350 -11.61 1.78 10.74
CA HIS D 350 -12.73 1.88 11.69
C HIS D 350 -13.52 0.59 11.76
N GLN D 351 -13.30 -0.32 10.81
CA GLN D 351 -14.02 -1.58 10.82
C GLN D 351 -13.33 -2.66 11.65
N LEU D 352 -12.09 -2.41 12.07
CA LEU D 352 -11.37 -3.38 12.90
C LEU D 352 -12.03 -3.34 14.29
N PRO D 353 -12.21 -4.52 14.92
CA PRO D 353 -12.83 -4.62 16.23
C PRO D 353 -12.43 -3.55 17.26
N ILE D 354 -11.14 -3.35 17.46
CA ILE D 354 -10.71 -2.36 18.44
C ILE D 354 -11.16 -0.94 18.11
N ASN D 355 -11.39 -0.66 16.84
CA ASN D 355 -11.80 0.68 16.42
C ASN D 355 -13.30 0.86 16.17
N GLN D 356 -14.05 -0.23 16.17
CA GLN D 356 -15.48 -0.17 15.93
C GLN D 356 -16.19 0.67 16.97
N ALA D 357 -17.22 1.39 16.54
CA ALA D 357 -18.00 2.20 17.46
C ALA D 357 -19.03 1.30 18.13
N LYS D 358 -19.41 1.65 19.36
CA LYS D 358 -20.43 0.90 20.07
C LYS D 358 -21.72 1.39 19.43
N ALA D 359 -21.81 2.70 19.27
CA ALA D 359 -22.97 3.34 18.65
C ALA D 359 -23.06 2.96 17.18
N PRO D 360 -24.28 2.89 16.65
CA PRO D 360 -24.44 2.52 15.24
C PRO D 360 -23.72 3.48 14.27
N VAL D 361 -23.18 2.92 13.19
CA VAL D 361 -22.49 3.70 12.16
C VAL D 361 -23.35 3.64 10.89
N ASN D 362 -23.86 4.79 10.48
CA ASN D 362 -24.71 4.86 9.28
C ASN D 362 -24.20 5.96 8.36
N ASN D 363 -23.58 5.52 7.26
CA ASN D 363 -22.93 6.38 6.27
C ASN D 363 -23.28 6.08 4.83
N TYR D 364 -22.66 6.85 3.96
CA TYR D 364 -22.76 6.71 2.52
C TYR D 364 -21.33 6.47 2.05
N GLN D 365 -20.43 6.29 3.01
CA GLN D 365 -19.03 5.99 2.72
C GLN D 365 -18.99 4.55 2.23
N LYS D 366 -18.23 4.28 1.18
CA LYS D 366 -18.19 2.94 0.62
C LYS D 366 -16.82 2.47 0.14
N ASP D 367 -16.74 1.15 -0.04
CA ASP D 367 -15.56 0.49 -0.57
C ASP D 367 -14.24 0.79 0.13
N GLY D 368 -13.16 0.80 -0.66
CA GLY D 368 -11.84 1.03 -0.10
C GLY D 368 -11.22 -0.33 0.19
N ASN D 369 -9.91 -0.35 0.39
CA ASN D 369 -9.19 -1.60 0.64
C ASN D 369 -9.67 -2.37 1.86
N MET D 370 -9.76 -3.69 1.71
CA MET D 370 -10.17 -4.57 2.79
C MET D 370 -11.47 -4.13 3.48
N ARG D 371 -12.49 -3.84 2.68
CA ARG D 371 -13.77 -3.43 3.19
C ARG D 371 -14.49 -4.67 3.70
N PHE D 372 -14.64 -4.79 5.02
CA PHE D 372 -15.28 -5.94 5.63
C PHE D 372 -16.81 -5.88 5.54
N ASN D 373 -17.35 -4.69 5.47
CA ASN D 373 -18.79 -4.54 5.42
C ASN D 373 -19.23 -3.32 4.61
N ASN D 374 -19.91 -3.57 3.50
CA ASN D 374 -20.40 -2.49 2.65
C ASN D 374 -21.91 -2.34 2.77
N GLY D 375 -22.54 -3.29 3.45
CA GLY D 375 -23.98 -3.23 3.63
C GLY D 375 -24.87 -3.83 2.55
N ASN D 376 -26.14 -3.47 2.64
CA ASN D 376 -27.24 -3.94 1.78
C ASN D 376 -27.73 -2.94 0.74
N SER D 377 -27.87 -1.71 1.21
CA SER D 377 -28.42 -0.60 0.44
C SER D 377 -27.91 -0.34 -0.99
N GLU D 378 -28.83 0.09 -1.85
CA GLU D 378 -28.50 0.43 -3.23
C GLU D 378 -28.27 1.94 -3.20
N ILE D 379 -28.65 2.57 -2.09
CA ILE D 379 -28.54 4.02 -1.97
C ILE D 379 -27.32 4.50 -1.22
N ASN D 380 -26.35 4.98 -1.97
CA ASN D 380 -25.09 5.47 -1.42
C ASN D 380 -24.86 6.96 -1.66
N TYR D 381 -25.93 7.73 -1.78
CA TYR D 381 -25.82 9.19 -1.99
C TYR D 381 -26.90 9.89 -1.17
N GLU D 382 -26.66 11.14 -0.79
CA GLU D 382 -27.61 11.94 -0.01
C GLU D 382 -27.41 13.38 -0.50
N PRO D 383 -28.51 14.13 -0.71
CA PRO D 383 -29.93 13.82 -0.51
C PRO D 383 -30.46 12.78 -1.47
N ASN D 384 -31.50 12.07 -1.02
CA ASN D 384 -32.14 11.03 -1.80
C ASN D 384 -33.62 11.01 -1.40
N SER D 385 -34.44 10.28 -2.15
CA SER D 385 -35.86 10.22 -1.87
C SER D 385 -36.28 9.03 -1.01
N TYR D 386 -35.36 8.49 -0.23
CA TYR D 386 -35.66 7.35 0.61
C TYR D 386 -35.56 7.72 2.08
N THR D 387 -36.71 8.01 2.66
CA THR D 387 -36.89 8.42 4.04
C THR D 387 -36.13 7.56 5.07
N GLU D 388 -36.02 6.28 4.76
CA GLU D 388 -35.35 5.29 5.61
C GLU D 388 -33.83 5.47 5.77
N THR D 389 -33.17 6.06 4.77
CA THR D 389 -31.73 6.24 4.82
C THR D 389 -31.24 7.32 5.78
N PRO D 390 -30.00 7.20 6.27
CA PRO D 390 -29.40 8.15 7.22
C PRO D 390 -29.46 9.60 6.80
N LYS D 391 -29.89 10.45 7.72
CA LYS D 391 -30.02 11.87 7.46
C LYS D 391 -29.27 12.66 8.54
N GLU D 392 -28.86 13.87 8.20
CA GLU D 392 -28.14 14.73 9.15
C GLU D 392 -29.03 15.03 10.36
N ASP D 393 -28.38 15.32 11.49
CA ASP D 393 -29.06 15.65 12.74
C ASP D 393 -28.63 17.08 13.09
N PRO D 394 -29.42 18.09 12.65
CA PRO D 394 -29.15 19.51 12.89
C PRO D 394 -28.81 19.79 14.35
N THR D 395 -29.36 18.97 15.23
CA THR D 395 -29.14 19.07 16.66
C THR D 395 -27.66 18.94 17.02
N ALA D 396 -26.91 18.23 16.19
CA ALA D 396 -25.48 18.03 16.45
C ALA D 396 -24.55 19.11 15.91
N LYS D 397 -25.09 20.14 15.27
CA LYS D 397 -24.22 21.20 14.75
C LYS D 397 -23.38 21.78 15.91
N ILE D 398 -22.15 22.18 15.63
CA ILE D 398 -21.31 22.73 16.69
C ILE D 398 -21.77 24.14 17.02
N SER D 399 -21.41 24.64 18.20
CA SER D 399 -21.81 25.98 18.59
C SER D 399 -21.03 26.98 17.77
N SER D 400 -21.73 27.96 17.24
CA SER D 400 -21.10 28.98 16.43
C SER D 400 -20.39 29.98 17.32
N PHE D 401 -19.28 30.52 16.84
CA PHE D 401 -18.54 31.51 17.61
C PHE D 401 -18.05 32.57 16.65
N GLU D 402 -17.81 33.76 17.17
CA GLU D 402 -17.39 34.87 16.32
C GLU D 402 -15.97 34.86 15.81
N VAL D 403 -15.81 35.29 14.57
CA VAL D 403 -14.49 35.35 13.95
C VAL D 403 -14.22 36.85 13.70
N GLU D 404 -12.97 37.25 13.85
CA GLU D 404 -12.60 38.66 13.77
C GLU D 404 -11.30 38.94 13.00
N GLY D 405 -11.17 40.14 12.46
CA GLY D 405 -9.96 40.51 11.75
C GLY D 405 -9.72 39.96 10.36
N ASN D 406 -8.45 39.74 10.02
CA ASN D 406 -8.07 39.24 8.70
C ASN D 406 -7.52 37.83 8.68
N VAL D 407 -7.72 37.18 7.54
CA VAL D 407 -7.17 35.86 7.33
C VAL D 407 -5.67 36.15 7.22
N GLY D 408 -4.84 35.40 7.92
CA GLY D 408 -3.41 35.65 7.84
C GLY D 408 -2.57 34.72 8.70
N ASN D 409 -1.27 34.99 8.70
CA ASN D 409 -0.31 34.21 9.48
C ASN D 409 0.05 34.99 10.72
N TYR D 410 -0.65 34.71 11.82
CA TYR D 410 -0.42 35.41 13.07
C TYR D 410 0.53 34.69 14.01
N SER D 411 1.32 35.46 14.74
CA SER D 411 2.26 34.91 15.70
C SER D 411 1.64 34.99 17.06
N TYR D 412 2.18 34.19 17.96
CA TYR D 412 1.68 34.21 19.30
C TYR D 412 2.54 35.11 20.14
N ASN D 413 2.09 35.20 21.37
CA ASN D 413 2.66 35.93 22.48
C ASN D 413 4.16 35.57 22.64
N GLN D 414 4.91 36.39 23.38
CA GLN D 414 6.33 36.10 23.61
C GLN D 414 6.60 35.77 25.07
N ASP D 415 5.53 35.51 25.81
CA ASP D 415 5.58 35.19 27.23
C ASP D 415 5.97 33.71 27.41
N HIS D 416 7.26 33.42 27.18
CA HIS D 416 7.79 32.06 27.27
C HIS D 416 8.46 31.69 28.58
N PHE D 417 8.63 32.66 29.47
CA PHE D 417 9.37 32.42 30.70
C PHE D 417 8.66 32.33 32.03
N THR D 418 7.61 33.12 32.21
CA THR D 418 6.90 33.16 33.49
C THR D 418 6.49 31.82 34.08
N GLN D 419 5.74 31.01 33.34
CA GLN D 419 5.28 29.74 33.88
C GLN D 419 6.41 28.74 34.11
N ALA D 420 7.45 28.79 33.29
CA ALA D 420 8.57 27.88 33.47
C ALA D 420 9.28 28.26 34.77
N ASN D 421 9.33 29.55 35.06
CA ASN D 421 9.98 30.04 36.27
C ASN D 421 9.18 29.61 37.50
N ALA D 422 7.85 29.72 37.40
CA ALA D 422 6.98 29.32 38.50
C ALA D 422 7.24 27.86 38.85
N LEU D 423 7.36 27.02 37.83
CA LEU D 423 7.61 25.60 38.02
C LEU D 423 8.99 25.40 38.63
N TYR D 424 9.97 26.09 38.07
CA TYR D 424 11.33 26.00 38.59
C TYR D 424 11.38 26.35 40.08
N ASN D 425 10.62 27.36 40.49
CA ASN D 425 10.60 27.76 41.89
C ASN D 425 9.89 26.77 42.81
N LEU D 426 8.99 25.95 42.27
CA LEU D 426 8.26 25.00 43.11
C LEU D 426 8.97 23.67 43.29
N LEU D 427 10.00 23.40 42.49
CA LEU D 427 10.73 22.15 42.61
C LEU D 427 11.61 22.09 43.85
N PRO D 428 11.51 21.00 44.64
CA PRO D 428 12.34 20.87 45.84
C PRO D 428 13.82 20.78 45.43
N SER D 429 14.70 21.24 46.31
CA SER D 429 16.14 21.25 46.03
C SER D 429 16.70 20.00 45.35
N GLU D 430 16.32 18.82 45.85
CA GLU D 430 16.82 17.57 45.28
C GLU D 430 16.37 17.37 43.83
N GLU D 431 15.15 17.79 43.50
CA GLU D 431 14.69 17.64 42.14
C GLU D 431 15.33 18.69 41.23
N LYS D 432 15.65 19.86 41.79
CA LYS D 432 16.29 20.89 40.99
C LYS D 432 17.67 20.43 40.55
N GLU D 433 18.37 19.77 41.45
CA GLU D 433 19.68 19.26 41.13
C GLU D 433 19.58 18.29 39.95
N ASN D 434 18.56 17.43 40.00
CA ASN D 434 18.33 16.46 38.94
C ASN D 434 17.97 17.16 37.63
N LEU D 435 17.12 18.19 37.73
CA LEU D 435 16.71 18.98 36.58
C LEU D 435 17.95 19.53 35.88
N ILE D 436 18.84 20.15 36.66
CA ILE D 436 20.07 20.73 36.12
C ILE D 436 20.98 19.67 35.52
N ASN D 437 21.20 18.58 36.24
CA ASN D 437 22.06 17.52 35.76
C ASN D 437 21.49 16.87 34.50
N ASN D 438 20.18 16.71 34.44
CA ASN D 438 19.56 16.11 33.26
C ASN D 438 19.80 17.01 32.04
N ILE D 439 19.66 18.31 32.22
CA ILE D 439 19.88 19.24 31.13
C ILE D 439 21.36 19.24 30.74
N ALA D 440 22.24 19.34 31.73
CA ALA D 440 23.68 19.37 31.49
C ALA D 440 24.13 18.14 30.69
N ALA D 441 23.67 16.97 31.10
CA ALA D 441 24.04 15.73 30.43
C ALA D 441 23.63 15.75 28.96
N SER D 442 22.53 16.41 28.65
CA SER D 442 22.04 16.48 27.29
C SER D 442 22.64 17.65 26.51
N LEU D 443 22.39 18.86 27.00
CA LEU D 443 22.89 20.07 26.36
C LEU D 443 24.42 20.04 26.29
N GLY D 444 25.03 19.40 27.28
CA GLY D 444 26.48 19.31 27.32
C GLY D 444 27.10 18.53 26.18
N GLN D 445 26.29 17.75 25.46
CA GLN D 445 26.79 16.97 24.34
C GLN D 445 26.85 17.79 23.05
N VAL D 446 26.24 18.98 23.08
CA VAL D 446 26.23 19.84 21.90
C VAL D 446 27.63 20.40 21.64
N LYS D 447 28.00 20.49 20.36
CA LYS D 447 29.31 20.99 19.94
C LYS D 447 29.29 22.47 19.62
N ASN D 448 28.25 22.91 18.92
CA ASN D 448 28.11 24.32 18.54
C ASN D 448 27.93 25.18 19.79
N GLN D 449 28.99 25.86 20.19
CA GLN D 449 28.96 26.71 21.36
C GLN D 449 27.88 27.79 21.25
N GLU D 450 27.56 28.20 20.03
CA GLU D 450 26.54 29.22 19.83
C GLU D 450 25.15 28.71 20.21
N ILE D 451 24.92 27.42 20.03
CA ILE D 451 23.64 26.81 20.39
C ILE D 451 23.53 26.75 21.91
N ILE D 452 24.60 26.30 22.56
CA ILE D 452 24.61 26.20 24.01
C ILE D 452 24.40 27.57 24.66
N ALA D 453 25.09 28.59 24.14
CA ALA D 453 24.96 29.94 24.68
C ALA D 453 23.54 30.48 24.52
N ARG D 454 22.98 30.29 23.32
CA ARG D 454 21.63 30.76 23.06
C ARG D 454 20.66 30.09 24.04
N GLN D 455 20.84 28.79 24.25
CA GLN D 455 19.96 28.05 25.16
C GLN D 455 20.14 28.52 26.59
N ILE D 456 21.39 28.69 27.00
CA ILE D 456 21.66 29.13 28.36
C ILE D 456 21.07 30.52 28.62
N ASP D 457 21.10 31.40 27.62
CA ASP D 457 20.54 32.73 27.78
C ASP D 457 19.03 32.60 27.98
N LEU D 458 18.45 31.59 27.34
CA LEU D 458 17.03 31.31 27.45
C LEU D 458 16.69 30.87 28.89
N PHE D 459 17.47 29.94 29.45
CA PHE D 459 17.23 29.49 30.81
C PHE D 459 17.43 30.65 31.79
N THR D 460 18.46 31.46 31.53
CA THR D 460 18.75 32.61 32.37
C THR D 460 17.53 33.53 32.40
N ARG D 461 16.86 33.66 31.26
CA ARG D 461 15.68 34.51 31.19
C ARG D 461 14.50 33.94 31.96
N VAL D 462 14.52 32.63 32.20
CA VAL D 462 13.46 32.02 32.99
C VAL D 462 13.74 32.39 34.43
N ASN D 463 14.99 32.15 34.84
CA ASN D 463 15.46 32.45 36.18
C ASN D 463 16.99 32.52 36.10
N PRO D 464 17.59 33.58 36.62
CA PRO D 464 19.05 33.75 36.60
C PRO D 464 19.79 32.53 37.15
N GLU D 465 19.27 31.99 38.25
CA GLU D 465 19.86 30.83 38.90
C GLU D 465 19.79 29.60 37.99
N TYR D 466 18.64 29.44 37.32
CA TYR D 466 18.40 28.33 36.42
C TYR D 466 19.54 28.29 35.37
N GLY D 467 19.69 29.39 34.64
CA GLY D 467 20.74 29.46 33.64
C GLY D 467 22.14 29.33 34.20
N ALA D 468 22.39 29.96 35.34
CA ALA D 468 23.70 29.90 35.98
C ALA D 468 24.05 28.45 36.35
N ARG D 469 23.11 27.76 36.99
CA ARG D 469 23.33 26.39 37.40
C ARG D 469 23.60 25.46 36.20
N VAL D 470 22.86 25.67 35.12
CA VAL D 470 23.03 24.85 33.93
C VAL D 470 24.42 25.07 33.33
N ALA D 471 24.80 26.33 33.17
CA ALA D 471 26.11 26.68 32.62
C ALA D 471 27.22 26.10 33.46
N GLN D 472 27.10 26.24 34.77
CA GLN D 472 28.13 25.71 35.63
C GLN D 472 28.23 24.20 35.45
N ALA D 473 27.09 23.52 35.51
CA ALA D 473 27.04 22.06 35.34
C ALA D 473 27.75 21.61 34.08
N ILE D 474 27.56 22.33 32.98
CA ILE D 474 28.19 21.97 31.73
C ILE D 474 29.70 22.18 31.79
N LYS D 475 30.11 23.30 32.37
CA LYS D 475 31.53 23.62 32.48
C LYS D 475 32.27 22.51 33.26
N GLN D 476 31.58 21.92 34.23
CA GLN D 476 32.17 20.86 35.05
C GLN D 476 32.24 19.50 34.35
N GLN D 477 32.25 19.49 33.01
CA GLN D 477 32.36 18.24 32.26
C GLN D 477 33.50 18.35 31.24
#